data_5UW1
#
_entry.id   5UW1
#
_cell.length_a   193.665
_cell.length_b   206.446
_cell.length_c   205.099
_cell.angle_alpha   90.00
_cell.angle_beta   90.00
_cell.angle_gamma   90.00
#
_symmetry.space_group_name_H-M   'I 2 2 2'
#
loop_
_entity.id
_entity.type
_entity.pdbx_description
1 polymer 'Glycogen [starch] synthase isoform 2'
2 non-polymer "GALACTOSE-URIDINE-5'-DIPHOSPHATE"
3 non-polymer 6-O-phosphono-alpha-D-glucopyranose
#
_entity_poly.entity_id   1
_entity_poly.type   'polypeptide(L)'
_entity_poly.pdbx_seq_one_letter_code
;MGSSHHHHHHSSGLVPRGSHMSRDLQNHLLFETATEVANRVGGIYSVLKSKAPITVAQYKDHYHLIGPLNKATYQNEVDI
LDWKKPEAFSDEMRPVQHALQTMESRGVHFVYGRWLIEGAPKVILFDLDSVRGYSNEWKGDLWSLVGIPSPENDFETNDA
ILLGYTVAWFLGEVAHLDSQHAIVAHFHQWLAGVALPLCRKRRIDVVTIFTTHATLLGRYLCASGSFDFYNCLESVDVDH
EAGRFGIYHRYCIERAAAHSADVFTTVSQITAFEAEHLLKRKPDGILPNGLNVIKFQAFHEFQNLHALKKEKINDFVRGH
FHGCFDFDLDNTLYFFIAGRYEYKNKGADMFIEALARLNYRLKVSGSKKTVVAFIVMPAKNNSFTVEALKGQAEVRALEN
TVHEVTTSIGKRIFDHAIRYPHNGLTTELPTDLGELLKSSDKVMLKRRILALRRPEGQLPPIVTHNMVDDANDLILNKIR
QVQLFNSPSDRVKMIFHPEFLNANNPILGLDYDEFVRGCHLGVFPSYYEPWGYTPAECTVMGVPSITTNVSGFGSYMEDL
IETNQAKDYGIYIVDRRFKAPDESVEQLVDYMEEFVKKTRRQRINQRNRTERLSDLLDWKRMGLEYVKARQLALRRGYPD
QFRELVGEELNDSNMDALAGGKKLKVARPLSVPGSPRDLRSNSTVYMTPGDLGTLQEVNNADDYFSLGVNPAADDDDDGP
;
_entity_poly.pdbx_strand_id   A,B,C,D
#
# COMPACT_ATOMS: atom_id res chain seq x y z
N SER A 22 45.16 15.35 55.71
CA SER A 22 45.73 15.75 54.38
C SER A 22 44.63 15.99 53.35
N ARG A 23 44.07 14.90 52.85
CA ARG A 23 43.32 14.90 51.60
C ARG A 23 41.87 15.20 51.88
N ASP A 24 41.14 15.59 50.83
CA ASP A 24 39.71 15.83 50.93
C ASP A 24 38.95 14.57 50.50
N LEU A 25 38.08 14.09 51.39
CA LEU A 25 37.23 12.93 51.15
C LEU A 25 35.92 13.31 50.44
N GLN A 26 35.40 14.49 50.77
CA GLN A 26 34.20 15.05 50.14
C GLN A 26 34.33 15.11 48.62
N ASN A 27 35.43 15.74 48.17
CA ASN A 27 35.74 15.90 46.75
C ASN A 27 36.87 14.94 46.40
N HIS A 28 36.51 13.81 45.80
CA HIS A 28 37.47 12.74 45.51
C HIS A 28 37.37 12.18 44.09
N LEU A 29 38.43 11.49 43.70
CA LEU A 29 38.53 10.90 42.37
C LEU A 29 38.06 9.45 42.37
N LEU A 30 37.33 9.07 41.32
CA LEU A 30 36.98 7.66 41.08
C LEU A 30 37.74 7.18 39.84
N PHE A 31 38.33 5.99 39.92
CA PHE A 31 39.03 5.34 38.82
C PHE A 31 38.57 3.89 38.69
N GLU A 32 37.54 3.67 37.89
CA GLU A 32 36.93 2.34 37.73
C GLU A 32 37.71 1.56 36.70
N THR A 33 38.17 0.35 37.06
CA THR A 33 39.07 -0.44 36.19
C THR A 33 38.45 -1.81 35.88
N ALA A 34 38.65 -2.26 34.64
CA ALA A 34 38.12 -3.54 34.16
C ALA A 34 38.75 -3.93 32.83
N THR A 35 38.75 -5.23 32.53
CA THR A 35 39.15 -5.71 31.20
C THR A 35 38.22 -5.20 30.10
N GLU A 36 36.92 -5.14 30.42
CA GLU A 36 35.83 -5.06 29.43
C GLU A 36 35.32 -3.62 29.20
N VAL A 37 36.22 -2.64 29.13
CA VAL A 37 35.83 -1.24 28.95
C VAL A 37 35.40 -0.98 27.51
N ALA A 38 36.30 -0.52 26.65
CA ALA A 38 35.93 -0.14 25.29
C ALA A 38 35.95 -1.36 24.37
N ASN A 39 35.27 -2.41 24.82
CA ASN A 39 35.12 -3.68 24.10
C ASN A 39 34.19 -4.61 24.90
N ARG A 40 33.15 -5.11 24.24
CA ARG A 40 32.12 -5.95 24.89
C ARG A 40 32.48 -7.43 24.98
N VAL A 41 33.57 -7.74 25.69
CA VAL A 41 34.04 -9.13 25.84
C VAL A 41 33.02 -9.99 26.61
N GLY A 42 32.49 -9.46 27.70
CA GLY A 42 31.54 -10.19 28.53
C GLY A 42 30.63 -9.29 29.32
N GLY A 43 29.68 -9.92 30.00
CA GLY A 43 28.60 -9.24 30.74
C GLY A 43 28.93 -8.12 31.70
N ILE A 44 30.22 -7.89 31.97
CA ILE A 44 30.69 -6.70 32.70
C ILE A 44 30.69 -5.43 31.81
N TYR A 45 30.82 -5.58 30.48
CA TYR A 45 30.70 -4.45 29.55
C TYR A 45 29.39 -3.69 29.71
N SER A 46 28.29 -4.44 29.66
CA SER A 46 26.95 -3.85 29.82
C SER A 46 26.71 -3.24 31.22
N VAL A 47 27.40 -3.77 32.23
CA VAL A 47 27.30 -3.22 33.60
C VAL A 47 27.97 -1.85 33.69
N LEU A 48 29.23 -1.79 33.31
CA LEU A 48 29.94 -0.52 33.24
C LEU A 48 29.22 0.54 32.38
N LYS A 49 28.69 0.10 31.23
CA LYS A 49 28.07 1.00 30.24
C LYS A 49 26.74 1.55 30.72
N SER A 50 25.87 0.68 31.22
CA SER A 50 24.56 1.11 31.70
C SER A 50 24.65 2.01 32.94
N LYS A 51 25.67 1.79 33.76
CA LYS A 51 25.94 2.55 35.00
C LYS A 51 26.64 3.90 34.75
N ALA A 52 27.18 4.11 33.55
CA ALA A 52 27.95 5.31 33.23
C ALA A 52 27.24 6.65 33.46
N PRO A 53 25.92 6.74 33.11
CA PRO A 53 25.22 8.01 33.34
C PRO A 53 25.19 8.45 34.80
N ILE A 54 24.71 7.55 35.66
CA ILE A 54 24.57 7.83 37.10
C ILE A 54 25.94 8.13 37.78
N THR A 55 27.02 7.51 37.33
CA THR A 55 28.36 7.84 37.84
C THR A 55 28.90 9.20 37.33
N VAL A 56 28.71 9.50 36.04
CA VAL A 56 29.11 10.83 35.50
C VAL A 56 28.23 11.94 36.08
N ALA A 57 26.92 11.67 36.16
CA ALA A 57 25.98 12.55 36.83
C ALA A 57 26.38 12.90 38.29
N GLN A 58 27.18 12.05 38.94
CA GLN A 58 27.71 12.31 40.29
C GLN A 58 29.08 12.97 40.28
N TYR A 59 30.01 12.42 39.51
CA TYR A 59 31.43 12.83 39.58
C TYR A 59 31.86 13.81 38.49
N LYS A 60 31.04 14.02 37.45
CA LYS A 60 31.43 14.85 36.30
C LYS A 60 32.88 14.51 35.82
N ASP A 61 33.78 15.50 35.84
CA ASP A 61 35.16 15.32 35.35
C ASP A 61 36.05 14.48 36.25
N HIS A 62 35.61 14.20 37.49
CA HIS A 62 36.43 13.43 38.42
C HIS A 62 36.45 11.91 38.11
N TYR A 63 35.40 11.39 37.48
CA TYR A 63 35.30 9.97 37.14
C TYR A 63 36.11 9.62 35.89
N HIS A 64 36.79 8.47 35.91
CA HIS A 64 37.62 8.02 34.78
C HIS A 64 37.68 6.50 34.68
N LEU A 65 37.08 5.93 33.65
CA LEU A 65 37.23 4.50 33.40
C LEU A 65 38.65 4.14 32.89
N ILE A 66 39.12 2.93 33.19
CA ILE A 66 40.46 2.44 32.79
C ILE A 66 40.40 0.98 32.33
N GLY A 67 41.11 0.67 31.25
CA GLY A 67 41.20 -0.70 30.73
C GLY A 67 42.38 -0.92 29.78
N PRO A 68 42.45 -2.10 29.15
CA PRO A 68 43.41 -2.29 28.07
C PRO A 68 42.90 -1.64 26.80
N LEU A 69 43.81 -1.28 25.89
CA LEU A 69 43.45 -0.74 24.57
C LEU A 69 43.27 -1.90 23.59
N ASN A 70 42.07 -2.01 23.00
CA ASN A 70 41.77 -3.04 22.03
C ASN A 70 41.88 -2.48 20.61
N LYS A 71 43.10 -2.51 20.07
CA LYS A 71 43.42 -2.01 18.72
C LYS A 71 42.38 -2.38 17.66
N ALA A 72 41.88 -3.62 17.73
CA ALA A 72 40.85 -4.12 16.82
C ALA A 72 39.53 -3.35 16.89
N THR A 73 38.89 -3.35 18.06
CA THR A 73 37.51 -2.86 18.21
C THR A 73 37.34 -1.48 18.87
N TYR A 74 38.43 -0.85 19.32
CA TYR A 74 38.33 0.39 20.11
C TYR A 74 37.89 1.62 19.29
N GLN A 75 38.34 1.71 18.03
CA GLN A 75 38.33 2.99 17.31
C GLN A 75 36.94 3.55 16.94
N ASN A 76 35.93 2.68 16.83
CA ASN A 76 34.54 3.13 16.58
C ASN A 76 33.86 3.69 17.84
N GLU A 77 34.03 3.01 18.98
CA GLU A 77 33.37 3.39 20.25
C GLU A 77 33.96 4.62 20.95
N VAL A 78 35.26 4.89 20.77
CA VAL A 78 35.97 5.93 21.50
C VAL A 78 36.34 7.13 20.64
N ASP A 79 35.77 8.28 20.98
CA ASP A 79 36.24 9.57 20.49
C ASP A 79 37.64 9.81 21.08
N ILE A 80 38.66 9.81 20.23
CA ILE A 80 40.07 9.89 20.66
C ILE A 80 40.50 11.38 20.76
N LEU A 81 40.24 12.02 21.91
CA LEU A 81 40.61 13.44 22.12
C LEU A 81 42.08 13.59 22.54
N ASP A 82 42.65 14.75 22.24
CA ASP A 82 44.06 15.02 22.56
C ASP A 82 44.22 15.56 23.98
N TRP A 83 45.09 14.91 24.74
CA TRP A 83 45.32 15.21 26.17
C TRP A 83 46.44 16.22 26.43
N LYS A 84 47.30 16.43 25.44
CA LYS A 84 48.33 17.45 25.52
C LYS A 84 47.75 18.87 25.62
N LYS A 85 46.60 19.12 24.97
CA LYS A 85 45.95 20.43 24.99
C LYS A 85 45.67 20.88 26.42
N PRO A 86 45.88 22.19 26.71
CA PRO A 86 45.54 22.71 28.04
C PRO A 86 44.03 22.82 28.23
N GLU A 87 43.27 23.06 27.14
CA GLU A 87 41.81 23.10 27.18
C GLU A 87 41.26 21.67 27.17
N ALA A 88 41.54 20.93 28.25
CA ALA A 88 41.15 19.52 28.42
C ALA A 88 40.79 19.23 29.88
N PHE A 89 41.77 19.36 30.79
CA PHE A 89 41.56 19.18 32.22
C PHE A 89 41.51 20.52 32.95
N SER A 90 40.70 20.61 34.01
CA SER A 90 40.61 21.83 34.81
C SER A 90 41.89 22.08 35.63
N ASP A 91 41.90 23.17 36.40
CA ASP A 91 43.02 23.51 37.27
C ASP A 91 43.16 22.54 38.45
N GLU A 92 42.04 22.19 39.08
CA GLU A 92 42.07 21.18 40.15
C GLU A 92 42.32 19.75 39.62
N MET A 93 41.85 19.47 38.39
CA MET A 93 42.12 18.18 37.70
C MET A 93 43.40 18.19 36.84
N ARG A 94 44.26 19.18 37.02
CA ARG A 94 45.56 19.24 36.33
C ARG A 94 46.56 18.13 36.72
N PRO A 95 46.53 17.64 37.99
CA PRO A 95 47.42 16.53 38.40
C PRO A 95 47.29 15.22 37.63
N VAL A 96 46.15 14.98 36.98
CA VAL A 96 45.96 13.81 36.13
C VAL A 96 46.71 13.99 34.80
N GLN A 97 46.70 15.20 34.27
CA GLN A 97 47.42 15.55 33.03
C GLN A 97 48.93 15.35 33.19
N HIS A 98 49.47 15.88 34.30
CA HIS A 98 50.88 15.69 34.69
C HIS A 98 51.31 14.22 34.74
N ALA A 99 50.51 13.40 35.43
CA ALA A 99 50.80 11.97 35.60
C ALA A 99 50.73 11.17 34.30
N LEU A 100 49.90 11.61 33.34
CA LEU A 100 49.84 11.01 32.01
C LEU A 100 51.11 11.30 31.19
N GLN A 101 51.60 12.53 31.27
CA GLN A 101 52.88 12.91 30.64
C GLN A 101 54.07 12.22 31.29
N THR A 102 53.95 11.87 32.57
CA THR A 102 54.94 11.03 33.26
C THR A 102 54.95 9.59 32.71
N MET A 103 53.78 9.07 32.31
CA MET A 103 53.69 7.76 31.63
C MET A 103 54.33 7.79 30.24
N GLU A 104 54.30 8.95 29.57
CA GLU A 104 55.10 9.18 28.34
C GLU A 104 56.61 9.13 28.55
N SER A 105 57.07 9.66 29.68
CA SER A 105 58.50 9.76 30.01
C SER A 105 59.24 8.43 30.20
N ARG A 106 58.53 7.34 30.46
CA ARG A 106 59.09 5.98 30.34
C ARG A 106 58.48 5.22 29.15
N GLY A 107 57.97 5.98 28.16
CA GLY A 107 57.56 5.43 26.87
C GLY A 107 56.30 4.61 26.81
N VAL A 108 55.31 4.90 27.65
CA VAL A 108 54.03 4.20 27.63
C VAL A 108 53.04 4.97 26.74
N HIS A 109 52.58 4.33 25.65
CA HIS A 109 51.52 4.87 24.82
C HIS A 109 50.18 4.53 25.48
N PHE A 110 49.21 5.44 25.37
CA PHE A 110 47.87 5.26 25.97
C PHE A 110 46.84 6.16 25.27
N VAL A 111 45.60 5.70 25.18
CA VAL A 111 44.53 6.39 24.46
C VAL A 111 43.54 7.10 25.39
N TYR A 112 43.67 8.42 25.52
CA TYR A 112 42.66 9.23 26.23
C TYR A 112 41.47 9.50 25.31
N GLY A 113 40.29 9.69 25.89
CA GLY A 113 39.07 10.03 25.12
C GLY A 113 37.77 9.76 25.83
N ARG A 114 36.67 10.27 25.26
CA ARG A 114 35.32 9.97 25.76
C ARG A 114 34.82 8.68 25.09
N TRP A 115 34.05 7.91 25.84
CA TRP A 115 33.45 6.66 25.37
C TRP A 115 32.05 7.01 24.82
N LEU A 116 31.79 6.65 23.56
CA LEU A 116 30.52 7.02 22.89
C LEU A 116 29.32 6.18 23.34
N ILE A 117 28.86 6.44 24.56
CA ILE A 117 27.58 5.96 25.09
C ILE A 117 27.03 7.02 26.03
N GLU A 118 25.73 6.95 26.29
CA GLU A 118 25.03 7.90 27.18
C GLU A 118 25.80 8.13 28.48
N GLY A 119 25.96 9.41 28.85
CA GLY A 119 26.86 9.83 29.93
C GLY A 119 28.19 10.40 29.45
N ALA A 120 28.78 9.77 28.44
CA ALA A 120 30.09 10.16 27.91
C ALA A 120 31.16 10.27 29.00
N PRO A 121 31.70 9.11 29.46
CA PRO A 121 32.76 9.05 30.48
C PRO A 121 34.19 9.01 29.90
N LYS A 122 35.06 9.89 30.39
CA LYS A 122 36.43 10.01 29.89
C LYS A 122 37.26 8.75 30.23
N VAL A 123 37.58 7.95 29.21
CA VAL A 123 38.35 6.70 29.38
C VAL A 123 39.88 6.91 29.29
N ILE A 124 40.64 5.91 29.76
CA ILE A 124 42.11 5.87 29.66
C ILE A 124 42.52 4.42 29.34
N LEU A 125 42.80 4.15 28.06
CA LEU A 125 43.08 2.81 27.59
C LEU A 125 44.57 2.61 27.31
N PHE A 126 45.25 1.92 28.22
CA PHE A 126 46.69 1.70 28.12
C PHE A 126 47.02 0.67 27.04
N ASP A 127 48.02 1.00 26.21
CA ASP A 127 48.54 0.11 25.17
C ASP A 127 49.50 -0.88 25.82
N LEU A 128 49.03 -2.13 25.99
CA LEU A 128 49.79 -3.14 26.73
C LEU A 128 51.09 -3.53 26.02
N ASP A 129 51.09 -3.53 24.69
CA ASP A 129 52.31 -3.78 23.88
C ASP A 129 53.48 -2.87 24.26
N SER A 130 53.19 -1.60 24.49
CA SER A 130 54.21 -0.59 24.82
C SER A 130 54.83 -0.71 26.23
N VAL A 131 54.55 -1.81 26.95
CA VAL A 131 55.29 -2.19 28.17
C VAL A 131 55.81 -3.65 28.21
N ARG A 132 55.49 -4.47 27.19
CA ARG A 132 55.71 -5.94 27.25
C ARG A 132 57.15 -6.39 27.43
N GLY A 133 58.10 -5.49 27.19
CA GLY A 133 59.49 -5.71 27.59
C GLY A 133 59.64 -6.00 29.08
N TYR A 134 58.88 -5.27 29.91
CA TYR A 134 58.92 -5.45 31.36
C TYR A 134 58.35 -6.80 31.83
N SER A 135 57.42 -7.36 31.06
CA SER A 135 56.72 -8.63 31.36
C SER A 135 57.43 -9.65 32.26
N ASN A 136 58.66 -10.02 31.88
CA ASN A 136 59.41 -11.07 32.60
C ASN A 136 59.84 -10.64 33.99
N GLU A 137 60.33 -9.40 34.11
CA GLU A 137 60.69 -8.82 35.41
C GLU A 137 59.50 -8.68 36.33
N TRP A 138 58.35 -8.30 35.78
CA TRP A 138 57.13 -8.11 36.57
C TRP A 138 56.53 -9.43 37.08
N LYS A 139 56.50 -10.47 36.25
CA LYS A 139 55.98 -11.78 36.67
C LYS A 139 56.81 -12.37 37.80
N GLY A 140 58.13 -12.11 37.78
CA GLY A 140 59.03 -12.48 38.87
C GLY A 140 58.83 -11.65 40.14
N ASP A 141 58.50 -10.37 39.98
CA ASP A 141 58.08 -9.50 41.11
C ASP A 141 56.78 -10.00 41.76
N LEU A 142 55.86 -10.51 40.92
CA LEU A 142 54.56 -11.01 41.39
C LEU A 142 54.67 -12.35 42.14
N TRP A 143 55.71 -13.14 41.86
CA TRP A 143 56.01 -14.30 42.70
C TRP A 143 56.59 -13.86 44.04
N SER A 144 57.56 -12.94 44.03
CA SER A 144 58.26 -12.52 45.26
C SER A 144 57.40 -11.68 46.21
N LEU A 145 56.53 -10.82 45.67
CA LEU A 145 55.60 -10.04 46.51
C LEU A 145 54.40 -10.87 47.01
N VAL A 146 53.83 -11.68 46.14
CA VAL A 146 52.55 -12.34 46.40
C VAL A 146 52.57 -13.86 46.43
N GLY A 147 53.31 -14.47 45.49
CA GLY A 147 53.38 -15.93 45.36
C GLY A 147 52.70 -16.52 44.12
N ILE A 148 52.25 -15.65 43.20
CA ILE A 148 51.37 -16.03 42.11
C ILE A 148 52.18 -16.54 40.91
N PRO A 149 51.94 -17.79 40.46
CA PRO A 149 52.65 -18.30 39.28
C PRO A 149 52.08 -17.74 37.97
N SER A 150 52.77 -17.99 36.86
CA SER A 150 52.35 -17.50 35.56
C SER A 150 53.02 -18.28 34.42
N PRO A 151 52.43 -19.42 34.03
CA PRO A 151 52.75 -20.06 32.75
C PRO A 151 52.43 -19.12 31.59
N GLU A 152 53.47 -18.75 30.82
CA GLU A 152 53.34 -17.68 29.82
C GLU A 152 52.62 -18.08 28.51
N ASN A 153 52.35 -19.38 28.33
CA ASN A 153 51.44 -19.84 27.26
C ASN A 153 50.00 -19.36 27.45
N ASP A 154 49.62 -19.06 28.70
CA ASP A 154 48.34 -18.41 29.02
C ASP A 154 48.32 -16.97 28.50
N PHE A 155 47.75 -16.79 27.31
CA PHE A 155 47.61 -15.48 26.64
C PHE A 155 47.03 -14.40 27.57
N GLU A 156 45.96 -14.74 28.28
CA GLU A 156 45.16 -13.76 29.05
C GLU A 156 45.82 -13.24 30.32
N THR A 157 46.30 -14.16 31.14
CA THR A 157 46.90 -13.81 32.45
C THR A 157 48.10 -12.88 32.33
N ASN A 158 48.79 -12.95 31.19
CA ASN A 158 49.87 -12.04 30.89
C ASN A 158 49.31 -10.62 30.74
N ASP A 159 48.29 -10.46 29.89
CA ASP A 159 47.60 -9.16 29.71
C ASP A 159 46.99 -8.62 30.99
N ALA A 160 46.53 -9.52 31.86
CA ALA A 160 46.05 -9.15 33.18
C ALA A 160 47.18 -8.55 34.01
N ILE A 161 48.34 -9.20 33.99
CA ILE A 161 49.50 -8.77 34.78
C ILE A 161 50.03 -7.43 34.30
N LEU A 162 50.11 -7.29 32.98
CA LEU A 162 50.61 -6.06 32.37
C LEU A 162 49.68 -4.90 32.68
N LEU A 163 48.38 -5.14 32.57
CA LEU A 163 47.37 -4.15 32.96
C LEU A 163 47.52 -3.79 34.44
N GLY A 164 47.57 -4.81 35.30
CA GLY A 164 47.73 -4.62 36.73
C GLY A 164 48.94 -3.82 37.15
N TYR A 165 50.07 -4.06 36.49
CA TYR A 165 51.31 -3.32 36.78
C TYR A 165 51.36 -1.90 36.21
N THR A 166 50.79 -1.69 35.02
CA THR A 166 50.70 -0.35 34.39
C THR A 166 49.77 0.60 35.18
N VAL A 167 48.65 0.07 35.67
CA VAL A 167 47.65 0.87 36.39
C VAL A 167 48.21 1.36 37.72
N ALA A 168 48.81 0.47 38.50
CA ALA A 168 49.45 0.83 39.79
C ALA A 168 50.63 1.81 39.62
N TRP A 169 51.44 1.57 38.58
CA TRP A 169 52.48 2.49 38.09
C TRP A 169 51.86 3.87 37.80
N PHE A 170 50.69 3.89 37.17
CA PHE A 170 49.93 5.13 36.94
C PHE A 170 49.38 5.73 38.22
N LEU A 171 48.60 4.95 38.98
CA LEU A 171 47.95 5.41 40.22
C LEU A 171 48.91 5.94 41.29
N GLY A 172 50.08 5.29 41.42
CA GLY A 172 51.15 5.79 42.28
C GLY A 172 51.59 7.17 41.86
N GLU A 173 51.76 7.36 40.54
CA GLU A 173 52.11 8.66 39.97
C GLU A 173 51.03 9.72 40.26
N VAL A 174 49.76 9.34 40.16
CA VAL A 174 48.65 10.27 40.44
C VAL A 174 48.58 10.58 41.93
N ALA A 175 48.76 9.58 42.78
CA ALA A 175 48.77 9.77 44.23
C ALA A 175 49.93 10.68 44.67
N HIS A 176 51.06 10.57 43.97
CA HIS A 176 52.25 11.39 44.23
C HIS A 176 52.08 12.87 43.80
N LEU A 177 51.37 13.11 42.71
CA LEU A 177 51.22 14.46 42.11
C LEU A 177 49.94 15.24 42.48
N ASP A 178 48.98 14.58 43.14
CA ASP A 178 47.71 15.19 43.57
C ASP A 178 47.58 15.04 45.08
N SER A 179 47.70 16.15 45.81
CA SER A 179 47.45 16.15 47.26
C SER A 179 46.38 17.19 47.64
N GLN A 180 45.27 17.13 46.91
CA GLN A 180 44.02 17.79 47.30
C GLN A 180 42.94 16.74 47.59
N HIS A 181 42.76 15.83 46.63
CA HIS A 181 41.70 14.85 46.66
C HIS A 181 42.16 13.54 47.28
N ALA A 182 41.19 12.83 47.86
CA ALA A 182 41.31 11.40 48.07
C ALA A 182 41.09 10.71 46.74
N ILE A 183 41.48 9.44 46.65
CA ILE A 183 41.44 8.70 45.40
C ILE A 183 40.86 7.29 45.59
N VAL A 184 39.67 7.05 45.04
CA VAL A 184 39.06 5.74 45.06
C VAL A 184 39.42 5.03 43.77
N ALA A 185 39.83 3.77 43.89
CA ALA A 185 40.13 2.92 42.74
C ALA A 185 39.27 1.67 42.85
N HIS A 186 38.33 1.55 41.92
CA HIS A 186 37.45 0.38 41.83
C HIS A 186 38.06 -0.58 40.81
N PHE A 187 37.94 -1.88 41.07
CA PHE A 187 38.41 -2.91 40.16
C PHE A 187 37.35 -3.99 39.95
N HIS A 188 37.02 -4.25 38.69
CA HIS A 188 35.97 -5.20 38.34
C HIS A 188 36.59 -6.47 37.77
N GLN A 189 36.44 -7.56 38.52
CA GLN A 189 36.87 -8.90 38.12
C GLN A 189 38.39 -9.13 38.19
N TRP A 190 38.77 -10.39 38.42
CA TRP A 190 40.16 -10.80 38.68
C TRP A 190 41.18 -10.36 37.64
N LEU A 191 40.76 -10.34 36.37
CA LEU A 191 41.62 -9.89 35.28
C LEU A 191 42.14 -8.48 35.51
N ALA A 192 41.29 -7.60 36.04
CA ALA A 192 41.68 -6.23 36.36
C ALA A 192 42.60 -6.16 37.59
N GLY A 193 42.30 -6.97 38.60
CA GLY A 193 42.87 -6.81 39.93
C GLY A 193 44.24 -7.39 40.25
N VAL A 194 45.18 -7.30 39.32
CA VAL A 194 46.60 -7.53 39.63
C VAL A 194 47.19 -6.28 40.28
N ALA A 195 46.62 -5.12 39.95
CA ALA A 195 46.96 -3.85 40.59
C ALA A 195 46.59 -3.80 42.07
N LEU A 196 45.64 -4.63 42.48
CA LEU A 196 45.14 -4.61 43.86
C LEU A 196 46.16 -5.04 44.92
N PRO A 197 46.85 -6.17 44.71
CA PRO A 197 48.01 -6.51 45.56
C PRO A 197 49.10 -5.44 45.57
N LEU A 198 49.36 -4.80 44.43
CA LEU A 198 50.45 -3.81 44.30
C LEU A 198 50.17 -2.53 45.09
N CYS A 199 48.95 -2.01 45.01
CA CYS A 199 48.55 -0.88 45.83
C CYS A 199 48.68 -1.19 47.33
N ARG A 200 48.34 -2.42 47.72
CA ARG A 200 48.39 -2.82 49.13
C ARG A 200 49.83 -2.99 49.64
N LYS A 201 50.67 -3.73 48.90
CA LYS A 201 52.06 -3.96 49.30
C LYS A 201 52.93 -2.70 49.15
N ARG A 202 52.69 -1.93 48.09
CA ARG A 202 53.43 -0.67 47.85
C ARG A 202 52.94 0.53 48.68
N ARG A 203 52.02 0.31 49.64
CA ARG A 203 51.48 1.37 50.50
C ARG A 203 51.03 2.65 49.73
N ILE A 204 50.52 2.49 48.49
CA ILE A 204 50.18 3.59 47.56
C ILE A 204 48.95 4.30 48.09
N ASP A 205 48.88 5.63 48.03
CA ASP A 205 47.83 6.37 48.78
C ASP A 205 46.44 6.47 48.07
N VAL A 206 45.87 5.32 47.72
CA VAL A 206 44.49 5.22 47.23
C VAL A 206 43.71 4.23 48.07
N VAL A 207 42.39 4.37 48.05
CA VAL A 207 41.51 3.37 48.62
C VAL A 207 41.01 2.50 47.45
N THR A 208 40.70 1.25 47.78
CA THR A 208 40.49 0.22 46.77
C THR A 208 39.22 -0.60 47.03
N ILE A 209 38.41 -0.74 46.00
CA ILE A 209 37.29 -1.65 46.04
C ILE A 209 37.51 -2.69 44.97
N PHE A 210 37.21 -3.94 45.32
CA PHE A 210 37.18 -5.00 44.34
C PHE A 210 35.77 -5.55 44.29
N THR A 211 35.22 -5.65 43.08
CA THR A 211 33.99 -6.39 42.90
C THR A 211 34.26 -7.54 42.00
N THR A 212 33.80 -8.71 42.41
CA THR A 212 33.87 -9.93 41.59
C THR A 212 32.46 -10.32 41.14
N HIS A 213 32.28 -10.43 39.81
CA HIS A 213 30.99 -10.79 39.18
C HIS A 213 30.92 -12.29 38.90
N ALA A 214 31.95 -13.02 39.30
CA ALA A 214 31.93 -14.48 39.37
C ALA A 214 33.15 -14.94 40.18
N THR A 215 33.12 -16.17 40.70
CA THR A 215 34.35 -16.82 41.13
C THR A 215 34.79 -17.73 40.00
N LEU A 216 36.09 -18.00 39.94
CA LEU A 216 36.62 -18.91 38.94
C LEU A 216 36.17 -20.33 39.25
N LEU A 217 36.35 -20.76 40.49
CA LEU A 217 35.96 -22.12 40.91
C LEU A 217 34.47 -22.44 40.82
N GLY A 218 33.60 -21.43 40.95
CA GLY A 218 32.15 -21.62 40.89
C GLY A 218 31.59 -22.08 39.55
N ARG A 219 32.07 -21.48 38.46
CA ARG A 219 31.64 -21.82 37.09
C ARG A 219 32.10 -23.21 36.67
N TYR A 220 33.34 -23.55 37.02
CA TYR A 220 33.96 -24.84 36.66
C TYR A 220 33.38 -26.02 37.42
N LEU A 221 33.22 -25.88 38.73
CA LEU A 221 32.58 -26.90 39.55
C LEU A 221 31.11 -27.17 39.15
N CYS A 222 30.40 -26.14 38.68
CA CYS A 222 28.97 -26.22 38.30
C CYS A 222 28.70 -26.76 36.88
N ALA A 223 29.68 -26.58 35.96
CA ALA A 223 29.62 -27.15 34.60
C ALA A 223 29.81 -28.67 34.55
N SER A 224 30.37 -29.24 35.63
CA SER A 224 30.53 -30.71 35.81
C SER A 224 29.25 -31.49 35.55
N GLY A 225 28.12 -30.98 36.05
CA GLY A 225 26.81 -31.62 35.86
C GLY A 225 26.21 -32.13 37.17
N SER A 226 26.98 -32.94 37.91
CA SER A 226 26.51 -33.60 39.13
C SER A 226 26.97 -32.94 40.42
N PHE A 227 28.28 -32.67 40.52
CA PHE A 227 28.92 -32.11 41.73
C PHE A 227 28.05 -31.05 42.42
N ASP A 228 27.37 -31.44 43.50
CA ASP A 228 26.49 -30.53 44.25
C ASP A 228 27.30 -29.36 44.83
N PHE A 229 27.06 -28.17 44.27
CA PHE A 229 27.79 -26.96 44.60
C PHE A 229 27.24 -26.29 45.85
N TYR A 230 25.97 -25.93 45.81
CA TYR A 230 25.40 -24.99 46.78
C TYR A 230 25.23 -25.53 48.22
N ASN A 231 25.28 -26.85 48.40
CA ASN A 231 25.25 -27.46 49.74
C ASN A 231 26.65 -27.79 50.25
N CYS A 232 27.33 -28.71 49.57
CA CYS A 232 28.67 -29.10 49.96
C CYS A 232 29.71 -28.34 49.14
N LEU A 233 29.75 -27.02 49.33
CA LEU A 233 30.95 -26.23 49.02
C LEU A 233 31.66 -25.83 50.29
N GLU A 234 30.96 -25.89 51.43
CA GLU A 234 31.62 -25.88 52.75
C GLU A 234 32.80 -26.88 52.79
N SER A 235 32.65 -27.99 52.07
CA SER A 235 33.68 -29.02 51.92
C SER A 235 34.33 -29.15 50.52
N VAL A 236 35.10 -28.15 50.10
CA VAL A 236 35.89 -28.28 48.85
C VAL A 236 37.34 -27.90 49.08
N ASP A 237 38.23 -28.75 48.57
CA ASP A 237 39.65 -28.46 48.62
C ASP A 237 39.92 -27.48 47.49
N VAL A 238 39.95 -26.20 47.86
CA VAL A 238 40.14 -25.10 46.92
C VAL A 238 41.41 -25.21 46.07
N ASP A 239 42.53 -25.59 46.68
CA ASP A 239 43.81 -25.67 45.98
C ASP A 239 43.87 -26.90 45.03
N HIS A 240 43.29 -28.02 45.47
CA HIS A 240 43.20 -29.24 44.64
C HIS A 240 42.22 -29.09 43.49
N GLU A 241 41.02 -28.58 43.79
CA GLU A 241 39.96 -28.39 42.80
C GLU A 241 40.37 -27.38 41.71
N ALA A 242 41.06 -26.30 42.13
CA ALA A 242 41.64 -25.31 41.21
C ALA A 242 42.68 -25.96 40.30
N GLY A 243 43.63 -26.65 40.93
CA GLY A 243 44.67 -27.38 40.23
C GLY A 243 44.20 -28.43 39.24
N ARG A 244 43.10 -29.11 39.54
CA ARG A 244 42.56 -30.14 38.64
C ARG A 244 41.94 -29.56 37.37
N PHE A 245 41.20 -28.46 37.50
CA PHE A 245 40.68 -27.73 36.33
C PHE A 245 41.77 -26.89 35.64
N GLY A 246 42.91 -26.69 36.31
CA GLY A 246 44.07 -26.03 35.71
C GLY A 246 43.95 -24.52 35.69
N ILE A 247 43.49 -23.98 36.82
CA ILE A 247 43.24 -22.52 36.96
C ILE A 247 43.80 -22.03 38.31
N TYR A 248 44.86 -22.69 38.78
CA TYR A 248 45.48 -22.33 40.04
C TYR A 248 46.16 -20.96 39.90
N HIS A 249 46.92 -20.77 38.83
CA HIS A 249 47.58 -19.49 38.56
C HIS A 249 46.62 -18.29 38.45
N ARG A 250 45.36 -18.55 38.05
CA ARG A 250 44.31 -17.53 37.93
C ARG A 250 43.53 -17.30 39.24
N TYR A 251 43.16 -18.39 39.91
CA TYR A 251 42.60 -18.37 41.27
C TYR A 251 43.47 -17.63 42.31
N CYS A 252 44.78 -17.64 42.10
CA CYS A 252 45.72 -16.88 42.94
C CYS A 252 45.60 -15.36 42.75
N ILE A 253 45.32 -14.93 41.52
CA ILE A 253 45.07 -13.52 41.23
C ILE A 253 43.75 -13.07 41.85
N GLU A 254 42.72 -13.93 41.71
CA GLU A 254 41.36 -13.64 42.21
C GLU A 254 41.30 -13.47 43.73
N ARG A 255 41.79 -14.48 44.46
CA ARG A 255 41.84 -14.45 45.93
C ARG A 255 42.72 -13.32 46.43
N ALA A 256 43.78 -13.02 45.68
CA ALA A 256 44.64 -11.87 45.98
C ALA A 256 43.86 -10.57 45.92
N ALA A 257 43.21 -10.32 44.78
CA ALA A 257 42.38 -9.11 44.58
C ALA A 257 41.34 -8.94 45.66
N ALA A 258 40.67 -10.04 46.00
CA ALA A 258 39.69 -10.07 47.06
C ALA A 258 40.28 -9.59 48.39
N HIS A 259 41.40 -10.20 48.80
CA HIS A 259 42.02 -9.93 50.11
C HIS A 259 42.78 -8.59 50.18
N SER A 260 43.42 -8.18 49.08
CA SER A 260 44.15 -6.90 49.03
C SER A 260 43.22 -5.69 49.21
N ALA A 261 42.07 -5.74 48.55
CA ALA A 261 41.15 -4.60 48.46
C ALA A 261 40.59 -4.13 49.82
N ASP A 262 40.57 -2.81 50.03
CA ASP A 262 40.02 -2.24 51.25
C ASP A 262 38.62 -2.75 51.43
N VAL A 263 37.82 -2.67 50.36
CA VAL A 263 36.45 -3.23 50.31
C VAL A 263 36.30 -4.36 49.26
N PHE A 264 35.68 -5.46 49.68
CA PHE A 264 35.43 -6.62 48.82
C PHE A 264 33.92 -6.86 48.70
N THR A 265 33.45 -6.95 47.44
CA THR A 265 32.04 -6.92 47.08
C THR A 265 31.75 -7.90 45.96
N THR A 266 30.54 -8.44 45.95
CA THR A 266 30.02 -9.24 44.82
C THR A 266 28.78 -8.56 44.25
N VAL A 267 28.18 -9.21 43.26
CA VAL A 267 26.97 -8.71 42.63
C VAL A 267 25.68 -9.32 43.15
N SER A 268 25.75 -10.23 44.10
CA SER A 268 24.52 -10.84 44.60
C SER A 268 24.76 -11.53 45.89
N GLN A 269 23.67 -11.85 46.58
CA GLN A 269 23.77 -12.56 47.83
C GLN A 269 24.21 -13.99 47.63
N ILE A 270 23.84 -14.59 46.51
CA ILE A 270 24.20 -15.96 46.22
C ILE A 270 25.69 -16.06 45.88
N THR A 271 26.21 -15.08 45.16
CA THR A 271 27.63 -15.01 44.86
C THR A 271 28.45 -14.57 46.08
N ALA A 272 27.86 -13.78 46.96
CA ALA A 272 28.53 -13.41 48.21
C ALA A 272 28.78 -14.63 49.07
N PHE A 273 27.74 -15.43 49.26
CA PHE A 273 27.83 -16.68 50.03
C PHE A 273 28.83 -17.60 49.38
N GLU A 274 28.79 -17.68 48.07
CA GLU A 274 29.75 -18.43 47.30
C GLU A 274 31.17 -17.99 47.58
N ALA A 275 31.44 -16.70 47.48
CA ALA A 275 32.82 -16.18 47.55
C ALA A 275 33.39 -16.18 48.97
N GLU A 276 32.55 -16.26 49.99
CA GLU A 276 33.03 -16.40 51.35
C GLU A 276 33.84 -17.68 51.39
N HIS A 277 33.22 -18.78 50.98
CA HIS A 277 33.84 -20.08 51.09
C HIS A 277 34.97 -20.32 50.09
N LEU A 278 34.82 -19.84 48.86
CA LEU A 278 35.80 -20.13 47.80
C LEU A 278 36.95 -19.13 47.70
N LEU A 279 36.77 -17.88 48.09
CA LEU A 279 37.88 -16.91 48.15
C LEU A 279 38.28 -16.57 49.57
N LYS A 280 37.65 -17.23 50.55
CA LYS A 280 38.05 -17.12 51.96
C LYS A 280 37.90 -15.71 52.56
N ARG A 281 36.90 -14.96 52.09
CA ARG A 281 36.56 -13.61 52.63
C ARG A 281 35.08 -13.30 52.47
N LYS A 282 34.39 -13.07 53.59
CA LYS A 282 33.01 -12.64 53.55
C LYS A 282 33.03 -11.24 52.95
N PRO A 283 32.13 -10.97 51.97
CA PRO A 283 32.14 -9.64 51.34
C PRO A 283 31.45 -8.56 52.16
N ASP A 284 31.92 -7.33 52.00
CA ASP A 284 31.43 -6.19 52.78
C ASP A 284 30.09 -5.72 52.29
N GLY A 285 29.71 -6.08 51.06
CA GLY A 285 28.33 -5.97 50.62
C GLY A 285 28.13 -6.31 49.17
N ILE A 286 26.89 -6.20 48.73
CA ILE A 286 26.50 -6.45 47.34
C ILE A 286 26.28 -5.19 46.48
N LEU A 287 26.72 -5.30 45.22
CA LEU A 287 26.60 -4.29 44.20
C LEU A 287 25.81 -4.87 43.04
N PRO A 288 24.49 -5.04 43.23
CA PRO A 288 23.68 -5.68 42.20
C PRO A 288 23.57 -4.79 40.97
N ASN A 289 23.33 -5.38 39.80
CA ASN A 289 23.42 -4.66 38.52
C ASN A 289 22.11 -4.01 38.03
N GLY A 290 22.04 -2.69 38.13
CA GLY A 290 20.98 -1.93 37.48
C GLY A 290 21.07 -1.87 35.96
N LEU A 291 20.04 -1.26 35.37
CA LEU A 291 19.96 -1.00 33.93
C LEU A 291 19.54 0.46 33.70
N ASN A 292 19.74 0.96 32.47
CA ASN A 292 19.14 2.23 32.00
C ASN A 292 17.69 1.99 31.58
N VAL A 293 16.77 2.19 32.52
CA VAL A 293 15.37 1.87 32.30
C VAL A 293 14.72 2.92 31.38
N ILE A 294 14.66 2.59 30.09
CA ILE A 294 14.10 3.46 29.03
C ILE A 294 12.56 3.52 29.16
N LYS A 295 12.03 4.54 29.84
CA LYS A 295 10.57 4.69 30.00
C LYS A 295 9.89 5.36 28.80
N PHE A 296 8.57 5.23 28.68
CA PHE A 296 7.82 5.78 27.53
C PHE A 296 6.93 6.96 27.91
N GLN A 297 6.57 7.76 26.92
CA GLN A 297 5.62 8.88 27.08
C GLN A 297 4.33 8.42 27.76
N ALA A 298 3.85 7.27 27.34
CA ALA A 298 2.65 6.67 27.91
C ALA A 298 2.98 5.25 28.27
N PHE A 299 2.57 4.86 29.47
CA PHE A 299 2.91 3.57 30.08
C PHE A 299 2.55 2.42 29.15
N HIS A 300 1.27 2.31 28.79
CA HIS A 300 0.80 1.27 27.87
C HIS A 300 1.48 1.15 26.49
N GLU A 301 2.31 2.11 26.07
CA GLU A 301 3.06 1.94 24.81
C GLU A 301 3.78 0.59 24.72
N PHE A 302 4.49 0.20 25.78
CA PHE A 302 5.21 -1.11 25.83
C PHE A 302 4.31 -2.29 25.40
N GLN A 303 3.05 -2.23 25.81
CA GLN A 303 2.06 -3.26 25.53
C GLN A 303 1.76 -3.35 24.04
N ASN A 304 1.65 -2.20 23.41
CA ASN A 304 1.47 -2.10 21.99
C ASN A 304 2.64 -2.71 21.24
N LEU A 305 3.86 -2.40 21.69
CA LEU A 305 5.07 -2.99 21.09
C LEU A 305 5.05 -4.49 21.13
N HIS A 306 4.60 -5.06 22.24
CA HIS A 306 4.49 -6.52 22.37
C HIS A 306 3.68 -7.09 21.23
N ALA A 307 2.48 -6.55 21.00
CA ALA A 307 1.62 -7.06 19.92
C ALA A 307 2.25 -6.96 18.53
N LEU A 308 2.96 -5.86 18.33
CA LEU A 308 3.54 -5.47 17.06
C LEU A 308 4.74 -6.34 16.74
N LYS A 309 5.53 -6.67 17.76
CA LYS A 309 6.65 -7.59 17.60
C LYS A 309 6.19 -9.04 17.54
N LYS A 310 5.21 -9.38 18.35
CA LYS A 310 4.59 -10.71 18.32
C LYS A 310 4.12 -11.07 16.91
N GLU A 311 3.58 -10.08 16.20
CA GLU A 311 3.26 -10.28 14.81
C GLU A 311 4.48 -10.73 14.03
N LYS A 312 5.61 -10.05 14.19
CA LYS A 312 6.83 -10.41 13.47
C LYS A 312 7.32 -11.83 13.77
N ILE A 313 7.12 -12.29 15.01
CA ILE A 313 7.36 -13.69 15.37
C ILE A 313 6.32 -14.62 14.73
N ASN A 314 5.06 -14.19 14.68
CA ASN A 314 4.01 -14.98 14.02
C ASN A 314 4.31 -15.24 12.53
N ASP A 315 4.88 -14.25 11.84
CA ASP A 315 5.25 -14.43 10.42
C ASP A 315 6.33 -15.46 10.25
N PHE A 316 7.27 -15.48 11.19
CA PHE A 316 8.33 -16.48 11.17
C PHE A 316 7.78 -17.87 11.37
N VAL A 317 6.97 -18.02 12.42
CA VAL A 317 6.38 -19.31 12.79
C VAL A 317 5.53 -19.87 11.64
N ARG A 318 4.75 -19.02 10.98
CA ARG A 318 3.97 -19.47 9.84
C ARG A 318 4.90 -20.03 8.76
N GLY A 319 5.99 -19.33 8.51
CA GLY A 319 7.05 -19.84 7.65
C GLY A 319 7.51 -21.19 8.15
N HIS A 320 8.01 -21.20 9.36
CA HIS A 320 8.61 -22.41 9.89
C HIS A 320 7.72 -23.63 9.81
N PHE A 321 6.43 -23.45 10.09
CA PHE A 321 5.48 -24.56 10.13
C PHE A 321 4.72 -24.74 8.84
N HIS A 322 5.25 -24.20 7.73
CA HIS A 322 4.53 -24.26 6.45
C HIS A 322 4.25 -25.69 6.11
N GLY A 323 2.98 -25.98 5.81
CA GLY A 323 2.57 -27.34 5.53
C GLY A 323 1.93 -27.99 6.73
N CYS A 324 2.67 -28.06 7.86
CA CYS A 324 2.22 -28.81 9.05
C CYS A 324 1.52 -27.91 10.11
N PHE A 325 0.88 -26.82 9.64
CA PHE A 325 0.36 -25.72 10.48
C PHE A 325 -1.08 -26.00 10.94
N ASP A 326 -1.24 -26.44 12.17
CA ASP A 326 -2.50 -26.97 12.66
C ASP A 326 -2.99 -26.33 13.97
N PHE A 327 -2.45 -25.16 14.32
CA PHE A 327 -2.83 -24.46 15.56
C PHE A 327 -3.11 -22.99 15.31
N ASP A 328 -3.73 -22.36 16.28
CA ASP A 328 -4.18 -20.96 16.19
C ASP A 328 -3.22 -20.00 16.92
N LEU A 329 -2.50 -19.14 16.19
CA LEU A 329 -1.50 -18.26 16.80
C LEU A 329 -2.06 -17.22 17.80
N ASP A 330 -3.38 -17.10 17.80
CA ASP A 330 -4.11 -16.30 18.74
C ASP A 330 -4.28 -17.03 20.08
N ASN A 331 -4.06 -18.34 20.09
CA ASN A 331 -4.08 -19.13 21.29
C ASN A 331 -2.76 -19.94 21.42
N THR A 332 -1.66 -19.23 21.13
CA THR A 332 -0.32 -19.77 21.13
C THR A 332 0.55 -18.85 21.97
N LEU A 333 1.45 -19.42 22.76
CA LEU A 333 2.34 -18.64 23.61
C LEU A 333 3.78 -18.88 23.21
N TYR A 334 4.63 -17.88 23.42
CA TYR A 334 6.02 -17.92 23.00
C TYR A 334 6.94 -17.87 24.22
N PHE A 335 7.46 -19.04 24.61
CA PHE A 335 8.48 -19.15 25.65
C PHE A 335 9.83 -19.09 24.99
N PHE A 336 10.83 -18.55 25.68
CA PHE A 336 12.18 -18.57 25.13
C PHE A 336 13.23 -18.63 26.21
N ILE A 337 14.37 -19.22 25.88
CA ILE A 337 15.56 -19.18 26.72
C ILE A 337 16.61 -18.55 25.83
N ALA A 338 17.59 -17.88 26.42
CA ALA A 338 18.55 -17.16 25.60
C ALA A 338 19.92 -17.01 26.24
N GLY A 339 20.93 -16.81 25.40
CA GLY A 339 22.26 -16.37 25.85
C GLY A 339 23.38 -17.37 25.67
N ARG A 340 24.61 -16.93 26.00
CA ARG A 340 25.84 -17.73 25.91
C ARG A 340 25.56 -19.19 26.13
N TYR A 341 26.01 -20.02 25.18
CA TYR A 341 25.70 -21.45 25.15
C TYR A 341 26.49 -22.21 26.26
N GLU A 342 25.86 -22.31 27.43
CA GLU A 342 26.35 -23.14 28.50
C GLU A 342 25.21 -24.05 28.87
N TYR A 343 25.22 -25.24 28.26
CA TYR A 343 24.14 -26.23 28.39
C TYR A 343 23.66 -26.44 29.83
N LYS A 344 24.62 -26.55 30.74
CA LYS A 344 24.37 -26.97 32.10
C LYS A 344 24.11 -25.80 33.03
N ASN A 345 24.94 -24.77 32.89
CA ASN A 345 24.86 -23.61 33.76
C ASN A 345 23.63 -22.76 33.51
N LYS A 346 23.33 -22.45 32.25
CA LYS A 346 22.18 -21.59 31.85
C LYS A 346 20.81 -22.24 32.04
N GLY A 347 20.77 -23.56 32.11
CA GLY A 347 19.55 -24.31 32.46
C GLY A 347 18.81 -24.91 31.29
N ALA A 348 19.49 -25.11 30.17
CA ALA A 348 18.87 -25.65 28.96
C ALA A 348 18.49 -27.12 29.14
N ASP A 349 19.30 -27.88 29.88
CA ASP A 349 18.91 -29.24 30.24
C ASP A 349 17.53 -29.26 30.89
N MET A 350 17.35 -28.44 31.93
CA MET A 350 16.10 -28.40 32.70
C MET A 350 14.95 -27.88 31.86
N PHE A 351 15.23 -26.83 31.09
CA PHE A 351 14.25 -26.21 30.22
C PHE A 351 13.64 -27.24 29.27
N ILE A 352 14.48 -27.93 28.52
CA ILE A 352 13.99 -28.85 27.49
C ILE A 352 13.22 -30.01 28.12
N GLU A 353 13.74 -30.55 29.23
CA GLU A 353 13.05 -31.59 30.00
C GLU A 353 11.70 -31.08 30.48
N ALA A 354 11.70 -29.98 31.25
CA ALA A 354 10.46 -29.38 31.75
C ALA A 354 9.42 -29.27 30.65
N LEU A 355 9.83 -28.78 29.47
CA LEU A 355 8.93 -28.60 28.33
C LEU A 355 8.33 -29.92 27.85
N ALA A 356 9.15 -30.97 27.82
CA ALA A 356 8.64 -32.30 27.45
C ALA A 356 7.59 -32.80 28.44
N ARG A 357 7.76 -32.44 29.72
CA ARG A 357 6.81 -32.82 30.77
C ARG A 357 5.56 -31.99 30.69
N LEU A 358 5.72 -30.73 30.33
CA LEU A 358 4.59 -29.84 30.10
C LEU A 358 3.77 -30.38 28.95
N ASN A 359 4.46 -30.79 27.88
CA ASN A 359 3.81 -31.35 26.71
C ASN A 359 2.89 -32.52 27.07
N TYR A 360 3.37 -33.38 27.97
CA TYR A 360 2.55 -34.45 28.53
C TYR A 360 1.35 -33.89 29.30
N ARG A 361 1.60 -32.98 30.23
CA ARG A 361 0.54 -32.44 31.08
C ARG A 361 -0.60 -31.84 30.27
N LEU A 362 -0.26 -31.13 29.21
CA LEU A 362 -1.26 -30.44 28.38
C LEU A 362 -2.10 -31.45 27.60
N LYS A 363 -1.44 -32.44 26.99
CA LYS A 363 -2.14 -33.50 26.25
C LYS A 363 -3.14 -34.19 27.18
N VAL A 364 -2.67 -34.56 28.36
CA VAL A 364 -3.51 -35.13 29.44
C VAL A 364 -4.68 -34.21 29.76
N SER A 365 -4.39 -33.00 30.21
CA SER A 365 -5.44 -32.06 30.63
C SER A 365 -6.34 -31.63 29.48
N GLY A 366 -5.91 -31.90 28.24
CA GLY A 366 -6.71 -31.67 27.04
C GLY A 366 -6.76 -30.20 26.68
N SER A 367 -5.61 -29.54 26.74
CA SER A 367 -5.57 -28.09 26.62
C SER A 367 -5.63 -27.70 25.17
N LYS A 368 -6.40 -26.64 24.89
CA LYS A 368 -6.48 -26.08 23.56
C LYS A 368 -5.22 -25.24 23.21
N LYS A 369 -4.43 -24.88 24.23
CA LYS A 369 -3.23 -24.04 24.03
C LYS A 369 -2.08 -24.71 23.27
N THR A 370 -1.15 -23.87 22.81
CA THR A 370 0.03 -24.28 22.07
C THR A 370 1.22 -23.46 22.56
N VAL A 371 2.36 -24.09 22.79
CA VAL A 371 3.58 -23.38 23.18
C VAL A 371 4.62 -23.57 22.09
N VAL A 372 5.26 -22.47 21.68
CA VAL A 372 6.41 -22.50 20.78
C VAL A 372 7.61 -22.01 21.59
N ALA A 373 8.52 -22.92 21.94
CA ALA A 373 9.65 -22.62 22.80
C ALA A 373 10.93 -22.35 22.01
N PHE A 374 11.46 -21.14 22.15
CA PHE A 374 12.62 -20.72 21.38
C PHE A 374 13.87 -20.89 22.20
N ILE A 375 14.95 -21.33 21.56
CA ILE A 375 16.24 -21.43 22.21
C ILE A 375 17.24 -20.61 21.41
N VAL A 376 17.73 -19.54 22.03
CA VAL A 376 18.67 -18.63 21.37
C VAL A 376 20.04 -18.69 22.04
N MET A 377 20.84 -19.66 21.58
CA MET A 377 22.18 -19.94 22.11
C MET A 377 23.15 -20.15 20.97
N PRO A 378 24.12 -19.23 20.78
CA PRO A 378 24.98 -19.32 19.58
C PRO A 378 25.91 -20.54 19.62
N ALA A 379 25.93 -21.30 18.52
CA ALA A 379 26.65 -22.56 18.41
C ALA A 379 27.35 -22.64 17.06
N LYS A 380 28.37 -23.49 16.94
CA LYS A 380 29.11 -23.63 15.68
C LYS A 380 28.11 -23.97 14.56
N ASN A 381 28.06 -23.20 13.50
CA ASN A 381 27.09 -23.48 12.42
C ASN A 381 27.53 -23.00 11.05
N ASN A 382 26.86 -23.49 10.00
CA ASN A 382 27.11 -23.03 8.60
C ASN A 382 25.89 -22.28 8.06
N SER A 383 25.43 -21.31 8.85
CA SER A 383 24.30 -20.43 8.51
C SER A 383 22.95 -21.19 8.52
N PHE A 384 21.97 -20.65 7.81
CA PHE A 384 20.60 -21.17 7.85
C PHE A 384 20.41 -22.41 6.98
N THR A 385 19.38 -23.20 7.34
CA THR A 385 18.90 -24.26 6.50
C THR A 385 18.26 -23.60 5.29
N VAL A 386 18.26 -24.30 4.17
CA VAL A 386 17.50 -23.86 3.01
C VAL A 386 16.00 -23.93 3.36
N GLU A 387 15.56 -24.95 4.09
CA GLU A 387 14.13 -25.15 4.37
C GLU A 387 13.44 -24.03 5.19
N ALA A 388 14.19 -23.38 6.09
CA ALA A 388 13.69 -22.21 6.83
C ALA A 388 13.62 -21.01 5.91
N LEU A 389 14.73 -20.77 5.22
CA LEU A 389 14.90 -19.65 4.28
C LEU A 389 13.94 -19.70 3.08
N LYS A 390 13.70 -20.92 2.57
CA LYS A 390 12.84 -21.14 1.40
C LYS A 390 11.37 -21.06 1.77
N GLY A 391 11.03 -21.58 2.93
CA GLY A 391 9.67 -21.48 3.45
C GLY A 391 9.24 -20.06 3.73
N GLN A 392 10.16 -19.21 4.17
CA GLN A 392 9.86 -17.80 4.39
C GLN A 392 9.40 -17.19 3.10
N ALA A 393 10.12 -17.49 2.03
CA ALA A 393 9.78 -16.96 0.69
C ALA A 393 8.47 -17.51 0.18
N GLU A 394 8.23 -18.79 0.40
CA GLU A 394 7.00 -19.45 0.00
C GLU A 394 5.79 -18.91 0.75
N VAL A 395 5.95 -18.53 2.01
CA VAL A 395 4.86 -17.89 2.77
C VAL A 395 4.58 -16.45 2.27
N ARG A 396 5.60 -15.76 1.78
CA ARG A 396 5.41 -14.39 1.26
C ARG A 396 4.84 -14.40 -0.10
N ALA A 397 5.19 -15.43 -0.88
CA ALA A 397 4.59 -15.63 -2.20
C ALA A 397 3.06 -15.67 -2.08
N LEU A 398 2.58 -16.47 -1.13
CA LEU A 398 1.16 -16.53 -0.77
C LEU A 398 0.62 -15.17 -0.26
N GLU A 399 1.30 -14.53 0.69
CA GLU A 399 0.88 -13.19 1.18
C GLU A 399 0.60 -12.23 0.01
N ASN A 400 1.45 -12.27 -1.01
CA ASN A 400 1.34 -11.36 -2.18
C ASN A 400 0.38 -11.79 -3.27
N THR A 401 0.10 -13.08 -3.34
CA THR A 401 -0.94 -13.57 -4.21
C THR A 401 -2.30 -13.25 -3.61
N VAL A 402 -2.45 -13.41 -2.29
CA VAL A 402 -3.70 -13.04 -1.59
C VAL A 402 -3.98 -11.54 -1.80
N HIS A 403 -2.97 -10.71 -1.59
CA HIS A 403 -3.08 -9.26 -1.81
C HIS A 403 -3.53 -8.88 -3.22
N GLU A 404 -3.13 -9.62 -4.24
CA GLU A 404 -3.61 -9.36 -5.58
C GLU A 404 -5.05 -9.79 -5.81
N VAL A 405 -5.38 -10.98 -5.33
CA VAL A 405 -6.73 -11.54 -5.46
C VAL A 405 -7.73 -10.60 -4.80
N THR A 406 -7.46 -10.19 -3.56
CA THR A 406 -8.39 -9.33 -2.83
C THR A 406 -8.61 -7.99 -3.49
N THR A 407 -7.60 -7.51 -4.22
CA THR A 407 -7.76 -6.30 -5.02
C THR A 407 -8.84 -6.50 -6.07
N SER A 408 -8.70 -7.58 -6.83
CA SER A 408 -9.74 -8.02 -7.80
C SER A 408 -11.09 -8.14 -7.14
N ILE A 409 -11.12 -8.73 -5.94
CA ILE A 409 -12.34 -8.82 -5.13
C ILE A 409 -12.89 -7.44 -4.80
N GLY A 410 -12.02 -6.51 -4.48
CA GLY A 410 -12.45 -5.16 -4.18
C GLY A 410 -13.20 -4.58 -5.34
N LYS A 411 -12.60 -4.68 -6.53
CA LYS A 411 -13.10 -4.00 -7.72
C LYS A 411 -14.50 -4.47 -8.03
N ARG A 412 -14.76 -5.73 -7.70
CA ARG A 412 -16.03 -6.37 -7.94
C ARG A 412 -17.10 -5.97 -6.95
N ILE A 413 -16.77 -6.07 -5.67
CA ILE A 413 -17.58 -5.56 -4.57
C ILE A 413 -17.91 -4.12 -4.83
N PHE A 414 -16.89 -3.31 -5.12
CA PHE A 414 -17.07 -1.90 -5.40
C PHE A 414 -18.04 -1.67 -6.56
N ASP A 415 -17.85 -2.40 -7.67
CA ASP A 415 -18.71 -2.20 -8.84
C ASP A 415 -20.18 -2.50 -8.50
N HIS A 416 -20.40 -3.58 -7.73
CA HIS A 416 -21.74 -4.00 -7.32
C HIS A 416 -22.40 -2.93 -6.49
N ALA A 417 -21.65 -2.36 -5.55
CA ALA A 417 -22.16 -1.37 -4.62
C ALA A 417 -22.68 -0.14 -5.35
N ILE A 418 -21.88 0.37 -6.26
CA ILE A 418 -22.14 1.64 -6.93
C ILE A 418 -23.19 1.52 -8.04
N ARG A 419 -23.32 0.32 -8.56
CA ARG A 419 -24.28 -0.01 -9.60
C ARG A 419 -25.64 -0.32 -9.04
N TYR A 420 -25.70 -0.94 -7.85
CA TYR A 420 -26.97 -1.27 -7.20
C TYR A 420 -27.78 -0.02 -7.05
N PRO A 421 -29.10 -0.08 -7.25
CA PRO A 421 -29.87 -1.29 -7.46
C PRO A 421 -30.11 -1.60 -8.95
N HIS A 422 -29.30 -1.04 -9.82
CA HIS A 422 -29.58 -1.11 -11.24
C HIS A 422 -29.00 -2.37 -11.83
N ASN A 423 -29.30 -2.59 -13.11
CA ASN A 423 -28.74 -3.69 -13.91
C ASN A 423 -29.00 -5.04 -13.27
N GLY A 424 -30.24 -5.22 -12.81
CA GLY A 424 -30.68 -6.46 -12.23
C GLY A 424 -30.08 -6.82 -10.89
N LEU A 425 -29.36 -5.91 -10.24
CA LEU A 425 -28.77 -6.23 -8.95
C LEU A 425 -29.87 -6.03 -7.94
N THR A 426 -30.31 -7.14 -7.33
CA THR A 426 -31.46 -7.13 -6.42
C THR A 426 -31.06 -7.07 -4.96
N THR A 427 -29.82 -7.45 -4.64
CA THR A 427 -29.30 -7.29 -3.31
C THR A 427 -28.27 -6.16 -3.31
N GLU A 428 -28.07 -5.52 -2.15
CA GLU A 428 -27.13 -4.39 -1.97
C GLU A 428 -25.68 -4.85 -2.03
N LEU A 429 -25.43 -6.07 -1.61
CA LEU A 429 -24.11 -6.62 -1.69
C LEU A 429 -24.15 -7.89 -2.48
N PRO A 430 -22.99 -8.30 -3.00
CA PRO A 430 -22.82 -9.67 -3.49
C PRO A 430 -23.12 -10.67 -2.39
N THR A 431 -23.73 -11.80 -2.77
CA THR A 431 -24.09 -12.86 -1.82
C THR A 431 -23.35 -14.17 -2.08
N ASP A 432 -23.24 -14.55 -3.35
CA ASP A 432 -22.53 -15.77 -3.76
C ASP A 432 -21.06 -15.49 -4.02
N LEU A 433 -20.16 -16.30 -3.48
CA LEU A 433 -18.71 -16.03 -3.61
C LEU A 433 -18.20 -16.02 -5.05
N GLY A 434 -18.86 -16.73 -5.97
CA GLY A 434 -18.44 -16.81 -7.37
C GLY A 434 -18.41 -15.49 -8.12
N GLU A 435 -19.20 -14.52 -7.65
CA GLU A 435 -19.23 -13.16 -8.20
C GLU A 435 -17.91 -12.41 -7.98
N LEU A 436 -17.19 -12.76 -6.93
CA LEU A 436 -15.96 -12.08 -6.52
C LEU A 436 -14.67 -12.82 -6.87
N LEU A 437 -14.71 -14.15 -6.74
CA LEU A 437 -13.52 -15.02 -6.83
C LEU A 437 -13.56 -15.94 -8.07
N LYS A 438 -12.73 -15.61 -9.05
CA LYS A 438 -12.79 -16.21 -10.36
C LYS A 438 -11.83 -17.41 -10.45
N SER A 439 -11.79 -18.12 -11.57
CA SER A 439 -10.96 -19.33 -11.68
C SER A 439 -9.47 -18.98 -11.75
N SER A 440 -9.13 -17.97 -12.59
CA SER A 440 -7.75 -17.46 -12.69
C SER A 440 -7.17 -17.07 -11.34
N ASP A 441 -7.97 -16.37 -10.54
CA ASP A 441 -7.65 -16.09 -9.15
C ASP A 441 -7.47 -17.38 -8.31
N LYS A 442 -8.45 -18.28 -8.37
CA LYS A 442 -8.38 -19.54 -7.63
C LYS A 442 -7.17 -20.42 -8.01
N VAL A 443 -6.68 -20.31 -9.23
CA VAL A 443 -5.54 -21.11 -9.70
C VAL A 443 -4.22 -20.67 -9.10
N MET A 444 -3.91 -19.37 -9.23
CA MET A 444 -2.66 -18.82 -8.67
C MET A 444 -2.61 -19.14 -7.18
N LEU A 445 -3.71 -18.97 -6.45
CA LEU A 445 -3.76 -19.31 -4.99
C LEU A 445 -3.43 -20.76 -4.67
N LYS A 446 -4.07 -21.68 -5.37
CA LYS A 446 -3.86 -23.11 -5.13
C LYS A 446 -2.41 -23.52 -5.39
N ARG A 447 -1.79 -22.92 -6.42
CA ARG A 447 -0.38 -23.17 -6.72
C ARG A 447 0.54 -22.73 -5.58
N ARG A 448 0.17 -21.63 -4.94
CA ARG A 448 0.92 -21.10 -3.79
C ARG A 448 0.74 -21.98 -2.56
N ILE A 449 -0.47 -22.51 -2.37
CA ILE A 449 -0.77 -23.47 -1.33
C ILE A 449 0.04 -24.74 -1.55
N LEU A 450 0.02 -25.24 -2.78
CA LEU A 450 0.77 -26.44 -3.14
C LEU A 450 2.24 -26.32 -2.73
N ALA A 451 2.89 -25.22 -3.06
CA ALA A 451 4.30 -25.02 -2.68
C ALA A 451 4.56 -25.08 -1.18
N LEU A 452 3.53 -24.90 -0.34
CA LEU A 452 3.70 -25.03 1.11
C LEU A 452 3.60 -26.46 1.63
N ARG A 453 2.92 -27.36 0.89
CA ARG A 453 2.90 -28.81 1.22
C ARG A 453 4.32 -29.25 1.53
N ARG A 454 4.47 -30.10 2.54
CA ARG A 454 5.78 -30.66 2.80
C ARG A 454 5.73 -32.20 2.73
N PRO A 455 6.87 -32.84 2.32
CA PRO A 455 6.93 -34.26 1.99
C PRO A 455 6.17 -35.20 2.90
N GLU A 456 5.92 -36.40 2.39
CA GLU A 456 5.28 -37.47 3.15
C GLU A 456 5.92 -37.63 4.55
N GLY A 457 5.14 -37.37 5.59
CA GLY A 457 5.62 -37.51 6.96
C GLY A 457 6.79 -36.65 7.41
N GLN A 458 7.14 -35.59 6.67
CA GLN A 458 8.11 -34.59 7.13
C GLN A 458 7.41 -33.72 8.18
N LEU A 459 8.20 -33.30 9.18
CA LEU A 459 7.73 -32.47 10.27
C LEU A 459 8.52 -31.17 10.30
N PRO A 460 8.01 -30.15 11.00
CA PRO A 460 8.75 -28.89 11.03
C PRO A 460 10.07 -29.10 11.75
N PRO A 461 11.17 -28.53 11.25
CA PRO A 461 12.47 -28.81 11.89
C PRO A 461 12.57 -28.37 13.35
N ILE A 462 13.54 -28.91 14.07
CA ILE A 462 13.86 -28.39 15.42
C ILE A 462 15.06 -27.44 15.37
N VAL A 463 15.55 -27.12 14.19
CA VAL A 463 16.73 -26.27 14.05
C VAL A 463 16.62 -25.42 12.78
N THR A 464 16.97 -24.14 12.90
CA THR A 464 16.88 -23.16 11.80
C THR A 464 18.18 -23.06 11.01
N HIS A 465 19.22 -23.71 11.51
CA HIS A 465 20.55 -23.69 10.92
C HIS A 465 21.08 -25.10 10.63
N ASN A 466 22.11 -25.12 9.79
CA ASN A 466 22.91 -26.31 9.59
C ASN A 466 24.03 -26.25 10.60
N MET A 467 24.05 -27.23 11.50
CA MET A 467 25.09 -27.34 12.50
C MET A 467 26.36 -27.86 11.86
N VAL A 468 27.49 -27.50 12.46
CA VAL A 468 28.78 -28.06 12.11
C VAL A 468 28.73 -29.51 12.61
N ASP A 469 28.51 -29.69 13.91
CA ASP A 469 28.56 -31.00 14.57
C ASP A 469 27.20 -31.32 15.17
N ASP A 470 26.23 -31.59 14.30
CA ASP A 470 24.85 -31.87 14.70
C ASP A 470 24.71 -33.07 15.62
N ALA A 471 25.39 -34.16 15.28
CA ALA A 471 25.26 -35.45 15.98
C ALA A 471 25.73 -35.42 17.44
N ASN A 472 26.59 -34.46 17.79
CA ASN A 472 27.08 -34.31 19.15
C ASN A 472 26.56 -33.10 19.92
N ASP A 473 25.83 -32.19 19.29
CA ASP A 473 25.33 -30.99 19.99
C ASP A 473 24.38 -31.35 21.14
N LEU A 474 24.63 -30.75 22.29
CA LEU A 474 23.94 -31.11 23.54
C LEU A 474 22.46 -30.79 23.48
N ILE A 475 22.16 -29.59 22.99
CA ILE A 475 20.79 -29.05 22.95
C ILE A 475 19.98 -29.91 22.02
N LEU A 476 20.52 -30.16 20.84
CA LEU A 476 19.85 -30.99 19.85
C LEU A 476 19.66 -32.40 20.34
N ASN A 477 20.66 -32.96 21.01
CA ASN A 477 20.54 -34.33 21.53
C ASN A 477 19.56 -34.45 22.68
N LYS A 478 19.50 -33.41 23.52
CA LYS A 478 18.51 -33.37 24.60
C LYS A 478 17.09 -33.36 24.05
N ILE A 479 16.86 -32.58 23.00
CA ILE A 479 15.54 -32.47 22.37
C ILE A 479 15.18 -33.82 21.76
N ARG A 480 16.09 -34.39 20.96
CA ARG A 480 15.86 -35.69 20.33
C ARG A 480 15.55 -36.76 21.37
N GLN A 481 16.23 -36.69 22.52
CA GLN A 481 16.04 -37.64 23.62
C GLN A 481 14.67 -37.52 24.29
N VAL A 482 14.22 -36.29 24.53
CA VAL A 482 12.86 -36.07 25.08
C VAL A 482 11.75 -36.25 24.04
N GLN A 483 12.13 -36.31 22.75
CA GLN A 483 11.22 -36.63 21.64
C GLN A 483 10.17 -35.54 21.41
N LEU A 484 10.70 -34.34 21.19
CA LEU A 484 9.94 -33.20 20.73
C LEU A 484 10.41 -32.92 19.30
N PHE A 485 9.72 -33.52 18.33
CA PHE A 485 9.98 -33.33 16.89
C PHE A 485 8.88 -32.53 16.19
N ASN A 486 8.10 -31.77 16.98
CA ASN A 486 7.10 -30.83 16.48
C ASN A 486 5.95 -31.46 15.70
N SER A 487 5.60 -32.70 16.04
CA SER A 487 4.46 -33.36 15.40
C SER A 487 3.15 -32.72 15.87
N PRO A 488 2.09 -32.75 15.04
CA PRO A 488 0.89 -31.94 15.32
C PRO A 488 0.24 -32.24 16.67
N SER A 489 0.38 -33.47 17.11
CA SER A 489 -0.11 -33.91 18.42
C SER A 489 0.68 -33.37 19.64
N ASP A 490 1.93 -32.94 19.45
CA ASP A 490 2.67 -32.19 20.48
C ASP A 490 2.09 -30.79 20.70
N ARG A 491 1.71 -30.48 21.93
CA ARG A 491 1.26 -29.11 22.30
C ARG A 491 2.42 -28.19 22.63
N VAL A 492 3.65 -28.70 22.62
CA VAL A 492 4.83 -27.87 22.78
C VAL A 492 5.74 -28.07 21.59
N LYS A 493 6.08 -26.96 20.94
CA LYS A 493 6.98 -26.98 19.82
C LYS A 493 8.37 -26.52 20.27
N MET A 494 9.34 -26.62 19.36
CA MET A 494 10.74 -26.49 19.70
C MET A 494 11.53 -25.96 18.51
N ILE A 495 12.07 -24.77 18.64
CA ILE A 495 12.81 -24.12 17.56
C ILE A 495 14.12 -23.61 18.11
N PHE A 496 15.18 -24.38 17.86
CA PHE A 496 16.52 -24.02 18.30
C PHE A 496 17.13 -23.16 17.21
N HIS A 497 17.48 -21.95 17.59
CA HIS A 497 18.08 -20.98 16.73
C HIS A 497 19.48 -20.70 17.26
N PRO A 498 20.51 -21.42 16.76
CA PRO A 498 21.87 -21.31 17.32
C PRO A 498 22.65 -20.06 16.87
N GLU A 499 22.10 -18.89 17.14
CA GLU A 499 22.67 -17.64 16.65
C GLU A 499 22.02 -16.49 17.38
N PHE A 500 22.79 -15.46 17.66
CA PHE A 500 22.22 -14.32 18.35
C PHE A 500 21.35 -13.54 17.40
N LEU A 501 20.14 -13.23 17.87
CA LEU A 501 19.11 -12.57 17.06
C LEU A 501 19.54 -11.21 16.59
N ASN A 502 19.09 -10.84 15.40
CA ASN A 502 19.43 -9.58 14.78
C ASN A 502 18.33 -9.14 13.81
N ALA A 503 18.25 -7.85 13.56
CA ALA A 503 17.29 -7.32 12.61
C ALA A 503 17.55 -7.74 11.16
N ASN A 504 18.81 -8.02 10.82
CA ASN A 504 19.21 -8.41 9.44
C ASN A 504 19.09 -9.88 9.14
N ASN A 505 18.95 -10.68 10.19
CA ASN A 505 18.45 -12.05 10.09
C ASN A 505 17.33 -12.17 9.04
N PRO A 506 17.58 -12.88 7.92
CA PRO A 506 16.59 -12.98 6.86
C PRO A 506 15.40 -13.92 7.15
N ILE A 507 15.45 -14.75 8.20
CA ILE A 507 14.24 -15.53 8.57
C ILE A 507 13.41 -14.92 9.68
N LEU A 508 14.07 -14.26 10.63
CA LEU A 508 13.42 -13.71 11.81
C LEU A 508 14.02 -12.36 12.11
N GLY A 509 13.55 -11.34 11.41
CA GLY A 509 14.23 -10.05 11.35
C GLY A 509 13.94 -9.11 12.50
N LEU A 510 14.23 -9.60 13.71
CA LEU A 510 14.07 -8.86 14.96
C LEU A 510 15.41 -8.83 15.68
N ASP A 511 15.80 -7.65 16.16
CA ASP A 511 16.86 -7.54 17.15
C ASP A 511 16.40 -8.23 18.42
N TYR A 512 17.36 -8.67 19.26
CA TYR A 512 17.01 -9.43 20.48
C TYR A 512 15.99 -8.72 21.37
N ASP A 513 16.17 -7.43 21.62
CA ASP A 513 15.22 -6.72 22.45
C ASP A 513 13.80 -6.79 21.88
N GLU A 514 13.65 -6.70 20.56
CA GLU A 514 12.30 -6.72 19.90
C GLU A 514 11.57 -8.05 20.07
N PHE A 515 12.33 -9.12 19.84
CA PHE A 515 11.90 -10.51 20.09
C PHE A 515 11.40 -10.72 21.52
N VAL A 516 12.13 -10.15 22.48
CA VAL A 516 11.79 -10.28 23.89
C VAL A 516 10.38 -9.74 24.11
N ARG A 517 10.11 -8.56 23.55
CA ARG A 517 8.81 -7.93 23.71
C ARG A 517 7.72 -8.80 23.09
N GLY A 518 8.03 -9.41 21.94
CA GLY A 518 7.07 -10.25 21.25
C GLY A 518 6.71 -11.52 21.99
N CYS A 519 7.65 -12.05 22.75
CA CYS A 519 7.41 -13.29 23.47
C CYS A 519 6.46 -13.08 24.67
N HIS A 520 6.01 -14.18 25.26
CA HIS A 520 5.11 -14.16 26.40
C HIS A 520 5.78 -14.44 27.73
N LEU A 521 6.82 -15.29 27.70
CA LEU A 521 7.50 -15.74 28.91
C LEU A 521 8.96 -16.13 28.65
N GLY A 522 9.88 -15.45 29.34
CA GLY A 522 11.28 -15.89 29.39
C GLY A 522 11.46 -17.00 30.42
N VAL A 523 12.35 -17.95 30.13
CA VAL A 523 12.63 -19.08 31.03
C VAL A 523 14.15 -19.31 31.11
N PHE A 524 14.74 -18.91 32.24
CA PHE A 524 16.20 -18.90 32.46
C PHE A 524 16.50 -19.58 33.81
N PRO A 525 16.34 -20.91 33.83
CA PRO A 525 16.43 -21.66 35.07
C PRO A 525 17.88 -22.05 35.33
N SER A 526 18.69 -21.06 35.67
CA SER A 526 20.12 -21.21 35.74
C SER A 526 20.55 -21.98 36.98
N TYR A 527 21.74 -22.59 36.92
CA TYR A 527 22.35 -23.29 38.04
C TYR A 527 23.48 -22.44 38.59
N TYR A 528 24.39 -22.01 37.71
CA TYR A 528 25.35 -20.96 38.05
C TYR A 528 24.97 -19.72 37.26
N GLU A 529 24.84 -18.58 37.96
CA GLU A 529 24.51 -17.29 37.35
C GLU A 529 24.65 -16.15 38.39
N PRO A 530 25.86 -15.54 38.47
CA PRO A 530 26.14 -14.46 39.40
C PRO A 530 25.14 -13.32 39.45
N TRP A 531 24.66 -12.90 38.29
CA TRP A 531 23.55 -11.93 38.26
C TRP A 531 22.46 -12.48 37.35
N GLY A 532 22.67 -12.40 36.04
CA GLY A 532 21.66 -12.80 35.05
C GLY A 532 20.91 -11.59 34.52
N TYR A 533 21.51 -10.92 33.55
CA TYR A 533 20.85 -9.81 32.88
C TYR A 533 19.69 -10.28 32.03
N THR A 534 19.80 -11.48 31.47
CA THR A 534 18.75 -12.05 30.61
C THR A 534 17.32 -11.95 31.19
N PRO A 535 17.09 -12.41 32.45
CA PRO A 535 15.79 -12.19 33.10
C PRO A 535 15.58 -10.75 33.59
N ALA A 536 16.65 -10.05 33.92
CA ALA A 536 16.51 -8.64 34.29
C ALA A 536 15.97 -7.82 33.12
N GLU A 537 16.52 -8.03 31.91
CA GLU A 537 16.10 -7.31 30.68
C GLU A 537 14.65 -7.60 30.31
N CYS A 538 14.33 -8.88 30.40
CA CYS A 538 12.99 -9.42 30.24
C CYS A 538 11.99 -8.65 31.11
N THR A 539 12.35 -8.52 32.38
CA THR A 539 11.51 -7.91 33.41
C THR A 539 11.34 -6.39 33.21
N VAL A 540 12.37 -5.76 32.66
CA VAL A 540 12.34 -4.36 32.24
C VAL A 540 11.34 -4.14 31.10
N MET A 541 11.20 -5.12 30.23
CA MET A 541 10.29 -5.01 29.06
C MET A 541 8.86 -5.54 29.32
N GLY A 542 8.46 -5.55 30.59
CA GLY A 542 7.20 -6.14 30.94
C GLY A 542 7.03 -7.58 30.49
N VAL A 543 8.10 -8.38 30.47
CA VAL A 543 7.97 -9.81 30.15
C VAL A 543 8.28 -10.70 31.34
N PRO A 544 7.24 -11.42 31.83
CA PRO A 544 7.42 -12.36 32.92
C PRO A 544 8.55 -13.30 32.62
N SER A 545 9.39 -13.56 33.62
CA SER A 545 10.50 -14.51 33.48
C SER A 545 10.42 -15.55 34.57
N ILE A 546 10.82 -16.78 34.25
CA ILE A 546 11.08 -17.76 35.28
C ILE A 546 12.57 -17.86 35.45
N THR A 547 13.06 -17.60 36.68
CA THR A 547 14.48 -17.79 37.03
C THR A 547 14.64 -18.69 38.26
N THR A 548 15.84 -18.73 38.85
CA THR A 548 16.11 -19.62 40.00
C THR A 548 16.80 -18.90 41.14
N ASN A 549 16.61 -19.41 42.36
CA ASN A 549 17.25 -18.83 43.55
C ASN A 549 18.78 -18.95 43.59
N VAL A 550 19.37 -19.82 42.77
CA VAL A 550 20.83 -19.88 42.67
C VAL A 550 21.42 -18.86 41.66
N SER A 551 20.55 -18.13 40.95
CA SER A 551 20.96 -16.98 40.16
C SER A 551 20.97 -15.72 41.01
N GLY A 552 21.85 -14.76 40.66
CA GLY A 552 21.96 -13.52 41.42
C GLY A 552 20.67 -12.73 41.45
N PHE A 553 20.15 -12.47 40.25
CA PHE A 553 18.87 -11.78 40.07
C PHE A 553 17.71 -12.48 40.82
N GLY A 554 17.67 -13.80 40.74
CA GLY A 554 16.67 -14.58 41.44
C GLY A 554 16.71 -14.35 42.94
N SER A 555 17.92 -14.40 43.51
CA SER A 555 18.12 -14.17 44.97
C SER A 555 17.67 -12.79 45.41
N TYR A 556 17.99 -11.79 44.58
CA TYR A 556 17.66 -10.38 44.84
C TYR A 556 16.16 -10.13 44.87
N MET A 557 15.45 -10.69 43.88
CA MET A 557 14.00 -10.55 43.80
C MET A 557 13.26 -11.38 44.84
N GLU A 558 13.94 -12.42 45.36
CA GLU A 558 13.41 -13.19 46.45
C GLU A 558 13.46 -12.39 47.75
N ASP A 559 14.51 -11.58 47.95
CA ASP A 559 14.58 -10.65 49.09
C ASP A 559 13.46 -9.60 49.04
N LEU A 560 13.38 -8.89 47.92
CA LEU A 560 12.44 -7.77 47.76
C LEU A 560 10.96 -8.11 47.74
N ILE A 561 10.59 -9.34 47.40
CA ILE A 561 9.18 -9.69 47.24
C ILE A 561 8.90 -11.07 47.82
N GLU A 562 7.73 -11.20 48.44
CA GLU A 562 7.26 -12.48 48.97
C GLU A 562 7.01 -13.46 47.79
N THR A 563 7.71 -14.61 47.76
CA THR A 563 7.80 -15.47 46.54
C THR A 563 6.46 -15.85 45.86
N ASN A 564 5.36 -15.89 46.62
CA ASN A 564 3.99 -16.07 46.06
C ASN A 564 3.35 -14.77 45.48
N GLN A 565 3.70 -13.61 46.05
CA GLN A 565 3.40 -12.32 45.42
C GLN A 565 4.10 -12.16 44.06
N ALA A 566 5.38 -12.53 44.02
CA ALA A 566 6.25 -12.29 42.85
C ALA A 566 5.80 -12.97 41.57
N LYS A 567 5.05 -14.06 41.69
CA LYS A 567 4.42 -14.69 40.53
C LYS A 567 3.35 -13.80 39.87
N ASP A 568 2.60 -13.07 40.69
CA ASP A 568 1.64 -12.07 40.18
C ASP A 568 2.37 -10.88 39.57
N TYR A 569 3.63 -10.70 39.94
CA TYR A 569 4.49 -9.65 39.41
C TYR A 569 5.47 -10.18 38.37
N GLY A 570 5.14 -11.31 37.75
CA GLY A 570 5.90 -11.85 36.64
C GLY A 570 7.24 -12.50 36.96
N ILE A 571 7.66 -12.52 38.23
CA ILE A 571 8.95 -13.12 38.61
C ILE A 571 8.68 -14.47 39.26
N TYR A 572 8.68 -15.51 38.43
CA TYR A 572 8.59 -16.88 38.93
C TYR A 572 9.99 -17.29 39.38
N ILE A 573 10.12 -17.85 40.58
CA ILE A 573 11.42 -18.29 41.11
C ILE A 573 11.38 -19.80 41.46
N VAL A 574 12.16 -20.60 40.73
CA VAL A 574 12.29 -22.03 40.99
C VAL A 574 13.36 -22.23 42.06
N ASP A 575 13.15 -23.24 42.89
CA ASP A 575 14.04 -23.62 43.98
C ASP A 575 15.00 -24.73 43.49
N ARG A 576 16.27 -24.37 43.28
CA ARG A 576 17.33 -25.32 42.92
C ARG A 576 18.39 -25.52 44.01
N ARG A 577 18.23 -24.83 45.16
CA ARG A 577 19.13 -24.98 46.33
C ARG A 577 18.55 -26.00 47.33
N PHE A 578 17.31 -25.78 47.79
CA PHE A 578 16.69 -26.63 48.80
C PHE A 578 15.68 -27.63 48.22
N LYS A 579 15.99 -28.21 47.06
CA LYS A 579 15.12 -29.23 46.43
C LYS A 579 15.90 -30.17 45.51
N ALA A 580 15.42 -31.41 45.42
CA ALA A 580 15.98 -32.42 44.51
C ALA A 580 15.85 -31.90 43.09
N PRO A 581 16.85 -32.16 42.23
CA PRO A 581 16.69 -31.80 40.81
C PRO A 581 15.38 -32.26 40.13
N ASP A 582 14.84 -33.43 40.50
CA ASP A 582 13.57 -33.87 39.92
C ASP A 582 12.34 -33.18 40.53
N GLU A 583 12.48 -32.59 41.72
CA GLU A 583 11.44 -31.73 42.29
C GLU A 583 11.50 -30.31 41.71
N SER A 584 12.72 -29.80 41.50
CA SER A 584 12.96 -28.55 40.77
C SER A 584 12.25 -28.55 39.41
N VAL A 585 12.47 -29.60 38.64
CA VAL A 585 11.88 -29.72 37.31
C VAL A 585 10.35 -29.68 37.40
N GLU A 586 9.75 -30.46 38.28
CA GLU A 586 8.30 -30.39 38.49
C GLU A 586 7.77 -29.01 38.94
N GLN A 587 8.54 -28.26 39.73
CA GLN A 587 8.17 -26.89 40.08
C GLN A 587 8.24 -25.95 38.88
N LEU A 588 9.26 -26.12 38.04
CA LEU A 588 9.39 -25.38 36.78
C LEU A 588 8.22 -25.74 35.85
N VAL A 589 7.81 -27.00 35.85
CA VAL A 589 6.65 -27.43 35.07
C VAL A 589 5.35 -26.89 35.66
N ASP A 590 5.26 -26.83 36.99
CA ASP A 590 4.09 -26.22 37.65
C ASP A 590 3.88 -24.78 37.20
N TYR A 591 4.97 -24.03 37.22
CA TYR A 591 4.94 -22.62 36.85
C TYR A 591 4.59 -22.39 35.39
N MET A 592 5.12 -23.21 34.48
CA MET A 592 4.73 -23.13 33.08
C MET A 592 3.28 -23.52 32.88
N GLU A 593 2.83 -24.62 33.49
CA GLU A 593 1.42 -25.03 33.34
C GLU A 593 0.48 -24.01 33.93
N GLU A 594 0.91 -23.26 34.93
CA GLU A 594 0.09 -22.18 35.49
C GLU A 594 -0.08 -21.04 34.47
N PHE A 595 1.03 -20.61 33.87
CA PHE A 595 1.05 -19.51 32.88
C PHE A 595 0.19 -19.83 31.65
N VAL A 596 0.28 -21.06 31.16
CA VAL A 596 -0.56 -21.53 30.04
C VAL A 596 -2.07 -21.47 30.38
N LYS A 597 -2.41 -21.74 31.65
CA LYS A 597 -3.82 -21.64 32.09
C LYS A 597 -4.36 -20.20 32.05
N LYS A 598 -3.48 -19.21 32.13
CA LYS A 598 -3.91 -17.83 32.09
C LYS A 598 -4.65 -17.39 30.81
N THR A 599 -5.66 -16.55 31.03
CA THR A 599 -6.38 -15.82 29.99
C THR A 599 -5.60 -14.59 29.57
N ARG A 600 -6.03 -13.97 28.47
CA ARG A 600 -5.37 -12.78 27.96
C ARG A 600 -5.54 -11.58 28.89
N ARG A 601 -6.76 -11.39 29.42
CA ARG A 601 -6.99 -10.46 30.54
C ARG A 601 -5.81 -10.56 31.49
N GLN A 602 -5.57 -11.79 31.94
CA GLN A 602 -4.61 -12.08 32.99
C GLN A 602 -3.17 -11.79 32.54
N ARG A 603 -2.77 -12.31 31.38
CA ARG A 603 -1.42 -12.10 30.87
C ARG A 603 -1.04 -10.62 30.78
N ILE A 604 -1.99 -9.83 30.25
CA ILE A 604 -1.85 -8.37 30.06
C ILE A 604 -1.66 -7.68 31.39
N ASN A 605 -2.52 -8.01 32.36
CA ASN A 605 -2.42 -7.42 33.68
C ASN A 605 -1.11 -7.75 34.35
N GLN A 606 -0.78 -9.04 34.36
CA GLN A 606 0.52 -9.48 34.84
C GLN A 606 1.67 -8.72 34.16
N ARG A 607 1.59 -8.57 32.83
CA ARG A 607 2.60 -7.81 32.06
C ARG A 607 2.76 -6.34 32.57
N ASN A 608 1.65 -5.70 32.96
CA ASN A 608 1.69 -4.35 33.52
C ASN A 608 2.35 -4.32 34.88
N ARG A 609 2.10 -5.36 35.68
CA ARG A 609 2.73 -5.48 37.01
C ARG A 609 4.23 -5.66 36.83
N THR A 610 4.61 -6.57 35.94
CA THR A 610 6.02 -6.82 35.61
C THR A 610 6.73 -5.55 35.11
N GLU A 611 5.97 -4.73 34.39
CA GLU A 611 6.47 -3.47 33.84
C GLU A 611 6.72 -2.47 34.96
N ARG A 612 5.69 -2.22 35.76
CA ARG A 612 5.78 -1.34 36.92
C ARG A 612 6.99 -1.71 37.83
N LEU A 613 7.29 -3.01 37.97
CA LEU A 613 8.50 -3.49 38.68
C LEU A 613 9.88 -3.07 38.14
N SER A 614 9.95 -2.52 36.93
CA SER A 614 11.24 -2.18 36.35
C SER A 614 11.93 -0.97 37.00
N ASP A 615 11.22 -0.18 37.80
CA ASP A 615 11.86 0.89 38.59
C ASP A 615 12.92 0.41 39.59
N LEU A 616 12.66 -0.77 40.14
CA LEU A 616 13.54 -1.36 41.13
C LEU A 616 14.86 -1.79 40.53
N LEU A 617 14.91 -2.01 39.21
CA LEU A 617 16.14 -2.41 38.53
C LEU A 617 16.89 -1.24 37.90
N ASP A 618 16.51 -0.02 38.23
CA ASP A 618 17.12 1.15 37.59
C ASP A 618 18.38 1.52 38.32
N TRP A 619 19.37 2.02 37.60
CA TRP A 619 20.61 2.52 38.22
C TRP A 619 20.44 3.69 39.23
N LYS A 620 19.34 4.44 39.14
CA LYS A 620 18.95 5.43 40.18
C LYS A 620 18.83 4.83 41.58
N ARG A 621 18.40 3.57 41.67
CA ARG A 621 18.39 2.80 42.93
C ARG A 621 19.66 2.02 43.12
N MET A 622 20.02 1.21 42.13
CA MET A 622 21.08 0.23 42.30
C MET A 622 22.46 0.90 42.41
N GLY A 623 22.57 2.11 41.87
CA GLY A 623 23.77 2.91 42.00
C GLY A 623 24.05 3.40 43.41
N LEU A 624 23.01 3.51 44.24
CA LEU A 624 23.20 3.89 45.64
C LEU A 624 24.15 2.95 46.34
N GLU A 625 24.02 1.66 46.04
CA GLU A 625 24.89 0.63 46.62
C GLU A 625 26.38 0.84 46.31
N TYR A 626 26.68 1.33 45.11
CA TYR A 626 28.05 1.71 44.73
C TYR A 626 28.53 2.87 45.61
N VAL A 627 27.65 3.80 45.97
CA VAL A 627 28.04 4.85 46.90
C VAL A 627 28.42 4.27 48.27
N LYS A 628 27.64 3.33 48.78
CA LYS A 628 27.95 2.73 50.06
C LYS A 628 29.32 2.06 50.05
N ALA A 629 29.66 1.42 48.93
CA ALA A 629 30.96 0.75 48.77
C ALA A 629 32.13 1.71 48.72
N ARG A 630 31.95 2.86 48.07
CA ARG A 630 33.00 3.88 48.05
C ARG A 630 33.11 4.63 49.39
N GLN A 631 31.98 4.92 50.03
CA GLN A 631 31.99 5.48 51.38
C GLN A 631 32.82 4.63 52.32
N LEU A 632 32.55 3.34 52.33
CA LEU A 632 33.23 2.38 53.20
C LEU A 632 34.73 2.43 53.00
N ALA A 633 35.14 2.41 51.73
CA ALA A 633 36.56 2.47 51.34
C ALA A 633 37.27 3.72 51.85
N LEU A 634 36.57 4.85 51.84
CA LEU A 634 37.11 6.08 52.41
C LEU A 634 37.21 6.01 53.93
N ARG A 635 36.18 5.46 54.58
CA ARG A 635 36.21 5.26 56.05
C ARG A 635 37.36 4.36 56.44
N ARG A 636 37.48 3.23 55.76
CA ARG A 636 38.52 2.26 56.10
C ARG A 636 39.95 2.74 55.81
N GLY A 637 40.13 3.41 54.68
CA GLY A 637 41.42 3.97 54.29
C GLY A 637 41.90 5.14 55.13
N TYR A 638 41.00 6.07 55.43
CA TYR A 638 41.33 7.29 56.18
C TYR A 638 40.42 7.43 57.40
N PRO A 639 40.55 6.52 58.38
CA PRO A 639 39.68 6.62 59.56
C PRO A 639 39.74 7.97 60.25
N ASP A 640 40.95 8.39 60.67
CA ASP A 640 41.15 9.62 61.45
C ASP A 640 40.52 10.82 60.74
N GLN A 641 40.78 10.94 59.43
CA GLN A 641 40.22 12.03 58.62
C GLN A 641 38.72 11.92 58.51
N PHE A 642 38.22 10.70 58.32
CA PHE A 642 36.78 10.43 58.15
C PHE A 642 36.03 10.73 59.44
N ARG A 643 36.62 10.32 60.57
CA ARG A 643 36.10 10.59 61.91
C ARG A 643 35.90 12.08 62.17
N GLU A 644 36.83 12.89 61.71
CA GLU A 644 36.76 14.34 61.93
C GLU A 644 35.77 15.05 60.99
N LEU A 645 35.49 14.46 59.82
CA LEU A 645 34.41 14.97 58.95
C LEU A 645 33.01 14.63 59.46
N VAL A 646 32.87 13.57 60.26
CA VAL A 646 31.57 13.11 60.81
C VAL A 646 31.36 13.36 62.32
N GLY A 647 32.40 13.21 63.14
CA GLY A 647 32.33 13.42 64.61
C GLY A 647 32.53 12.18 65.46
N GLU A 648 31.93 11.07 65.04
CA GLU A 648 32.08 9.77 65.69
C GLU A 648 32.68 8.74 64.73
N GLU A 649 33.22 7.69 65.31
CA GLU A 649 33.86 6.60 64.59
C GLU A 649 32.79 5.62 64.09
N LEU A 650 32.28 5.84 62.88
CA LEU A 650 31.14 5.08 62.35
C LEU A 650 31.43 3.61 62.04
N ASN A 651 30.42 2.77 62.12
CA ASN A 651 30.65 1.34 62.09
C ASN A 651 31.12 0.98 60.70
N ASP A 652 32.20 0.21 60.61
CA ASP A 652 32.81 -0.13 59.32
C ASP A 652 32.90 -1.64 59.06
N SER A 653 32.01 -2.42 59.66
CA SER A 653 32.01 -3.86 59.39
C SER A 653 31.32 -4.21 58.05
N ASN A 654 30.40 -3.38 57.57
CA ASN A 654 29.79 -3.57 56.24
C ASN A 654 29.63 -2.26 55.55
N MET A 655 29.13 -2.34 54.33
CA MET A 655 28.52 -1.21 53.66
C MET A 655 27.25 -0.79 54.39
N ASP A 656 26.49 -1.76 54.89
CA ASP A 656 25.20 -1.48 55.54
C ASP A 656 25.32 -0.86 56.94
N ALA A 657 26.20 -1.41 57.77
CA ALA A 657 26.43 -0.84 59.10
C ALA A 657 26.92 0.60 59.07
N LEU A 658 27.53 1.01 57.96
CA LEU A 658 27.96 2.37 57.77
C LEU A 658 26.80 3.27 57.35
N ALA A 659 25.94 2.77 56.47
CA ALA A 659 24.83 3.57 55.90
C ALA A 659 23.68 3.88 56.89
N SER B 22 24.85 44.13 -55.20
CA SER B 22 24.30 44.67 -53.92
C SER B 22 23.81 43.55 -52.98
N ARG B 23 22.73 42.89 -53.39
CA ARG B 23 21.93 42.01 -52.53
C ARG B 23 22.01 40.52 -52.94
N ASP B 24 22.44 39.67 -52.00
CA ASP B 24 22.49 38.20 -52.19
C ASP B 24 21.20 37.57 -51.68
N LEU B 25 20.61 36.68 -52.48
CA LEU B 25 19.34 35.99 -52.16
C LEU B 25 19.51 34.68 -51.36
N GLN B 26 20.70 34.06 -51.46
CA GLN B 26 21.03 32.84 -50.70
C GLN B 26 21.09 33.14 -49.20
N ASN B 27 22.04 33.98 -48.81
CA ASN B 27 22.21 34.41 -47.42
C ASN B 27 21.41 35.69 -47.24
N HIS B 28 20.17 35.53 -46.79
CA HIS B 28 19.29 36.67 -46.50
C HIS B 28 18.96 36.73 -45.01
N LEU B 29 18.60 37.92 -44.54
CA LEU B 29 18.14 38.11 -43.15
C LEU B 29 16.65 37.84 -43.07
N LEU B 30 16.13 37.71 -41.85
CA LEU B 30 14.69 37.64 -41.61
C LEU B 30 14.33 38.54 -40.43
N PHE B 31 13.22 39.25 -40.57
CA PHE B 31 12.66 40.05 -39.49
C PHE B 31 11.15 39.80 -39.40
N GLU B 32 10.75 38.92 -38.50
CA GLU B 32 9.35 38.56 -38.28
C GLU B 32 8.82 39.48 -37.20
N THR B 33 7.81 40.27 -37.55
CA THR B 33 7.33 41.37 -36.70
C THR B 33 5.90 41.09 -36.26
N ALA B 34 5.60 41.27 -34.97
CA ALA B 34 4.24 40.99 -34.45
C ALA B 34 3.95 41.60 -33.09
N THR B 35 2.68 41.92 -32.83
CA THR B 35 2.22 42.49 -31.54
C THR B 35 2.57 41.59 -30.37
N GLU B 36 2.57 40.28 -30.61
CA GLU B 36 2.58 39.30 -29.54
C GLU B 36 3.92 38.54 -29.43
N VAL B 37 5.04 39.25 -29.30
CA VAL B 37 6.38 38.59 -29.37
C VAL B 37 6.99 38.16 -28.04
N ALA B 38 6.82 38.94 -27.00
CA ALA B 38 7.27 38.51 -25.67
C ALA B 38 6.11 38.81 -24.77
N ASN B 39 4.96 38.34 -25.21
CA ASN B 39 3.73 38.97 -24.87
C ASN B 39 2.59 38.07 -25.30
N ARG B 40 2.05 37.27 -24.38
CA ARG B 40 0.92 36.39 -24.68
C ARG B 40 -0.41 37.14 -24.60
N VAL B 41 -0.80 37.80 -25.69
CA VAL B 41 -2.12 38.44 -25.83
C VAL B 41 -3.14 37.46 -26.45
N GLY B 42 -2.74 36.75 -27.50
CA GLY B 42 -3.63 35.84 -28.21
C GLY B 42 -2.87 34.81 -29.03
N GLY B 43 -3.60 33.84 -29.56
CA GLY B 43 -3.04 32.65 -30.22
C GLY B 43 -1.78 32.77 -31.05
N ILE B 44 -1.56 33.95 -31.65
CA ILE B 44 -0.35 34.24 -32.45
C ILE B 44 0.96 34.09 -31.64
N TYR B 45 0.90 34.40 -30.35
CA TYR B 45 1.98 34.09 -29.39
C TYR B 45 2.40 32.63 -29.56
N SER B 46 1.46 31.71 -29.32
CA SER B 46 1.77 30.27 -29.36
C SER B 46 2.37 29.84 -30.70
N VAL B 47 1.89 30.46 -31.78
CA VAL B 47 2.33 30.15 -33.13
C VAL B 47 3.77 30.58 -33.32
N LEU B 48 4.06 31.85 -33.02
CA LEU B 48 5.42 32.39 -33.12
C LEU B 48 6.45 31.66 -32.24
N LYS B 49 5.98 31.22 -31.08
CA LYS B 49 6.80 30.48 -30.10
C LYS B 49 7.13 29.12 -30.63
N SER B 50 6.07 28.34 -30.92
CA SER B 50 6.24 26.96 -31.35
C SER B 50 6.99 26.86 -32.68
N LYS B 51 6.86 27.91 -33.50
CA LYS B 51 7.62 28.05 -34.76
C LYS B 51 9.11 28.38 -34.58
N ALA B 52 9.46 29.01 -33.45
CA ALA B 52 10.85 29.48 -33.22
C ALA B 52 11.97 28.42 -33.39
N PRO B 53 11.80 27.21 -32.82
CA PRO B 53 12.82 26.19 -33.08
C PRO B 53 13.15 26.07 -34.57
N ILE B 54 12.18 25.68 -35.40
CA ILE B 54 12.43 25.47 -36.84
C ILE B 54 13.01 26.70 -37.58
N THR B 55 12.68 27.92 -37.16
CA THR B 55 13.22 29.11 -37.84
C THR B 55 14.65 29.42 -37.40
N VAL B 56 14.96 29.24 -36.11
CA VAL B 56 16.34 29.45 -35.60
C VAL B 56 17.32 28.48 -36.25
N ALA B 57 16.95 27.21 -36.28
CA ALA B 57 17.68 26.16 -37.00
C ALA B 57 18.08 26.51 -38.44
N GLN B 58 17.24 27.25 -39.18
CA GLN B 58 17.56 27.63 -40.56
C GLN B 58 18.37 28.94 -40.69
N TYR B 59 18.14 29.89 -39.78
CA TYR B 59 18.74 31.24 -39.83
C TYR B 59 19.81 31.56 -38.76
N LYS B 60 19.83 30.79 -37.67
CA LYS B 60 20.73 30.99 -36.52
C LYS B 60 20.74 32.43 -35.96
N ASP B 61 21.65 33.28 -36.45
CA ASP B 61 21.77 34.67 -35.98
C ASP B 61 21.27 35.71 -36.99
N HIS B 62 20.70 35.24 -38.10
CA HIS B 62 20.08 36.10 -39.15
C HIS B 62 18.58 36.42 -38.90
N TYR B 63 17.95 35.61 -38.04
CA TYR B 63 16.53 35.73 -37.67
C TYR B 63 16.34 36.58 -36.42
N HIS B 64 15.35 37.48 -36.48
CA HIS B 64 15.07 38.44 -35.44
C HIS B 64 13.58 38.75 -35.33
N LEU B 65 12.96 38.36 -34.22
CA LEU B 65 11.59 38.77 -33.94
C LEU B 65 11.57 40.24 -33.56
N ILE B 66 10.45 40.92 -33.78
CA ILE B 66 10.29 42.34 -33.41
C ILE B 66 8.87 42.60 -32.88
N GLY B 67 8.75 43.44 -31.85
CA GLY B 67 7.45 43.83 -31.33
C GLY B 67 7.49 44.92 -30.29
N PRO B 68 6.32 45.28 -29.73
CA PRO B 68 6.29 46.31 -28.71
C PRO B 68 6.79 45.73 -27.40
N LEU B 69 7.39 46.60 -26.58
CA LEU B 69 7.89 46.22 -25.26
C LEU B 69 6.75 46.30 -24.24
N ASN B 70 6.43 45.16 -23.63
CA ASN B 70 5.47 45.10 -22.53
C ASN B 70 6.22 45.18 -21.20
N LYS B 71 6.55 46.42 -20.81
CA LYS B 71 7.24 46.71 -19.56
C LYS B 71 6.73 45.88 -18.36
N ALA B 72 5.41 45.84 -18.20
CA ALA B 72 4.78 45.13 -17.08
C ALA B 72 5.33 43.71 -16.92
N THR B 73 5.24 42.89 -17.96
CA THR B 73 5.45 41.43 -17.82
C THR B 73 6.64 40.81 -18.59
N TYR B 74 7.49 41.63 -19.23
CA TYR B 74 8.56 41.10 -20.13
C TYR B 74 9.73 40.44 -19.40
N GLN B 75 10.13 41.02 -18.27
CA GLN B 75 11.24 40.52 -17.45
C GLN B 75 11.25 38.99 -17.25
N ASN B 76 10.07 38.38 -17.11
CA ASN B 76 9.93 36.92 -17.05
C ASN B 76 10.44 36.22 -18.30
N GLU B 77 10.06 36.71 -19.47
CA GLU B 77 10.29 36.02 -20.72
C GLU B 77 11.59 36.39 -21.44
N VAL B 78 12.06 37.61 -21.24
CA VAL B 78 13.25 38.08 -21.95
C VAL B 78 14.47 38.11 -21.01
N ASP B 79 15.51 37.39 -21.40
CA ASP B 79 16.84 37.54 -20.86
C ASP B 79 17.46 38.72 -21.59
N ILE B 80 17.88 39.76 -20.88
CA ILE B 80 18.29 41.02 -21.53
C ILE B 80 19.78 41.02 -21.95
N LEU B 81 20.06 40.50 -23.14
CA LEU B 81 21.39 40.52 -23.75
C LEU B 81 21.78 41.95 -24.23
N ASP B 82 23.04 42.34 -24.01
CA ASP B 82 23.56 43.67 -24.40
C ASP B 82 24.00 43.67 -25.86
N TRP B 83 23.64 44.76 -26.57
CA TRP B 83 23.91 44.90 -28.01
C TRP B 83 25.11 45.80 -28.37
N LYS B 84 25.61 46.55 -27.38
CA LYS B 84 26.74 47.47 -27.58
C LYS B 84 28.06 46.72 -27.78
N LYS B 85 28.26 45.68 -26.99
CA LYS B 85 29.51 44.90 -27.02
C LYS B 85 29.75 44.26 -28.40
N PRO B 86 31.02 44.28 -28.88
CA PRO B 86 31.32 43.73 -30.21
C PRO B 86 31.18 42.20 -30.34
N GLU B 87 31.09 41.48 -29.22
CA GLU B 87 30.75 40.05 -29.23
C GLU B 87 29.31 39.79 -29.70
N ALA B 88 28.41 40.74 -29.45
CA ALA B 88 26.97 40.56 -29.69
C ALA B 88 26.60 40.06 -31.08
N PHE B 89 27.28 40.54 -32.12
CA PHE B 89 26.94 40.21 -33.50
C PHE B 89 28.17 39.80 -34.29
N SER B 90 27.97 38.94 -35.28
CA SER B 90 29.06 38.51 -36.16
C SER B 90 29.53 39.64 -37.09
N ASP B 91 30.63 39.38 -37.80
CA ASP B 91 31.22 40.37 -38.71
C ASP B 91 30.23 40.72 -39.82
N GLU B 92 29.53 39.72 -40.35
CA GLU B 92 28.48 39.97 -41.37
C GLU B 92 27.16 40.52 -40.79
N MET B 93 26.88 40.20 -39.52
CA MET B 93 25.71 40.75 -38.80
C MET B 93 26.00 42.08 -38.06
N ARG B 94 27.15 42.70 -38.33
CA ARG B 94 27.45 44.04 -37.81
C ARG B 94 26.38 45.07 -38.17
N PRO B 95 25.98 45.14 -39.48
CA PRO B 95 25.04 46.17 -39.94
C PRO B 95 23.78 46.38 -39.07
N VAL B 96 23.27 45.29 -38.53
CA VAL B 96 22.13 45.32 -37.59
C VAL B 96 22.53 46.09 -36.32
N GLN B 97 23.69 45.76 -35.76
CA GLN B 97 24.22 46.43 -34.58
C GLN B 97 24.33 47.93 -34.78
N HIS B 98 24.86 48.33 -35.93
CA HIS B 98 25.01 49.76 -36.27
C HIS B 98 23.66 50.44 -36.48
N ALA B 99 22.71 49.73 -37.09
CA ALA B 99 21.34 50.24 -37.26
C ALA B 99 20.63 50.44 -35.92
N LEU B 100 20.79 49.49 -35.00
CA LEU B 100 20.26 49.61 -33.63
C LEU B 100 20.80 50.85 -32.92
N GLN B 101 22.07 51.13 -33.14
CA GLN B 101 22.74 52.28 -32.55
C GLN B 101 22.24 53.58 -33.18
N THR B 102 21.92 53.54 -34.47
CA THR B 102 21.28 54.68 -35.17
C THR B 102 19.92 55.03 -34.53
N MET B 103 19.18 54.01 -34.09
CA MET B 103 17.93 54.23 -33.36
C MET B 103 18.22 54.89 -32.00
N GLU B 104 19.30 54.45 -31.35
CA GLU B 104 19.75 55.03 -30.08
C GLU B 104 20.17 56.49 -30.22
N SER B 105 20.71 56.87 -31.39
CA SER B 105 21.18 58.25 -31.64
C SER B 105 20.07 59.32 -31.72
N ARG B 106 18.87 58.94 -32.19
CA ARG B 106 17.70 59.84 -32.22
C ARG B 106 16.78 59.72 -30.98
N GLY B 107 17.12 58.85 -30.04
CA GLY B 107 16.46 58.77 -28.71
C GLY B 107 15.55 57.58 -28.44
N VAL B 108 15.48 56.64 -29.39
CA VAL B 108 14.55 55.51 -29.30
C VAL B 108 15.10 54.45 -28.35
N HIS B 109 14.37 54.16 -27.27
CA HIS B 109 14.77 53.12 -26.31
C HIS B 109 14.28 51.75 -26.75
N PHE B 110 15.09 50.72 -26.53
CA PHE B 110 14.74 49.34 -26.91
C PHE B 110 15.40 48.28 -26.03
N VAL B 111 14.80 47.09 -26.00
CA VAL B 111 15.30 45.94 -25.24
C VAL B 111 15.68 44.81 -26.19
N TYR B 112 16.97 44.58 -26.37
CA TYR B 112 17.49 43.43 -27.13
C TYR B 112 17.61 42.21 -26.20
N GLY B 113 17.58 41.01 -26.77
CA GLY B 113 17.70 39.78 -25.97
C GLY B 113 17.40 38.46 -26.65
N ARG B 114 17.52 37.39 -25.87
CA ARG B 114 17.01 36.06 -26.23
C ARG B 114 15.64 35.90 -25.60
N TRP B 115 14.66 35.50 -26.40
CA TRP B 115 13.35 35.16 -25.88
C TRP B 115 13.49 33.77 -25.23
N LEU B 116 13.15 33.67 -23.94
CA LEU B 116 13.39 32.43 -23.18
C LEU B 116 12.38 31.35 -23.48
N ILE B 117 12.57 30.73 -24.65
CA ILE B 117 11.78 29.60 -25.11
C ILE B 117 12.68 28.67 -25.91
N GLU B 118 12.21 27.44 -26.08
CA GLU B 118 12.90 26.42 -26.86
C GLU B 118 13.21 26.97 -28.26
N GLY B 119 14.49 27.14 -28.54
CA GLY B 119 14.95 27.78 -29.77
C GLY B 119 15.78 29.02 -29.51
N ALA B 120 15.51 29.70 -28.40
CA ALA B 120 16.29 30.87 -27.98
C ALA B 120 16.53 31.90 -29.10
N PRO B 121 15.43 32.38 -29.74
CA PRO B 121 15.56 33.37 -30.80
C PRO B 121 15.88 34.78 -30.29
N LYS B 122 16.47 35.59 -31.15
CA LYS B 122 16.85 36.96 -30.82
C LYS B 122 15.66 37.91 -31.02
N VAL B 123 15.36 38.73 -30.01
CA VAL B 123 14.28 39.70 -30.11
C VAL B 123 14.79 41.14 -30.05
N ILE B 124 14.00 42.03 -30.67
CA ILE B 124 14.17 43.48 -30.62
C ILE B 124 12.81 44.02 -30.21
N LEU B 125 12.72 44.53 -28.98
CA LEU B 125 11.46 45.02 -28.43
C LEU B 125 11.50 46.54 -28.29
N PHE B 126 10.80 47.24 -29.18
CA PHE B 126 10.80 48.69 -29.17
C PHE B 126 9.90 49.21 -28.04
N ASP B 127 10.41 50.17 -27.28
CA ASP B 127 9.66 50.86 -26.23
C ASP B 127 8.83 51.95 -26.91
N LEU B 128 7.51 51.75 -26.98
CA LEU B 128 6.61 52.69 -27.66
C LEU B 128 6.45 54.04 -26.93
N ASP B 129 6.52 54.03 -25.60
CA ASP B 129 6.51 55.28 -24.81
C ASP B 129 7.61 56.26 -25.24
N SER B 130 8.76 55.72 -25.65
CA SER B 130 9.87 56.52 -26.17
C SER B 130 9.79 56.83 -27.68
N VAL B 131 8.58 56.89 -28.25
CA VAL B 131 8.33 57.63 -29.50
C VAL B 131 6.89 58.23 -29.55
N ARG B 132 6.26 58.44 -28.39
CA ARG B 132 4.88 58.96 -28.34
C ARG B 132 4.78 60.46 -28.61
N GLY B 133 5.92 61.16 -28.55
CA GLY B 133 6.02 62.53 -29.00
C GLY B 133 5.75 62.69 -30.49
N TYR B 134 6.16 61.70 -31.28
CA TYR B 134 5.97 61.71 -32.73
C TYR B 134 4.55 61.25 -33.13
N SER B 135 3.70 60.91 -32.16
CA SER B 135 2.30 60.51 -32.39
C SER B 135 1.55 61.38 -33.39
N ASN B 136 1.45 62.68 -33.10
CA ASN B 136 0.58 63.59 -33.86
C ASN B 136 1.12 63.90 -35.26
N GLU B 137 2.44 63.99 -35.37
CA GLU B 137 3.10 64.11 -36.68
C GLU B 137 2.81 62.87 -37.54
N TRP B 138 3.01 61.69 -36.95
CA TRP B 138 2.88 60.42 -37.67
C TRP B 138 1.44 60.05 -38.06
N LYS B 139 0.47 60.41 -37.23
CA LYS B 139 -0.92 60.18 -37.58
C LYS B 139 -1.31 61.03 -38.78
N GLY B 140 -0.80 62.25 -38.83
CA GLY B 140 -0.95 63.14 -39.98
C GLY B 140 -0.23 62.66 -41.22
N ASP B 141 0.99 62.14 -41.04
CA ASP B 141 1.75 61.51 -42.13
C ASP B 141 0.94 60.36 -42.76
N LEU B 142 0.33 59.54 -41.90
CA LEU B 142 -0.43 58.37 -42.34
C LEU B 142 -1.69 58.77 -43.07
N TRP B 143 -2.36 59.80 -42.57
CA TRP B 143 -3.55 60.35 -43.23
C TRP B 143 -3.30 60.88 -44.66
N SER B 144 -2.07 61.30 -44.94
CA SER B 144 -1.66 61.71 -46.29
C SER B 144 -1.18 60.54 -47.12
N LEU B 145 -0.22 59.77 -46.59
CA LEU B 145 0.40 58.66 -47.33
C LEU B 145 -0.58 57.57 -47.74
N VAL B 146 -1.57 57.28 -46.89
CA VAL B 146 -2.51 56.17 -47.14
C VAL B 146 -3.98 56.38 -46.73
N GLY B 147 -4.33 57.54 -46.18
CA GLY B 147 -5.73 57.90 -45.93
C GLY B 147 -6.39 57.28 -44.71
N ILE B 148 -5.60 57.00 -43.68
CA ILE B 148 -6.05 56.26 -42.50
C ILE B 148 -6.37 57.24 -41.36
N PRO B 149 -7.67 57.37 -40.98
CA PRO B 149 -8.00 58.17 -39.78
C PRO B 149 -7.55 57.41 -38.54
N SER B 150 -7.35 58.10 -37.42
CA SER B 150 -6.77 57.45 -36.23
C SER B 150 -7.29 58.02 -34.91
N PRO B 151 -8.59 57.75 -34.60
CA PRO B 151 -9.19 58.13 -33.32
C PRO B 151 -8.26 57.93 -32.13
N GLU B 152 -8.19 58.95 -31.27
CA GLU B 152 -7.29 58.94 -30.10
C GLU B 152 -7.82 58.08 -28.95
N ASN B 153 -9.14 58.00 -28.80
CA ASN B 153 -9.75 57.13 -27.78
C ASN B 153 -9.51 55.63 -28.04
N ASP B 154 -9.31 55.24 -29.32
CA ASP B 154 -8.81 53.89 -29.67
C ASP B 154 -7.35 53.77 -29.20
N PHE B 155 -7.16 53.16 -28.04
CA PHE B 155 -5.82 53.02 -27.44
C PHE B 155 -4.89 52.18 -28.30
N GLU B 156 -5.46 51.20 -29.01
CA GLU B 156 -4.69 50.16 -29.71
C GLU B 156 -4.06 50.63 -31.02
N THR B 157 -4.87 51.16 -31.94
CA THR B 157 -4.37 51.64 -33.25
C THR B 157 -3.26 52.68 -33.10
N ASN B 158 -3.29 53.43 -32.01
CA ASN B 158 -2.22 54.36 -31.66
C ASN B 158 -0.92 53.62 -31.49
N ASP B 159 -0.95 52.55 -30.69
CA ASP B 159 0.22 51.71 -30.48
C ASP B 159 0.57 50.89 -31.73
N ALA B 160 -0.44 50.55 -32.53
CA ALA B 160 -0.21 49.90 -33.81
C ALA B 160 0.57 50.79 -34.79
N ILE B 161 0.33 52.12 -34.72
CA ILE B 161 1.03 53.12 -35.57
C ILE B 161 2.43 53.44 -35.08
N LEU B 162 2.56 53.67 -33.78
CA LEU B 162 3.87 53.94 -33.18
C LEU B 162 4.83 52.82 -33.53
N LEU B 163 4.35 51.58 -33.46
CA LEU B 163 5.16 50.45 -33.84
C LEU B 163 5.52 50.49 -35.32
N GLY B 164 4.51 50.57 -36.18
CA GLY B 164 4.72 50.55 -37.63
C GLY B 164 5.75 51.55 -38.13
N TYR B 165 5.67 52.79 -37.66
CA TYR B 165 6.64 53.82 -38.04
C TYR B 165 8.04 53.47 -37.54
N THR B 166 8.15 53.21 -36.23
CA THR B 166 9.39 52.79 -35.58
C THR B 166 10.06 51.61 -36.27
N VAL B 167 9.27 50.68 -36.79
CA VAL B 167 9.84 49.49 -37.44
C VAL B 167 10.33 49.80 -38.86
N ALA B 168 9.57 50.55 -39.66
CA ALA B 168 10.04 50.94 -41.01
C ALA B 168 11.29 51.87 -40.96
N TRP B 169 11.35 52.70 -39.91
CA TRP B 169 12.53 53.52 -39.55
C TRP B 169 13.77 52.65 -39.40
N PHE B 170 13.63 51.62 -38.55
CA PHE B 170 14.70 50.66 -38.28
C PHE B 170 15.04 49.87 -39.54
N LEU B 171 14.02 49.36 -40.23
CA LEU B 171 14.22 48.61 -41.50
C LEU B 171 14.83 49.44 -42.64
N GLY B 172 14.52 50.74 -42.67
CA GLY B 172 15.17 51.67 -43.60
C GLY B 172 16.66 51.77 -43.34
N GLU B 173 17.03 51.96 -42.07
CA GLU B 173 18.45 52.09 -41.66
C GLU B 173 19.25 50.79 -41.72
N VAL B 174 18.59 49.64 -41.59
CA VAL B 174 19.26 48.34 -41.76
C VAL B 174 19.59 48.09 -43.24
N ALA B 175 18.62 48.33 -44.13
CA ALA B 175 18.82 48.17 -45.59
C ALA B 175 19.90 49.12 -46.12
N HIS B 176 19.92 50.32 -45.54
CA HIS B 176 20.92 51.35 -45.78
C HIS B 176 22.33 50.93 -45.32
N LEU B 177 22.42 50.35 -44.12
CA LEU B 177 23.71 49.90 -43.53
C LEU B 177 24.13 48.45 -43.86
N ASP B 178 23.32 47.69 -44.60
CA ASP B 178 23.66 46.31 -45.02
C ASP B 178 23.50 46.12 -46.53
N SER B 179 24.62 46.14 -47.26
CA SER B 179 24.63 45.85 -48.71
C SER B 179 25.45 44.61 -49.02
N GLN B 180 25.04 43.52 -48.39
CA GLN B 180 25.48 42.17 -48.72
C GLN B 180 24.25 41.28 -48.93
N HIS B 181 23.43 41.16 -47.89
CA HIS B 181 22.26 40.27 -47.87
C HIS B 181 21.03 40.90 -48.53
N ALA B 182 20.04 40.05 -48.81
CA ALA B 182 18.67 40.50 -49.05
C ALA B 182 17.96 40.55 -47.68
N ILE B 183 16.88 41.32 -47.58
CA ILE B 183 16.13 41.48 -46.32
C ILE B 183 14.65 41.06 -46.49
N VAL B 184 14.21 40.11 -45.67
CA VAL B 184 12.81 39.64 -45.66
C VAL B 184 12.11 40.17 -44.39
N ALA B 185 11.11 41.03 -44.56
CA ALA B 185 10.26 41.51 -43.46
C ALA B 185 8.86 40.86 -43.50
N HIS B 186 8.53 40.10 -42.47
CA HIS B 186 7.26 39.40 -42.36
C HIS B 186 6.45 40.05 -41.25
N PHE B 187 5.19 40.38 -41.52
CA PHE B 187 4.33 41.02 -40.52
C PHE B 187 3.10 40.16 -40.19
N HIS B 188 2.85 39.93 -38.90
CA HIS B 188 1.72 39.12 -38.45
C HIS B 188 0.61 39.94 -37.80
N GLN B 189 -0.56 39.92 -38.44
CA GLN B 189 -1.79 40.56 -37.96
C GLN B 189 -1.78 42.07 -38.17
N TRP B 190 -2.97 42.64 -38.39
CA TRP B 190 -3.10 44.05 -38.78
C TRP B 190 -2.42 45.05 -37.85
N LEU B 191 -2.41 44.75 -36.56
CA LEU B 191 -1.81 45.62 -35.56
C LEU B 191 -0.31 45.86 -35.80
N ALA B 192 0.39 44.83 -36.28
CA ALA B 192 1.79 44.97 -36.67
C ALA B 192 1.94 45.87 -37.89
N GLY B 193 1.11 45.61 -38.91
CA GLY B 193 1.35 46.07 -40.29
C GLY B 193 1.10 47.51 -40.72
N VAL B 194 1.29 48.47 -39.82
CA VAL B 194 1.33 49.87 -40.24
C VAL B 194 2.64 50.15 -41.00
N ALA B 195 3.71 49.42 -40.67
CA ALA B 195 4.98 49.54 -41.36
C ALA B 195 4.93 49.21 -42.84
N LEU B 196 3.99 48.34 -43.23
CA LEU B 196 3.89 47.86 -44.63
C LEU B 196 3.59 48.93 -45.69
N PRO B 197 2.58 49.80 -45.46
CA PRO B 197 2.42 50.99 -46.29
C PRO B 197 3.64 51.90 -46.40
N LEU B 198 4.43 52.00 -45.32
CA LEU B 198 5.60 52.88 -45.28
C LEU B 198 6.78 52.31 -46.06
N CYS B 199 7.04 51.02 -45.90
CA CYS B 199 8.01 50.30 -46.75
C CYS B 199 7.73 50.46 -48.24
N ARG B 200 6.45 50.47 -48.63
CA ARG B 200 6.05 50.56 -50.04
C ARG B 200 6.24 51.96 -50.62
N LYS B 201 5.71 52.96 -49.93
CA LYS B 201 5.78 54.36 -50.39
C LYS B 201 7.21 54.95 -50.24
N ARG B 202 7.92 54.60 -49.17
CA ARG B 202 9.35 54.96 -49.01
C ARG B 202 10.32 54.07 -49.82
N ARG B 203 9.80 53.22 -50.72
CA ARG B 203 10.59 52.37 -51.62
C ARG B 203 11.82 51.68 -50.97
N ILE B 204 11.69 51.28 -49.71
CA ILE B 204 12.79 50.71 -48.91
C ILE B 204 13.19 49.35 -49.47
N ASP B 205 14.50 49.04 -49.44
CA ASP B 205 15.06 47.81 -50.06
C ASP B 205 14.91 46.56 -49.17
N VAL B 206 13.65 46.23 -48.85
CA VAL B 206 13.27 45.08 -48.02
C VAL B 206 12.08 44.42 -48.71
N VAL B 207 12.12 43.11 -48.95
CA VAL B 207 10.94 42.40 -49.48
C VAL B 207 9.98 42.08 -48.34
N THR B 208 8.68 42.21 -48.60
CA THR B 208 7.69 42.17 -47.53
C THR B 208 6.67 41.04 -47.66
N ILE B 209 6.37 40.39 -46.52
CA ILE B 209 5.26 39.43 -46.40
C ILE B 209 4.28 39.93 -45.29
N PHE B 210 2.98 39.73 -45.53
CA PHE B 210 1.95 39.97 -44.52
C PHE B 210 1.03 38.76 -44.38
N THR B 211 0.85 38.29 -43.16
CA THR B 211 -0.06 37.17 -42.87
C THR B 211 -1.20 37.64 -41.97
N THR B 212 -2.44 37.36 -42.36
CA THR B 212 -3.59 37.71 -41.54
C THR B 212 -4.15 36.41 -40.96
N HIS B 213 -4.29 36.35 -39.63
CA HIS B 213 -4.85 35.15 -38.95
C HIS B 213 -6.35 35.18 -38.77
N ALA B 214 -6.96 36.29 -39.11
CA ALA B 214 -8.39 36.35 -39.43
C ALA B 214 -8.57 37.54 -40.34
N THR B 215 -9.80 38.01 -40.50
CA THR B 215 -10.03 39.35 -41.05
C THR B 215 -10.83 40.11 -40.03
N LEU B 216 -10.74 41.44 -40.09
CA LEU B 216 -11.55 42.29 -39.24
C LEU B 216 -12.99 42.07 -39.57
N LEU B 217 -13.38 42.41 -40.79
CA LEU B 217 -14.80 42.27 -41.16
C LEU B 217 -15.38 40.87 -40.90
N GLY B 218 -14.60 39.81 -41.09
CA GLY B 218 -15.11 38.45 -40.93
C GLY B 218 -15.63 38.14 -39.53
N ARG B 219 -14.79 38.48 -38.56
CA ARG B 219 -15.13 38.31 -37.14
C ARG B 219 -16.38 39.14 -36.76
N TYR B 220 -16.45 40.40 -37.18
CA TYR B 220 -17.63 41.25 -36.88
C TYR B 220 -18.94 40.85 -37.60
N LEU B 221 -18.86 40.32 -38.82
CA LEU B 221 -20.05 39.90 -39.59
C LEU B 221 -20.71 38.60 -39.08
N CYS B 222 -19.88 37.68 -38.55
CA CYS B 222 -20.37 36.43 -37.90
C CYS B 222 -20.75 36.54 -36.41
N ALA B 223 -20.50 37.70 -35.79
CA ALA B 223 -20.83 37.92 -34.38
C ALA B 223 -22.33 37.91 -34.19
N SER B 224 -23.03 38.70 -35.02
CA SER B 224 -24.50 38.67 -35.10
C SER B 224 -25.07 37.27 -34.88
N GLY B 225 -24.50 36.29 -35.60
CA GLY B 225 -24.94 34.90 -35.55
C GLY B 225 -26.21 34.66 -36.35
N SER B 226 -26.55 35.60 -37.24
CA SER B 226 -27.72 35.55 -38.12
C SER B 226 -27.36 35.74 -39.62
N PHE B 227 -26.35 36.57 -39.89
CA PHE B 227 -25.83 36.80 -41.25
C PHE B 227 -25.19 35.56 -41.87
N ASP B 228 -25.71 35.14 -43.01
CA ASP B 228 -25.15 34.02 -43.76
C ASP B 228 -23.83 34.45 -44.41
N PHE B 229 -22.73 34.10 -43.77
CA PHE B 229 -21.45 34.71 -44.06
C PHE B 229 -20.79 34.21 -45.35
N TYR B 230 -20.84 32.91 -45.58
CA TYR B 230 -20.01 32.28 -46.64
C TYR B 230 -20.63 32.43 -48.02
N ASN B 231 -21.93 32.71 -48.05
CA ASN B 231 -22.65 32.99 -49.27
C ASN B 231 -22.70 34.49 -49.58
N CYS B 232 -23.29 35.26 -48.68
CA CYS B 232 -23.42 36.71 -48.88
C CYS B 232 -22.13 37.58 -48.85
N LEU B 233 -20.94 37.03 -48.55
CA LEU B 233 -19.74 37.91 -48.47
C LEU B 233 -19.19 38.40 -49.81
N GLU B 234 -19.55 37.71 -50.89
CA GLU B 234 -19.18 38.15 -52.23
C GLU B 234 -19.85 39.48 -52.57
N SER B 235 -21.02 39.73 -51.97
CA SER B 235 -21.77 40.96 -52.15
C SER B 235 -21.88 41.87 -50.89
N VAL B 236 -20.76 42.38 -50.39
CA VAL B 236 -20.74 43.32 -49.24
C VAL B 236 -19.94 44.57 -49.59
N ASP B 237 -20.53 45.74 -49.37
CA ASP B 237 -19.79 47.00 -49.55
C ASP B 237 -18.86 47.16 -48.35
N VAL B 238 -17.58 46.82 -48.52
CA VAL B 238 -16.66 46.73 -47.38
C VAL B 238 -16.54 48.05 -46.62
N ASP B 239 -16.42 49.16 -47.36
CA ASP B 239 -16.27 50.47 -46.72
C ASP B 239 -17.51 50.83 -45.92
N HIS B 240 -18.68 50.42 -46.40
CA HIS B 240 -19.94 50.63 -45.68
C HIS B 240 -19.95 49.79 -44.39
N GLU B 241 -19.70 48.49 -44.50
CA GLU B 241 -19.76 47.59 -43.34
C GLU B 241 -18.74 47.94 -42.26
N ALA B 242 -17.54 48.26 -42.70
CA ALA B 242 -16.50 48.77 -41.83
C ALA B 242 -16.99 49.95 -41.03
N GLY B 243 -17.69 50.84 -41.72
CA GLY B 243 -18.28 52.02 -41.10
C GLY B 243 -19.40 51.69 -40.14
N ARG B 244 -20.27 50.75 -40.52
CA ARG B 244 -21.40 50.38 -39.68
C ARG B 244 -20.93 49.87 -38.32
N PHE B 245 -19.84 49.10 -38.32
CA PHE B 245 -19.30 48.54 -37.08
C PHE B 245 -18.34 49.46 -36.32
N GLY B 246 -18.01 50.60 -36.91
CA GLY B 246 -17.20 51.60 -36.25
C GLY B 246 -15.74 51.24 -36.21
N ILE B 247 -15.26 50.55 -37.26
CA ILE B 247 -13.90 50.06 -37.31
C ILE B 247 -13.22 50.49 -38.59
N TYR B 248 -13.67 51.59 -39.18
CA TYR B 248 -13.17 51.98 -40.49
C TYR B 248 -11.66 52.22 -40.46
N HIS B 249 -11.21 52.96 -39.45
CA HIS B 249 -9.77 53.13 -39.18
C HIS B 249 -8.98 51.81 -39.19
N ARG B 250 -9.48 50.80 -38.47
CA ARG B 250 -8.77 49.54 -38.31
C ARG B 250 -8.73 48.80 -39.62
N TYR B 251 -9.90 48.63 -40.22
CA TYR B 251 -10.02 48.02 -41.54
C TYR B 251 -9.02 48.60 -42.54
N CYS B 252 -8.90 49.92 -42.58
CA CYS B 252 -7.96 50.59 -43.53
C CYS B 252 -6.52 50.13 -43.36
N ILE B 253 -6.11 49.90 -42.12
CA ILE B 253 -4.77 49.42 -41.80
C ILE B 253 -4.59 48.01 -42.34
N GLU B 254 -5.53 47.14 -42.00
CA GLU B 254 -5.50 45.77 -42.48
C GLU B 254 -5.47 45.70 -44.00
N ARG B 255 -6.31 46.51 -44.65
CA ARG B 255 -6.36 46.55 -46.10
C ARG B 255 -5.03 47.05 -46.65
N ALA B 256 -4.53 48.14 -46.06
CA ALA B 256 -3.28 48.75 -46.49
C ALA B 256 -2.12 47.78 -46.37
N ALA B 257 -1.98 47.16 -45.20
CA ALA B 257 -1.03 46.07 -44.95
C ALA B 257 -1.11 44.99 -46.03
N ALA B 258 -2.31 44.48 -46.29
CA ALA B 258 -2.49 43.44 -47.29
C ALA B 258 -2.08 43.88 -48.70
N HIS B 259 -2.37 45.12 -49.08
CA HIS B 259 -2.04 45.60 -50.45
C HIS B 259 -0.58 46.02 -50.66
N SER B 260 0.09 46.43 -49.58
CA SER B 260 1.49 46.86 -49.68
C SER B 260 2.45 45.71 -49.80
N ALA B 261 2.10 44.56 -49.25
CA ALA B 261 3.05 43.44 -49.10
C ALA B 261 3.32 42.68 -50.40
N ASP B 262 4.61 42.51 -50.75
CA ASP B 262 5.03 41.73 -51.94
C ASP B 262 4.37 40.34 -52.00
N VAL B 263 4.10 39.76 -50.82
CA VAL B 263 3.33 38.52 -50.67
C VAL B 263 2.26 38.67 -49.59
N PHE B 264 1.03 38.28 -49.91
CA PHE B 264 -0.08 38.30 -48.97
C PHE B 264 -0.40 36.88 -48.63
N THR B 265 -0.59 36.63 -47.33
CA THR B 265 -0.84 35.30 -46.81
C THR B 265 -1.93 35.29 -45.75
N THR B 266 -2.54 34.13 -45.59
CA THR B 266 -3.48 33.84 -44.53
C THR B 266 -3.12 32.48 -43.95
N VAL B 267 -3.75 32.11 -42.83
CA VAL B 267 -3.48 30.81 -42.18
C VAL B 267 -4.26 29.60 -42.71
N SER B 268 -5.11 29.80 -43.71
CA SER B 268 -5.93 28.71 -44.24
C SER B 268 -6.58 29.07 -45.58
N GLN B 269 -7.05 28.05 -46.28
CA GLN B 269 -7.73 28.27 -47.57
C GLN B 269 -9.05 28.99 -47.40
N ILE B 270 -9.78 28.63 -46.34
CA ILE B 270 -11.07 29.24 -46.05
C ILE B 270 -10.93 30.71 -45.72
N THR B 271 -9.91 31.08 -44.98
CA THR B 271 -9.67 32.49 -44.67
C THR B 271 -9.04 33.24 -45.84
N ALA B 272 -8.41 32.52 -46.76
CA ALA B 272 -7.93 33.13 -47.99
C ALA B 272 -9.10 33.56 -48.85
N PHE B 273 -10.12 32.72 -48.92
CA PHE B 273 -11.35 33.02 -49.66
C PHE B 273 -12.04 34.25 -49.09
N GLU B 274 -12.23 34.22 -47.79
CA GLU B 274 -12.72 35.33 -46.97
C GLU B 274 -11.91 36.63 -47.19
N ALA B 275 -10.59 36.51 -47.28
CA ALA B 275 -9.69 37.67 -47.42
C ALA B 275 -9.76 38.31 -48.78
N GLU B 276 -9.89 37.49 -49.81
CA GLU B 276 -9.91 37.99 -51.18
C GLU B 276 -11.02 38.98 -51.36
N HIS B 277 -12.20 38.62 -50.91
CA HIS B 277 -13.38 39.45 -51.05
C HIS B 277 -13.45 40.59 -50.03
N LEU B 278 -12.95 40.40 -48.81
CA LEU B 278 -13.06 41.43 -47.77
C LEU B 278 -11.87 42.36 -47.72
N LEU B 279 -10.70 41.86 -48.02
CA LEU B 279 -9.53 42.73 -48.13
C LEU B 279 -9.17 43.07 -49.56
N LYS B 280 -9.95 42.56 -50.51
CA LYS B 280 -9.81 42.94 -51.93
C LYS B 280 -8.44 42.56 -52.52
N ARG B 281 -8.00 41.35 -52.19
CA ARG B 281 -6.76 40.83 -52.75
C ARG B 281 -6.68 39.32 -52.60
N LYS B 282 -6.52 38.60 -53.72
CA LYS B 282 -6.31 37.18 -53.66
C LYS B 282 -4.95 36.93 -53.00
N PRO B 283 -4.92 36.20 -51.86
CA PRO B 283 -3.63 35.90 -51.26
C PRO B 283 -2.86 34.90 -52.09
N ASP B 284 -1.55 34.96 -51.94
CA ASP B 284 -0.63 34.17 -52.74
C ASP B 284 -0.46 32.77 -52.17
N GLY B 285 -0.72 32.61 -50.87
CA GLY B 285 -0.77 31.28 -50.28
C GLY B 285 -1.02 31.17 -48.79
N ILE B 286 -0.94 29.92 -48.35
CA ILE B 286 -1.36 29.49 -47.05
C ILE B 286 -0.12 29.22 -46.19
N LEU B 287 -0.10 29.85 -45.01
CA LEU B 287 0.82 29.55 -43.92
C LEU B 287 0.08 28.98 -42.71
N PRO B 288 -0.30 27.71 -42.78
CA PRO B 288 -1.06 27.14 -41.70
C PRO B 288 -0.15 26.90 -40.49
N ASN B 289 -0.78 26.81 -39.33
CA ASN B 289 -0.07 26.76 -38.06
C ASN B 289 0.25 25.33 -37.68
N GLY B 290 1.53 25.03 -37.72
CA GLY B 290 2.04 23.83 -37.12
C GLY B 290 2.12 23.93 -35.61
N LEU B 291 2.50 22.79 -35.03
CA LEU B 291 2.78 22.63 -33.63
C LEU B 291 4.19 22.09 -33.46
N ASN B 292 4.66 22.13 -32.23
CA ASN B 292 5.96 21.61 -31.87
C ASN B 292 5.73 20.23 -31.26
N VAL B 293 5.46 19.27 -32.14
CA VAL B 293 4.94 17.94 -31.75
C VAL B 293 6.05 17.16 -31.07
N ILE B 294 5.89 16.95 -29.76
CA ILE B 294 6.88 16.25 -28.94
C ILE B 294 6.62 14.74 -28.94
N LYS B 295 7.50 13.99 -29.61
CA LYS B 295 7.31 12.54 -29.79
C LYS B 295 7.58 11.76 -28.52
N PHE B 296 7.07 10.53 -28.46
CA PHE B 296 7.39 9.58 -27.39
C PHE B 296 8.35 8.54 -27.92
N GLN B 297 9.28 8.12 -27.07
CA GLN B 297 10.26 7.06 -27.41
C GLN B 297 9.63 5.76 -27.96
N ALA B 298 8.47 5.36 -27.44
CA ALA B 298 7.79 4.14 -27.82
C ALA B 298 6.43 4.51 -28.36
N PHE B 299 6.17 4.23 -29.64
CA PHE B 299 4.96 4.72 -30.31
C PHE B 299 3.66 4.49 -29.53
N HIS B 300 3.51 3.28 -29.03
CA HIS B 300 2.34 2.85 -28.28
C HIS B 300 2.16 3.47 -26.91
N GLU B 301 3.09 4.27 -26.45
CA GLU B 301 2.95 4.91 -25.15
C GLU B 301 1.69 5.74 -25.08
N PHE B 302 1.36 6.40 -26.19
CA PHE B 302 0.20 7.28 -26.25
C PHE B 302 -1.08 6.53 -25.95
N GLN B 303 -1.14 5.26 -26.34
CA GLN B 303 -2.28 4.38 -25.99
C GLN B 303 -2.39 4.11 -24.51
N ASN B 304 -1.26 3.93 -23.85
CA ASN B 304 -1.25 3.65 -22.43
C ASN B 304 -1.73 4.86 -21.64
N LEU B 305 -1.29 6.05 -22.03
CA LEU B 305 -1.79 7.29 -21.41
C LEU B 305 -3.30 7.43 -21.56
N HIS B 306 -3.79 7.23 -22.79
CA HIS B 306 -5.23 7.27 -23.03
C HIS B 306 -5.94 6.45 -21.99
N ALA B 307 -5.49 5.22 -21.77
CA ALA B 307 -6.15 4.36 -20.80
C ALA B 307 -5.98 4.81 -19.38
N LEU B 308 -4.84 5.42 -19.07
CA LEU B 308 -4.64 6.03 -17.75
C LEU B 308 -5.56 7.18 -17.54
N LYS B 309 -5.56 8.11 -18.49
CA LYS B 309 -6.29 9.33 -18.33
C LYS B 309 -7.78 9.05 -18.39
N LYS B 310 -8.19 8.09 -19.19
CA LYS B 310 -9.57 7.66 -19.19
C LYS B 310 -10.02 7.10 -17.83
N GLU B 311 -9.08 6.63 -17.02
CA GLU B 311 -9.48 6.17 -15.71
C GLU B 311 -9.86 7.32 -14.81
N LYS B 312 -9.10 8.40 -14.88
CA LYS B 312 -9.50 9.60 -14.16
C LYS B 312 -10.86 10.16 -14.59
N ILE B 313 -11.22 10.05 -15.87
CA ILE B 313 -12.54 10.44 -16.32
C ILE B 313 -13.55 9.50 -15.70
N ASN B 314 -13.35 8.19 -15.86
CA ASN B 314 -14.26 7.15 -15.27
C ASN B 314 -14.59 7.35 -13.80
N ASP B 315 -13.56 7.76 -13.08
CA ASP B 315 -13.67 8.12 -11.68
C ASP B 315 -14.60 9.29 -11.51
N PHE B 316 -14.40 10.35 -12.29
CA PHE B 316 -15.30 11.52 -12.25
C PHE B 316 -16.75 11.16 -12.50
N VAL B 317 -16.97 10.37 -13.55
CA VAL B 317 -18.29 9.90 -13.96
C VAL B 317 -18.96 9.06 -12.86
N ARG B 318 -18.19 8.19 -12.22
CA ARG B 318 -18.75 7.32 -11.18
C ARG B 318 -19.37 8.12 -10.05
N GLY B 319 -18.65 9.16 -9.64
CA GLY B 319 -19.21 10.19 -8.77
C GLY B 319 -20.45 10.82 -9.36
N HIS B 320 -20.35 11.32 -10.58
CA HIS B 320 -21.42 12.13 -11.18
C HIS B 320 -22.75 11.45 -11.26
N PHE B 321 -22.72 10.17 -11.58
CA PHE B 321 -23.93 9.36 -11.68
C PHE B 321 -24.23 8.52 -10.42
N HIS B 322 -23.57 8.84 -9.29
CA HIS B 322 -23.77 8.11 -8.04
C HIS B 322 -25.26 8.07 -7.77
N GLY B 323 -25.77 6.90 -7.43
CA GLY B 323 -27.18 6.72 -7.19
C GLY B 323 -27.93 6.35 -8.44
N CYS B 324 -27.61 6.98 -9.58
CA CYS B 324 -28.22 6.72 -10.88
C CYS B 324 -27.25 6.11 -11.93
N PHE B 325 -26.41 5.14 -11.50
CA PHE B 325 -25.34 4.51 -12.36
C PHE B 325 -25.65 3.13 -13.01
N ASP B 326 -26.43 3.17 -14.09
CA ASP B 326 -27.01 1.98 -14.72
C ASP B 326 -26.27 1.46 -15.98
N PHE B 327 -25.04 1.91 -16.24
CA PHE B 327 -24.36 1.61 -17.49
C PHE B 327 -22.94 1.18 -17.26
N ASP B 328 -22.29 0.76 -18.34
CA ASP B 328 -20.99 0.10 -18.30
C ASP B 328 -19.84 0.95 -18.88
N LEU B 329 -18.98 1.48 -18.02
CA LEU B 329 -17.88 2.35 -18.45
C LEU B 329 -16.87 1.67 -19.38
N ASP B 330 -16.94 0.34 -19.42
CA ASP B 330 -16.11 -0.39 -20.36
C ASP B 330 -16.65 -0.37 -21.76
N ASN B 331 -17.88 0.16 -21.87
CA ASN B 331 -18.62 0.16 -23.11
C ASN B 331 -19.29 1.54 -23.24
N THR B 332 -18.51 2.57 -22.90
CA THR B 332 -18.95 3.94 -22.77
C THR B 332 -17.93 4.79 -23.52
N LEU B 333 -18.38 5.85 -24.19
CA LEU B 333 -17.47 6.69 -24.97
C LEU B 333 -17.57 8.12 -24.55
N TYR B 334 -16.51 8.88 -24.73
CA TYR B 334 -16.40 10.22 -24.17
C TYR B 334 -16.18 11.17 -25.32
N PHE B 335 -17.23 11.89 -25.72
CA PHE B 335 -17.08 12.97 -26.70
C PHE B 335 -16.93 14.25 -25.91
N PHE B 336 -16.20 15.20 -26.46
CA PHE B 336 -16.19 16.55 -25.89
C PHE B 336 -16.08 17.63 -26.94
N ILE B 337 -16.50 18.81 -26.56
CA ILE B 337 -16.23 20.02 -27.30
C ILE B 337 -15.58 20.92 -26.28
N ALA B 338 -14.68 21.80 -26.74
CA ALA B 338 -13.98 22.69 -25.81
C ALA B 338 -13.54 23.99 -26.45
N GLY B 339 -13.47 25.04 -25.63
CA GLY B 339 -12.87 26.31 -26.06
C GLY B 339 -13.58 27.51 -25.47
N ARG B 340 -13.22 28.71 -25.97
CA ARG B 340 -13.97 29.97 -25.74
C ARG B 340 -15.48 29.73 -25.99
N TYR B 341 -16.30 30.36 -25.14
CA TYR B 341 -17.73 30.19 -25.19
C TYR B 341 -18.26 31.08 -26.30
N GLU B 342 -18.20 30.58 -27.54
CA GLU B 342 -18.87 31.19 -28.68
C GLU B 342 -19.90 30.18 -29.12
N TYR B 343 -21.09 30.29 -28.53
CA TYR B 343 -22.16 29.36 -28.79
C TYR B 343 -22.32 29.06 -30.26
N LYS B 344 -22.35 30.11 -31.09
CA LYS B 344 -22.70 29.93 -32.49
C LYS B 344 -21.49 29.65 -33.34
N ASN B 345 -20.41 30.39 -33.16
CA ASN B 345 -19.22 30.16 -33.98
C ASN B 345 -18.55 28.81 -33.74
N LYS B 346 -18.38 28.41 -32.49
CA LYS B 346 -17.73 27.13 -32.18
C LYS B 346 -18.67 25.95 -32.42
N GLY B 347 -19.95 26.22 -32.55
CA GLY B 347 -20.90 25.20 -32.95
C GLY B 347 -21.40 24.37 -31.81
N ALA B 348 -21.53 24.97 -30.64
CA ALA B 348 -22.15 24.29 -29.52
C ALA B 348 -23.59 23.94 -29.87
N ASP B 349 -24.27 24.86 -30.56
CA ASP B 349 -25.65 24.66 -31.02
C ASP B 349 -25.83 23.36 -31.78
N MET B 350 -24.98 23.13 -32.79
CA MET B 350 -25.01 21.90 -33.60
C MET B 350 -24.69 20.69 -32.77
N PHE B 351 -23.66 20.84 -31.95
CA PHE B 351 -23.18 19.76 -31.11
C PHE B 351 -24.34 19.23 -30.28
N ILE B 352 -25.01 20.12 -29.57
CA ILE B 352 -26.05 19.72 -28.63
C ILE B 352 -27.21 19.08 -29.37
N GLU B 353 -27.65 19.74 -30.44
CA GLU B 353 -28.70 19.23 -31.37
C GLU B 353 -28.33 17.86 -31.95
N ALA B 354 -27.15 17.76 -32.55
CA ALA B 354 -26.66 16.50 -33.12
C ALA B 354 -26.66 15.37 -32.09
N LEU B 355 -26.31 15.69 -30.83
CA LEU B 355 -26.28 14.71 -29.73
C LEU B 355 -27.66 14.24 -29.33
N ALA B 356 -28.60 15.19 -29.32
CA ALA B 356 -30.00 14.91 -29.01
C ALA B 356 -30.59 13.89 -29.95
N ARG B 357 -30.24 14.04 -31.24
CA ARG B 357 -30.59 13.12 -32.31
C ARG B 357 -29.84 11.82 -32.25
N LEU B 358 -28.53 11.91 -32.01
CA LEU B 358 -27.71 10.72 -31.83
C LEU B 358 -28.28 9.84 -30.75
N ASN B 359 -28.86 10.47 -29.74
CA ASN B 359 -29.55 9.75 -28.66
C ASN B 359 -30.73 8.93 -29.18
N TYR B 360 -31.52 9.56 -30.01
CA TYR B 360 -32.66 8.89 -30.59
C TYR B 360 -32.24 7.71 -31.45
N ARG B 361 -31.23 7.90 -32.28
CA ARG B 361 -30.73 6.82 -33.11
C ARG B 361 -30.25 5.59 -32.33
N LEU B 362 -29.42 5.84 -31.31
CA LEU B 362 -28.90 4.79 -30.44
C LEU B 362 -29.99 4.07 -29.63
N LYS B 363 -31.05 4.79 -29.25
CA LYS B 363 -32.15 4.18 -28.51
C LYS B 363 -32.94 3.23 -29.43
N VAL B 364 -33.28 3.73 -30.62
CA VAL B 364 -33.96 2.99 -31.69
C VAL B 364 -33.23 1.71 -32.10
N SER B 365 -31.93 1.80 -32.28
CA SER B 365 -31.10 0.65 -32.64
C SER B 365 -30.84 -0.36 -31.51
N GLY B 366 -31.36 -0.09 -30.32
CA GLY B 366 -31.18 -1.01 -29.20
C GLY B 366 -29.73 -1.25 -28.79
N SER B 367 -28.87 -0.27 -29.05
CA SER B 367 -27.46 -0.39 -28.71
C SER B 367 -27.35 -0.30 -27.22
N LYS B 368 -26.33 -0.96 -26.68
CA LYS B 368 -26.03 -0.94 -25.23
C LYS B 368 -24.88 0.02 -24.89
N LYS B 369 -24.31 0.68 -25.90
CA LYS B 369 -23.27 1.69 -25.63
C LYS B 369 -23.89 2.92 -24.99
N THR B 370 -23.03 3.72 -24.35
CA THR B 370 -23.41 5.02 -23.77
C THR B 370 -22.42 6.08 -24.17
N VAL B 371 -22.89 7.27 -24.47
CA VAL B 371 -22.01 8.40 -24.77
C VAL B 371 -22.09 9.46 -23.68
N VAL B 372 -21.01 9.71 -22.95
CA VAL B 372 -20.99 10.80 -21.99
C VAL B 372 -20.26 11.93 -22.70
N ALA B 373 -21.01 13.00 -22.95
CA ALA B 373 -20.57 14.17 -23.76
C ALA B 373 -20.24 15.41 -22.90
N PHE B 374 -19.04 15.97 -23.07
CA PHE B 374 -18.57 17.05 -22.20
C PHE B 374 -18.58 18.33 -22.98
N ILE B 375 -18.96 19.41 -22.31
CA ILE B 375 -18.81 20.76 -22.85
C ILE B 375 -17.85 21.52 -21.93
N VAL B 376 -16.69 21.91 -22.47
CA VAL B 376 -15.70 22.61 -21.68
C VAL B 376 -15.55 23.98 -22.30
N MET B 377 -16.48 24.88 -21.92
CA MET B 377 -16.45 26.27 -22.33
C MET B 377 -16.66 27.14 -21.11
N PRO B 378 -15.72 28.04 -20.82
CA PRO B 378 -15.85 28.80 -19.59
C PRO B 378 -16.93 29.84 -19.72
N ALA B 379 -17.86 29.81 -18.77
CA ALA B 379 -18.93 30.79 -18.58
C ALA B 379 -18.87 31.35 -17.15
N LYS B 380 -19.47 32.50 -16.87
CA LYS B 380 -19.44 33.05 -15.49
C LYS B 380 -20.14 32.10 -14.50
N ASN B 381 -19.47 31.77 -13.39
CA ASN B 381 -20.01 30.83 -12.41
C ASN B 381 -19.57 31.15 -11.01
N ASN B 382 -20.20 30.53 -10.00
CA ASN B 382 -19.76 30.59 -8.59
C ASN B 382 -19.25 29.22 -8.13
N SER B 383 -18.16 28.87 -8.77
CA SER B 383 -17.46 27.62 -8.57
C SER B 383 -18.40 26.39 -8.70
N PHE B 384 -18.01 25.32 -8.04
CA PHE B 384 -18.65 24.04 -8.15
C PHE B 384 -19.90 24.05 -7.33
N THR B 385 -20.71 23.03 -7.56
CA THR B 385 -21.92 22.79 -6.81
C THR B 385 -21.50 21.95 -5.62
N VAL B 386 -22.29 22.01 -4.55
CA VAL B 386 -22.11 21.10 -3.43
C VAL B 386 -22.34 19.69 -3.93
N GLU B 387 -23.40 19.49 -4.74
CA GLU B 387 -23.76 18.15 -5.21
C GLU B 387 -22.66 17.49 -6.01
N ALA B 388 -21.82 18.29 -6.65
CA ALA B 388 -20.69 17.73 -7.39
C ALA B 388 -19.63 17.22 -6.45
N LEU B 389 -19.21 18.10 -5.54
CA LEU B 389 -18.14 17.81 -4.58
C LEU B 389 -18.53 16.72 -3.61
N LYS B 390 -19.79 16.75 -3.20
CA LYS B 390 -20.30 15.86 -2.19
C LYS B 390 -20.39 14.40 -2.61
N GLY B 391 -20.76 14.16 -3.85
CA GLY B 391 -20.87 12.80 -4.36
C GLY B 391 -19.55 12.22 -4.79
N GLN B 392 -18.61 13.07 -5.14
CA GLN B 392 -17.29 12.62 -5.46
C GLN B 392 -16.65 12.19 -4.14
N ALA B 393 -16.94 12.90 -3.06
CA ALA B 393 -16.56 12.43 -1.71
C ALA B 393 -17.24 11.14 -1.25
N GLU B 394 -18.54 11.01 -1.49
CA GLU B 394 -19.28 9.81 -1.10
C GLU B 394 -18.84 8.54 -1.86
N VAL B 395 -18.31 8.72 -3.06
CA VAL B 395 -17.78 7.63 -3.86
C VAL B 395 -16.38 7.23 -3.36
N ARG B 396 -15.56 8.19 -2.92
CA ARG B 396 -14.30 7.84 -2.26
C ARG B 396 -14.52 7.12 -0.97
N ALA B 397 -15.54 7.55 -0.23
CA ALA B 397 -15.91 6.89 1.00
C ALA B 397 -16.21 5.40 0.79
N LEU B 398 -16.86 5.08 -0.32
CA LEU B 398 -17.12 3.70 -0.66
C LEU B 398 -15.82 3.03 -1.02
N GLU B 399 -15.05 3.62 -1.95
CA GLU B 399 -13.70 3.13 -2.36
C GLU B 399 -12.93 2.70 -1.12
N ASN B 400 -12.82 3.59 -0.12
CA ASN B 400 -12.07 3.29 1.12
C ASN B 400 -12.64 2.20 2.01
N THR B 401 -13.92 2.26 2.32
CA THR B 401 -14.53 1.19 3.08
C THR B 401 -14.33 -0.15 2.39
N VAL B 402 -14.40 -0.18 1.06
CA VAL B 402 -14.17 -1.41 0.30
C VAL B 402 -12.77 -1.89 0.49
N HIS B 403 -11.80 -0.99 0.42
CA HIS B 403 -10.41 -1.36 0.62
C HIS B 403 -10.16 -1.98 2.01
N GLU B 404 -10.70 -1.37 3.07
CA GLU B 404 -10.66 -1.97 4.41
C GLU B 404 -11.23 -3.37 4.50
N VAL B 405 -12.40 -3.55 3.90
CA VAL B 405 -13.09 -4.82 3.89
C VAL B 405 -12.26 -5.85 3.16
N THR B 406 -11.62 -5.47 2.06
CA THR B 406 -10.86 -6.47 1.31
C THR B 406 -9.59 -6.85 2.05
N THR B 407 -9.03 -5.94 2.83
CA THR B 407 -7.93 -6.29 3.75
C THR B 407 -8.36 -7.43 4.69
N SER B 408 -9.55 -7.32 5.29
CA SER B 408 -10.09 -8.35 6.18
C SER B 408 -10.29 -9.65 5.46
N ILE B 409 -10.89 -9.61 4.26
CA ILE B 409 -11.06 -10.80 3.43
C ILE B 409 -9.70 -11.46 3.18
N GLY B 410 -8.69 -10.67 2.85
CA GLY B 410 -7.33 -11.16 2.65
C GLY B 410 -6.81 -11.98 3.81
N LYS B 411 -6.93 -11.44 5.02
CA LYS B 411 -6.57 -12.20 6.22
C LYS B 411 -7.29 -13.55 6.23
N ARG B 412 -8.59 -13.54 6.00
CA ARG B 412 -9.40 -14.76 6.08
C ARG B 412 -9.02 -15.83 5.04
N ILE B 413 -8.76 -15.38 3.81
CA ILE B 413 -8.26 -16.26 2.74
C ILE B 413 -6.92 -16.85 3.11
N PHE B 414 -5.99 -15.98 3.51
CA PHE B 414 -4.64 -16.40 3.87
C PHE B 414 -4.60 -17.39 5.01
N ASP B 415 -5.54 -17.28 5.94
CA ASP B 415 -5.57 -18.22 7.05
C ASP B 415 -6.00 -19.57 6.55
N HIS B 416 -7.04 -19.61 5.72
CA HIS B 416 -7.52 -20.85 5.12
C HIS B 416 -6.44 -21.49 4.29
N ALA B 417 -5.74 -20.69 3.49
CA ALA B 417 -4.71 -21.19 2.59
C ALA B 417 -3.54 -21.81 3.34
N ILE B 418 -3.11 -21.19 4.44
CA ILE B 418 -1.96 -21.68 5.21
C ILE B 418 -2.32 -22.76 6.23
N ARG B 419 -3.60 -22.88 6.57
CA ARG B 419 -4.10 -23.90 7.51
C ARG B 419 -4.57 -25.19 6.83
N TYR B 420 -4.91 -25.11 5.55
CA TYR B 420 -5.23 -26.31 4.75
C TYR B 420 -4.00 -27.22 4.76
N PRO B 421 -4.18 -28.55 4.90
CA PRO B 421 -5.48 -29.26 4.97
C PRO B 421 -5.98 -29.61 6.37
N HIS B 422 -5.54 -28.88 7.38
CA HIS B 422 -5.80 -29.29 8.76
C HIS B 422 -7.10 -28.68 9.27
N ASN B 423 -7.43 -28.99 10.52
CA ASN B 423 -8.56 -28.41 11.23
C ASN B 423 -9.88 -28.64 10.53
N GLY B 424 -9.95 -29.69 9.71
CA GLY B 424 -11.15 -30.00 8.95
C GLY B 424 -11.41 -29.13 7.74
N LEU B 425 -10.40 -28.41 7.25
CA LEU B 425 -10.52 -27.63 6.00
C LEU B 425 -10.41 -28.58 4.81
N THR B 426 -11.57 -29.00 4.31
CA THR B 426 -11.67 -30.01 3.28
C THR B 426 -11.26 -29.46 1.88
N THR B 427 -11.69 -28.23 1.57
CA THR B 427 -11.30 -27.55 0.33
C THR B 427 -10.06 -26.68 0.55
N GLU B 428 -9.28 -26.48 -0.52
CA GLU B 428 -8.04 -25.69 -0.46
C GLU B 428 -8.32 -24.19 -0.23
N LEU B 429 -9.39 -23.70 -0.85
CA LEU B 429 -9.83 -22.32 -0.69
C LEU B 429 -11.19 -22.28 0.00
N PRO B 430 -11.58 -21.10 0.50
CA PRO B 430 -12.94 -20.97 1.01
C PRO B 430 -13.93 -21.12 -0.14
N THR B 431 -15.19 -21.37 0.22
CA THR B 431 -16.25 -21.53 -0.77
C THR B 431 -17.46 -20.68 -0.43
N ASP B 432 -17.95 -20.78 0.81
CA ASP B 432 -19.02 -19.92 1.28
C ASP B 432 -18.50 -18.48 1.37
N LEU B 433 -19.25 -17.51 0.86
CA LEU B 433 -18.87 -16.10 1.00
C LEU B 433 -18.85 -15.66 2.48
N GLY B 434 -19.70 -16.27 3.31
CA GLY B 434 -19.77 -15.95 4.74
C GLY B 434 -18.51 -16.20 5.55
N GLU B 435 -17.68 -17.13 5.10
CA GLU B 435 -16.35 -17.36 5.69
C GLU B 435 -15.45 -16.13 5.59
N LEU B 436 -15.66 -15.30 4.58
CA LEU B 436 -14.84 -14.14 4.30
C LEU B 436 -15.47 -12.80 4.69
N LEU B 437 -16.80 -12.70 4.64
CA LEU B 437 -17.50 -11.43 4.71
C LEU B 437 -18.49 -11.45 5.85
N LYS B 438 -18.23 -10.62 6.86
CA LYS B 438 -18.93 -10.68 8.13
C LYS B 438 -19.89 -9.50 8.34
N SER B 439 -20.74 -9.61 9.34
CA SER B 439 -21.77 -8.60 9.61
C SER B 439 -21.19 -7.21 9.70
N SER B 440 -20.15 -7.05 10.52
CA SER B 440 -19.47 -5.75 10.64
C SER B 440 -19.00 -5.18 9.28
N ASP B 441 -18.54 -6.06 8.40
CA ASP B 441 -18.10 -5.65 7.06
C ASP B 441 -19.29 -5.22 6.21
N LYS B 442 -20.35 -6.03 6.19
CA LYS B 442 -21.57 -5.75 5.42
C LYS B 442 -22.20 -4.44 5.83
N VAL B 443 -22.31 -4.23 7.15
CA VAL B 443 -22.96 -3.03 7.67
C VAL B 443 -22.26 -1.78 7.15
N MET B 444 -20.94 -1.76 7.16
CA MET B 444 -20.22 -0.61 6.62
C MET B 444 -20.67 -0.40 5.18
N LEU B 445 -20.47 -1.42 4.36
CA LEU B 445 -20.70 -1.32 2.92
C LEU B 445 -22.11 -0.83 2.59
N LYS B 446 -23.08 -1.29 3.37
CA LYS B 446 -24.44 -0.86 3.16
C LYS B 446 -24.63 0.61 3.47
N ARG B 447 -24.02 1.09 4.55
CA ARG B 447 -24.09 2.52 4.91
C ARG B 447 -23.46 3.41 3.85
N ARG B 448 -22.33 2.98 3.31
CA ARG B 448 -21.66 3.72 2.24
C ARG B 448 -22.50 3.72 0.97
N ILE B 449 -23.30 2.67 0.78
CA ILE B 449 -24.17 2.52 -0.39
C ILE B 449 -25.35 3.44 -0.26
N LEU B 450 -26.00 3.42 0.89
CA LEU B 450 -27.07 4.35 1.19
C LEU B 450 -26.69 5.83 1.04
N ALA B 451 -25.45 6.16 1.37
CA ALA B 451 -24.95 7.50 1.14
C ALA B 451 -24.94 7.94 -0.33
N LEU B 452 -24.90 6.97 -1.24
CA LEU B 452 -24.91 7.26 -2.68
C LEU B 452 -26.31 7.37 -3.27
N ARG B 453 -27.31 6.83 -2.55
CA ARG B 453 -28.70 6.89 -2.98
C ARG B 453 -29.07 8.33 -3.30
N ARG B 454 -29.75 8.52 -4.43
CA ARG B 454 -30.24 9.83 -4.81
C ARG B 454 -31.67 9.95 -4.35
N PRO B 455 -32.19 11.19 -4.24
CA PRO B 455 -33.59 11.40 -3.89
C PRO B 455 -34.60 10.72 -4.79
N GLU B 456 -35.86 10.81 -4.40
CA GLU B 456 -36.99 10.42 -5.22
C GLU B 456 -36.89 11.13 -6.58
N GLY B 457 -36.57 10.37 -7.63
CA GLY B 457 -36.53 10.88 -9.00
C GLY B 457 -35.54 11.97 -9.44
N GLN B 458 -34.58 12.35 -8.60
CA GLN B 458 -33.52 13.26 -9.05
C GLN B 458 -32.67 12.59 -10.11
N LEU B 459 -32.30 13.34 -11.14
CA LEU B 459 -31.44 12.82 -12.20
C LEU B 459 -30.08 13.45 -12.06
N PRO B 460 -29.05 12.79 -12.59
CA PRO B 460 -27.71 13.38 -12.60
C PRO B 460 -27.69 14.73 -13.27
N PRO B 461 -26.91 15.68 -12.76
CA PRO B 461 -27.00 17.00 -13.37
C PRO B 461 -26.38 17.11 -14.74
N ILE B 462 -26.74 18.18 -15.43
CA ILE B 462 -26.14 18.55 -16.71
C ILE B 462 -25.06 19.63 -16.58
N VAL B 463 -24.74 20.04 -15.33
CA VAL B 463 -23.76 21.06 -15.11
C VAL B 463 -23.05 20.87 -13.78
N THR B 464 -21.75 21.13 -13.78
CA THR B 464 -20.93 20.87 -12.61
C THR B 464 -20.87 22.07 -11.70
N HIS B 465 -21.31 23.23 -12.16
CA HIS B 465 -21.11 24.48 -11.43
C HIS B 465 -22.43 25.15 -11.16
N ASN B 466 -22.37 26.11 -10.25
CA ASN B 466 -23.41 27.12 -10.12
C ASN B 466 -23.14 28.24 -11.09
N MET B 467 -24.07 28.43 -12.01
CA MET B 467 -23.93 29.46 -13.03
C MET B 467 -24.42 30.75 -12.42
N VAL B 468 -23.82 31.87 -12.82
CA VAL B 468 -24.27 33.23 -12.47
C VAL B 468 -25.64 33.47 -13.04
N ASP B 469 -25.75 33.33 -14.36
CA ASP B 469 -26.96 33.67 -15.08
C ASP B 469 -27.53 32.44 -15.75
N ASP B 470 -27.87 31.47 -14.90
CA ASP B 470 -28.27 30.10 -15.31
C ASP B 470 -29.43 30.11 -16.30
N ALA B 471 -30.45 30.90 -16.02
CA ALA B 471 -31.66 30.93 -16.86
C ALA B 471 -31.44 31.49 -18.26
N ASN B 472 -30.47 32.37 -18.41
CA ASN B 472 -30.10 32.89 -19.72
C ASN B 472 -28.93 32.21 -20.39
N ASP B 473 -28.36 31.16 -19.80
CA ASP B 473 -27.18 30.58 -20.44
C ASP B 473 -27.52 29.78 -21.72
N LEU B 474 -26.94 30.19 -22.85
CA LEU B 474 -27.22 29.56 -24.16
C LEU B 474 -27.09 28.04 -24.22
N ILE B 475 -25.96 27.56 -23.71
CA ILE B 475 -25.62 26.15 -23.73
C ILE B 475 -26.68 25.41 -22.93
N LEU B 476 -26.91 25.85 -21.71
CA LEU B 476 -27.89 25.21 -20.84
C LEU B 476 -29.34 25.28 -21.35
N ASN B 477 -29.74 26.43 -21.88
CA ASN B 477 -31.07 26.53 -22.47
C ASN B 477 -31.23 25.55 -23.64
N LYS B 478 -30.17 25.43 -24.45
CA LYS B 478 -30.15 24.51 -25.57
C LYS B 478 -30.24 23.04 -25.16
N ILE B 479 -29.62 22.66 -24.05
CA ILE B 479 -29.70 21.28 -23.54
C ILE B 479 -31.09 20.99 -23.02
N ARG B 480 -31.65 21.99 -22.32
CA ARG B 480 -33.00 21.92 -21.74
C ARG B 480 -34.06 21.88 -22.79
N GLN B 481 -33.78 22.60 -23.88
CA GLN B 481 -34.67 22.62 -25.02
C GLN B 481 -34.74 21.24 -25.71
N VAL B 482 -33.60 20.64 -26.04
CA VAL B 482 -33.57 19.28 -26.64
C VAL B 482 -33.80 18.15 -25.64
N GLN B 483 -33.85 18.49 -24.36
CA GLN B 483 -34.24 17.60 -23.28
C GLN B 483 -33.29 16.42 -23.04
N LEU B 484 -32.00 16.68 -23.03
CA LEU B 484 -31.01 15.73 -22.56
C LEU B 484 -30.77 16.00 -21.07
N PHE B 485 -31.44 15.22 -20.23
CA PHE B 485 -31.42 15.42 -18.78
C PHE B 485 -30.79 14.24 -18.06
N ASN B 486 -30.00 13.45 -18.77
CA ASN B 486 -29.32 12.30 -18.18
C ASN B 486 -30.21 11.32 -17.46
N SER B 487 -31.46 11.20 -17.90
CA SER B 487 -32.33 10.15 -17.41
C SER B 487 -31.79 8.83 -17.94
N PRO B 488 -32.01 7.72 -17.21
CA PRO B 488 -31.33 6.46 -17.50
C PRO B 488 -31.44 5.95 -18.93
N SER B 489 -32.63 6.06 -19.52
CA SER B 489 -32.90 5.57 -20.89
C SER B 489 -32.05 6.24 -21.97
N ASP B 490 -31.78 7.54 -21.81
CA ASP B 490 -30.88 8.28 -22.68
C ASP B 490 -29.53 7.63 -22.74
N ARG B 491 -29.07 7.34 -23.94
CA ARG B 491 -27.76 6.78 -24.18
C ARG B 491 -26.76 7.87 -24.45
N VAL B 492 -27.21 9.12 -24.48
CA VAL B 492 -26.32 10.22 -24.53
C VAL B 492 -26.50 11.01 -23.25
N LYS B 493 -25.41 11.21 -22.52
CA LYS B 493 -25.40 12.03 -21.32
C LYS B 493 -24.74 13.39 -21.60
N MET B 494 -25.14 14.41 -20.84
CA MET B 494 -24.58 15.76 -20.96
C MET B 494 -23.97 16.20 -19.67
N ILE B 495 -22.75 16.73 -19.76
CA ILE B 495 -22.11 17.36 -18.64
C ILE B 495 -21.46 18.64 -19.16
N PHE B 496 -22.02 19.78 -18.80
CA PHE B 496 -21.42 21.05 -19.13
C PHE B 496 -20.53 21.43 -17.98
N HIS B 497 -19.26 21.70 -18.25
CA HIS B 497 -18.29 22.11 -17.23
C HIS B 497 -17.81 23.52 -17.57
N PRO B 498 -18.49 24.57 -17.06
CA PRO B 498 -18.27 25.94 -17.55
C PRO B 498 -16.98 26.62 -17.09
N GLU B 499 -15.85 25.91 -17.20
CA GLU B 499 -14.56 26.33 -16.63
C GLU B 499 -13.48 25.57 -17.31
N PHE B 500 -12.39 26.22 -17.70
CA PHE B 500 -11.30 25.46 -18.35
C PHE B 500 -10.81 24.37 -17.41
N LEU B 501 -10.32 23.27 -17.97
CA LEU B 501 -9.85 22.16 -17.16
C LEU B 501 -8.49 22.48 -16.57
N ASN B 502 -8.21 21.82 -15.46
CA ASN B 502 -6.97 22.02 -14.73
C ASN B 502 -6.78 20.91 -13.72
N ALA B 503 -5.53 20.56 -13.46
CA ALA B 503 -5.18 19.49 -12.50
C ALA B 503 -5.59 19.71 -11.06
N ASN B 504 -5.79 20.97 -10.65
CA ASN B 504 -6.18 21.35 -9.29
C ASN B 504 -7.68 21.23 -9.03
N ASN B 505 -8.49 21.43 -10.07
CA ASN B 505 -9.92 21.01 -10.10
C ASN B 505 -10.19 19.86 -9.09
N PRO B 506 -11.04 20.09 -8.10
CA PRO B 506 -11.25 19.04 -7.12
C PRO B 506 -12.20 17.92 -7.57
N ILE B 507 -12.93 18.10 -8.68
CA ILE B 507 -13.86 17.04 -9.19
C ILE B 507 -13.42 16.28 -10.43
N LEU B 508 -12.49 16.87 -11.18
CA LEU B 508 -11.98 16.25 -12.40
C LEU B 508 -10.58 16.75 -12.59
N GLY B 509 -9.69 16.17 -11.79
CA GLY B 509 -8.33 16.67 -11.63
C GLY B 509 -7.45 16.28 -12.79
N LEU B 510 -7.69 16.89 -13.93
CA LEU B 510 -6.92 16.67 -15.13
C LEU B 510 -6.65 18.00 -15.77
N ASP B 511 -5.40 18.30 -16.02
CA ASP B 511 -5.12 19.38 -16.97
C ASP B 511 -5.84 19.07 -18.26
N TYR B 512 -6.13 20.09 -19.08
CA TYR B 512 -6.89 19.88 -20.34
C TYR B 512 -6.26 18.80 -21.21
N ASP B 513 -4.94 18.95 -21.41
CA ASP B 513 -4.17 18.04 -22.29
C ASP B 513 -4.32 16.56 -21.91
N GLU B 514 -4.42 16.30 -20.61
CA GLU B 514 -4.65 14.96 -20.13
C GLU B 514 -6.06 14.49 -20.43
N PHE B 515 -7.06 15.36 -20.20
CA PHE B 515 -8.49 15.03 -20.40
C PHE B 515 -8.79 14.65 -21.84
N VAL B 516 -8.16 15.38 -22.76
CA VAL B 516 -8.25 15.05 -24.17
C VAL B 516 -7.84 13.60 -24.39
N ARG B 517 -6.65 13.24 -23.92
CA ARG B 517 -6.11 11.92 -24.16
C ARG B 517 -7.08 10.83 -23.74
N GLY B 518 -7.69 10.99 -22.60
CA GLY B 518 -8.61 9.98 -22.09
C GLY B 518 -9.94 9.87 -22.81
N CYS B 519 -10.29 10.91 -23.56
CA CYS B 519 -11.53 10.91 -24.33
C CYS B 519 -11.33 10.11 -25.58
N HIS B 520 -12.43 9.85 -26.26
CA HIS B 520 -12.45 9.10 -27.50
C HIS B 520 -12.67 9.97 -28.73
N LEU B 521 -13.32 11.12 -28.60
CA LEU B 521 -13.66 11.88 -29.80
C LEU B 521 -13.88 13.36 -29.53
N GLY B 522 -12.99 14.20 -30.06
CA GLY B 522 -13.22 15.63 -30.07
C GLY B 522 -14.28 15.97 -31.11
N VAL B 523 -15.09 16.99 -30.84
CA VAL B 523 -16.16 17.39 -31.77
C VAL B 523 -16.22 18.90 -31.78
N PHE B 524 -15.88 19.49 -32.91
CA PHE B 524 -15.67 20.91 -32.97
C PHE B 524 -16.26 21.50 -34.24
N PRO B 525 -17.61 21.46 -34.33
CA PRO B 525 -18.34 21.80 -35.55
C PRO B 525 -18.45 23.31 -35.76
N SER B 526 -17.31 23.95 -35.96
CA SER B 526 -17.18 25.41 -35.96
C SER B 526 -17.75 26.08 -37.23
N TYR B 527 -18.02 27.38 -37.13
CA TYR B 527 -18.63 28.17 -38.20
C TYR B 527 -17.75 29.33 -38.57
N TYR B 528 -17.23 30.08 -37.59
CA TYR B 528 -16.15 31.01 -37.88
C TYR B 528 -14.89 30.64 -37.10
N GLU B 529 -13.84 30.18 -37.80
CA GLU B 529 -12.62 29.62 -37.16
C GLU B 529 -11.46 29.58 -38.19
N PRO B 530 -10.74 30.70 -38.32
CA PRO B 530 -9.66 30.84 -39.28
C PRO B 530 -8.65 29.73 -39.25
N TRP B 531 -8.30 29.22 -38.07
CA TRP B 531 -7.47 28.05 -37.98
C TRP B 531 -8.11 26.97 -37.14
N GLY B 532 -8.15 27.15 -35.83
CA GLY B 532 -8.73 26.07 -35.01
C GLY B 532 -7.66 25.07 -34.62
N TYR B 533 -7.13 25.31 -33.42
CA TYR B 533 -6.02 24.57 -32.88
C TYR B 533 -6.61 23.43 -32.11
N THR B 534 -7.79 23.63 -31.57
CA THR B 534 -8.48 22.63 -30.79
C THR B 534 -8.53 21.25 -31.43
N PRO B 535 -8.96 21.15 -32.70
CA PRO B 535 -8.89 19.85 -33.36
C PRO B 535 -7.47 19.47 -33.82
N ALA B 536 -6.61 20.44 -34.05
CA ALA B 536 -5.24 20.10 -34.38
C ALA B 536 -4.45 19.52 -33.15
N GLU B 537 -4.64 20.08 -31.95
CA GLU B 537 -4.00 19.52 -30.75
C GLU B 537 -4.59 18.15 -30.52
N CYS B 538 -5.87 18.04 -30.79
CA CYS B 538 -6.61 16.83 -30.50
C CYS B 538 -6.04 15.68 -31.31
N THR B 539 -5.73 16.01 -32.55
CA THR B 539 -5.23 15.10 -33.55
C THR B 539 -3.80 14.73 -33.26
N VAL B 540 -3.03 15.70 -32.74
CA VAL B 540 -1.65 15.47 -32.25
C VAL B 540 -1.58 14.44 -31.13
N MET B 541 -2.58 14.40 -30.26
CA MET B 541 -2.62 13.38 -29.21
C MET B 541 -3.43 12.15 -29.61
N GLY B 542 -3.56 11.92 -30.91
CA GLY B 542 -4.15 10.71 -31.41
C GLY B 542 -5.59 10.55 -30.98
N VAL B 543 -6.32 11.67 -30.99
CA VAL B 543 -7.75 11.63 -30.75
C VAL B 543 -8.49 12.02 -32.05
N PRO B 544 -9.37 11.15 -32.52
CA PRO B 544 -10.19 11.49 -33.67
C PRO B 544 -11.02 12.71 -33.39
N SER B 545 -11.30 13.50 -34.42
CA SER B 545 -11.98 14.78 -34.22
C SER B 545 -12.89 15.11 -35.38
N ILE B 546 -14.07 15.65 -35.07
CA ILE B 546 -14.96 16.12 -36.11
C ILE B 546 -14.79 17.63 -36.25
N THR B 547 -14.41 18.11 -37.43
CA THR B 547 -14.34 19.55 -37.67
C THR B 547 -15.31 19.97 -38.76
N THR B 548 -15.09 21.12 -39.38
CA THR B 548 -15.91 21.55 -40.51
C THR B 548 -15.00 22.11 -41.57
N ASN B 549 -15.48 22.04 -42.82
CA ASN B 549 -14.82 22.65 -43.99
C ASN B 549 -14.85 24.19 -44.02
N VAL B 550 -15.41 24.83 -43.00
CA VAL B 550 -15.23 26.27 -42.83
C VAL B 550 -14.26 26.62 -41.72
N SER B 551 -13.82 25.64 -40.95
CA SER B 551 -12.65 25.88 -40.09
C SER B 551 -11.44 25.84 -40.95
N GLY B 552 -10.39 26.48 -40.46
CA GLY B 552 -9.13 26.51 -41.17
C GLY B 552 -8.46 25.16 -41.20
N PHE B 553 -8.48 24.48 -40.07
CA PHE B 553 -7.87 23.17 -39.97
C PHE B 553 -8.64 22.18 -40.79
N GLY B 554 -9.96 22.31 -40.79
CA GLY B 554 -10.79 21.51 -41.65
C GLY B 554 -10.52 21.74 -43.13
N SER B 555 -10.38 23.01 -43.52
CA SER B 555 -10.01 23.37 -44.90
C SER B 555 -8.65 22.79 -45.32
N TYR B 556 -7.72 22.71 -44.40
CA TYR B 556 -6.39 22.20 -44.67
C TYR B 556 -6.38 20.68 -44.86
N MET B 557 -7.03 19.97 -43.94
CA MET B 557 -7.09 18.50 -43.99
C MET B 557 -7.95 18.02 -45.13
N GLU B 558 -8.86 18.84 -45.60
CA GLU B 558 -9.67 18.52 -46.78
C GLU B 558 -8.79 18.47 -48.01
N ASP B 559 -7.86 19.42 -48.14
CA ASP B 559 -6.94 19.50 -49.28
C ASP B 559 -5.81 18.50 -49.19
N LEU B 560 -5.45 18.05 -48.00
CA LEU B 560 -4.41 17.04 -47.90
C LEU B 560 -4.94 15.64 -48.17
N ILE B 561 -6.16 15.34 -47.74
CA ILE B 561 -6.63 13.95 -47.71
C ILE B 561 -8.05 13.87 -48.24
N GLU B 562 -8.36 12.77 -48.91
CA GLU B 562 -9.69 12.54 -49.47
C GLU B 562 -10.68 12.26 -48.33
N THR B 563 -11.80 13.01 -48.29
CA THR B 563 -12.70 13.11 -47.10
C THR B 563 -13.34 11.78 -46.63
N ASN B 564 -13.34 10.77 -47.49
CA ASN B 564 -13.74 9.41 -47.11
C ASN B 564 -12.56 8.63 -46.51
N GLN B 565 -11.38 8.75 -47.13
CA GLN B 565 -10.14 8.15 -46.56
C GLN B 565 -9.74 8.78 -45.22
N ALA B 566 -9.98 10.09 -45.06
CA ALA B 566 -9.65 10.82 -43.83
C ALA B 566 -10.40 10.36 -42.58
N LYS B 567 -11.62 9.86 -42.74
CA LYS B 567 -12.32 9.27 -41.62
C LYS B 567 -11.55 8.08 -41.01
N ASP B 568 -10.72 7.44 -41.81
CA ASP B 568 -9.90 6.37 -41.30
C ASP B 568 -8.79 6.94 -40.44
N TYR B 569 -8.25 8.08 -40.80
CA TYR B 569 -7.26 8.74 -39.95
C TYR B 569 -7.84 9.65 -38.85
N GLY B 570 -9.11 9.40 -38.49
CA GLY B 570 -9.81 10.13 -37.44
C GLY B 570 -10.06 11.61 -37.72
N ILE B 571 -10.30 11.98 -38.98
CA ILE B 571 -10.58 13.36 -39.34
C ILE B 571 -11.91 13.43 -40.06
N TYR B 572 -12.98 13.65 -39.31
CA TYR B 572 -14.34 13.76 -39.86
C TYR B 572 -14.65 15.23 -40.14
N ILE B 573 -14.96 15.57 -41.39
CA ILE B 573 -15.18 16.96 -41.80
C ILE B 573 -16.63 17.13 -42.24
N VAL B 574 -17.38 17.96 -41.50
CA VAL B 574 -18.78 18.26 -41.80
C VAL B 574 -18.82 19.42 -42.80
N ASP B 575 -19.67 19.31 -43.81
CA ASP B 575 -19.90 20.39 -44.75
C ASP B 575 -20.86 21.40 -44.14
N ARG B 576 -20.37 22.62 -43.90
CA ARG B 576 -21.20 23.73 -43.41
C ARG B 576 -21.22 24.85 -44.43
N ARG B 577 -20.77 24.55 -45.64
CA ARG B 577 -20.62 25.54 -46.68
C ARG B 577 -21.61 25.33 -47.81
N PHE B 578 -21.72 24.09 -48.30
CA PHE B 578 -22.59 23.74 -49.42
C PHE B 578 -23.75 22.85 -49.00
N LYS B 579 -24.16 22.93 -47.74
CA LYS B 579 -25.31 22.17 -47.27
C LYS B 579 -26.19 23.06 -46.42
N ALA B 580 -27.47 22.71 -46.39
CA ALA B 580 -28.43 23.36 -45.50
C ALA B 580 -28.03 23.08 -44.06
N PRO B 581 -28.31 24.03 -43.16
CA PRO B 581 -28.00 23.79 -41.77
C PRO B 581 -28.51 22.45 -41.22
N ASP B 582 -29.73 22.07 -41.58
CA ASP B 582 -30.23 20.80 -41.09
C ASP B 582 -29.47 19.65 -41.71
N GLU B 583 -29.04 19.78 -42.96
CA GLU B 583 -28.22 18.76 -43.59
C GLU B 583 -26.84 18.62 -42.89
N SER B 584 -26.18 19.75 -42.65
CA SER B 584 -24.96 19.76 -41.82
C SER B 584 -25.19 18.96 -40.54
N VAL B 585 -26.23 19.30 -39.79
CA VAL B 585 -26.52 18.59 -38.55
C VAL B 585 -26.63 17.08 -38.74
N GLU B 586 -27.39 16.63 -39.74
CA GLU B 586 -27.58 15.18 -39.94
C GLU B 586 -26.28 14.40 -40.38
N GLN B 587 -25.36 15.11 -41.03
CA GLN B 587 -24.03 14.61 -41.32
C GLN B 587 -23.21 14.48 -40.05
N LEU B 588 -23.27 15.50 -39.19
CA LEU B 588 -22.62 15.43 -37.89
C LEU B 588 -23.14 14.26 -37.08
N VAL B 589 -24.43 13.99 -37.12
CA VAL B 589 -24.98 12.86 -36.40
C VAL B 589 -24.49 11.60 -37.04
N ASP B 590 -24.47 11.54 -38.37
CA ASP B 590 -24.00 10.36 -39.10
C ASP B 590 -22.58 9.93 -38.67
N TYR B 591 -21.68 10.91 -38.58
CA TYR B 591 -20.31 10.68 -38.13
C TYR B 591 -20.21 10.19 -36.71
N MET B 592 -20.97 10.78 -35.79
CA MET B 592 -20.96 10.30 -34.40
C MET B 592 -21.46 8.87 -34.35
N GLU B 593 -22.56 8.60 -35.04
CA GLU B 593 -23.12 7.26 -35.05
C GLU B 593 -22.12 6.25 -35.63
N GLU B 594 -21.51 6.62 -36.75
CA GLU B 594 -20.47 5.81 -37.38
C GLU B 594 -19.50 5.36 -36.31
N PHE B 595 -19.01 6.35 -35.55
CA PHE B 595 -17.96 6.15 -34.55
C PHE B 595 -18.39 5.26 -33.39
N VAL B 596 -19.58 5.52 -32.88
CA VAL B 596 -20.07 4.75 -31.77
C VAL B 596 -20.05 3.27 -32.14
N LYS B 597 -20.47 2.93 -33.35
CA LYS B 597 -20.66 1.54 -33.78
C LYS B 597 -19.38 0.70 -33.80
N LYS B 598 -18.25 1.36 -34.03
CA LYS B 598 -16.95 0.72 -33.94
C LYS B 598 -16.76 -0.08 -32.65
N THR B 599 -16.03 -1.18 -32.80
CA THR B 599 -15.52 -2.01 -31.72
C THR B 599 -14.29 -1.39 -31.08
N ARG B 600 -13.81 -1.98 -29.99
CA ARG B 600 -12.60 -1.45 -29.36
C ARG B 600 -11.39 -1.52 -30.29
N ARG B 601 -11.11 -2.71 -30.82
CA ARG B 601 -10.03 -2.90 -31.80
C ARG B 601 -10.03 -1.80 -32.86
N GLN B 602 -11.21 -1.51 -33.42
CA GLN B 602 -11.38 -0.46 -34.44
C GLN B 602 -10.98 0.94 -33.95
N ARG B 603 -11.41 1.29 -32.74
CA ARG B 603 -11.04 2.56 -32.13
C ARG B 603 -9.53 2.68 -31.94
N ILE B 604 -8.90 1.61 -31.48
CA ILE B 604 -7.45 1.61 -31.19
C ILE B 604 -6.63 1.87 -32.45
N ASN B 605 -6.98 1.17 -33.53
CA ASN B 605 -6.27 1.36 -34.79
C ASN B 605 -6.51 2.71 -35.40
N GLN B 606 -7.71 3.24 -35.21
CA GLN B 606 -8.00 4.58 -35.68
C GLN B 606 -7.11 5.60 -34.98
N ARG B 607 -6.96 5.40 -33.67
CA ARG B 607 -6.15 6.28 -32.86
C ARG B 607 -4.69 6.22 -33.33
N ASN B 608 -4.21 5.01 -33.62
CA ASN B 608 -2.86 4.84 -34.17
C ASN B 608 -2.68 5.48 -35.51
N ARG B 609 -3.72 5.52 -36.30
CA ARG B 609 -3.68 6.22 -37.57
C ARG B 609 -3.66 7.72 -37.33
N THR B 610 -4.54 8.19 -36.46
CA THR B 610 -4.65 9.61 -36.15
C THR B 610 -3.35 10.16 -35.57
N GLU B 611 -2.66 9.31 -34.83
CA GLU B 611 -1.37 9.63 -34.23
C GLU B 611 -0.33 9.78 -35.30
N ARG B 612 -0.22 8.79 -36.20
CA ARG B 612 0.69 8.81 -37.37
C ARG B 612 0.48 10.10 -38.21
N LEU B 613 -0.75 10.58 -38.29
CA LEU B 613 -1.05 11.85 -38.97
C LEU B 613 -0.50 13.12 -38.30
N SER B 614 -0.14 13.06 -37.02
CA SER B 614 0.34 14.24 -36.30
C SER B 614 1.66 14.81 -36.84
N ASP B 615 2.44 14.03 -37.56
CA ASP B 615 3.62 14.56 -38.26
C ASP B 615 3.28 15.64 -39.24
N LEU B 616 2.13 15.55 -39.89
CA LEU B 616 1.74 16.57 -40.87
C LEU B 616 1.55 17.96 -40.26
N LEU B 617 1.22 18.00 -38.98
CA LEU B 617 0.99 19.22 -38.26
C LEU B 617 2.22 19.70 -37.48
N ASP B 618 3.39 19.10 -37.69
CA ASP B 618 4.61 19.53 -37.00
C ASP B 618 5.24 20.65 -37.80
N TRP B 619 5.96 21.52 -37.12
CA TRP B 619 6.60 22.65 -37.79
C TRP B 619 7.70 22.26 -38.78
N LYS B 620 8.27 21.07 -38.63
CA LYS B 620 9.19 20.53 -39.63
C LYS B 620 8.56 20.54 -41.03
N ARG B 621 7.28 20.16 -41.11
CA ARG B 621 6.54 20.20 -42.37
C ARG B 621 5.79 21.52 -42.62
N MET B 622 5.10 22.02 -41.61
CA MET B 622 4.28 23.21 -41.77
C MET B 622 5.13 24.46 -41.91
N GLY B 623 6.42 24.36 -41.55
CA GLY B 623 7.36 25.48 -41.65
C GLY B 623 7.95 25.67 -43.02
N LEU B 624 7.74 24.70 -43.91
CA LEU B 624 8.16 24.81 -45.32
C LEU B 624 7.30 25.83 -46.04
N GLU B 625 6.02 25.87 -45.71
CA GLU B 625 5.13 26.86 -46.29
C GLU B 625 5.60 28.28 -45.98
N TYR B 626 6.18 28.48 -44.80
CA TYR B 626 6.78 29.77 -44.44
C TYR B 626 8.00 30.07 -45.32
N VAL B 627 8.78 29.03 -45.67
CA VAL B 627 9.92 29.16 -46.59
C VAL B 627 9.43 29.49 -48.00
N LYS B 628 8.46 28.75 -48.51
CA LYS B 628 7.83 29.08 -49.79
C LYS B 628 7.41 30.55 -49.89
N ALA B 629 6.86 31.09 -48.79
CA ALA B 629 6.39 32.48 -48.75
C ALA B 629 7.55 33.45 -48.74
N ARG B 630 8.61 33.16 -47.98
CA ARG B 630 9.81 34.01 -47.99
C ARG B 630 10.58 33.97 -49.31
N GLN B 631 10.49 32.84 -50.02
CA GLN B 631 11.06 32.73 -51.36
C GLN B 631 10.31 33.64 -52.32
N LEU B 632 8.99 33.44 -52.42
CA LEU B 632 8.14 34.27 -53.28
C LEU B 632 8.35 35.78 -53.05
N ALA B 633 8.76 36.16 -51.84
CA ALA B 633 9.13 37.55 -51.57
C ALA B 633 10.32 37.99 -52.41
N LEU B 634 11.38 37.17 -52.41
CA LEU B 634 12.66 37.48 -53.08
C LEU B 634 12.58 37.38 -54.61
N ARG B 635 11.87 36.38 -55.12
CA ARG B 635 11.58 36.21 -56.55
C ARG B 635 10.85 37.43 -57.12
N ARG B 636 9.93 37.98 -56.34
CA ARG B 636 9.17 39.17 -56.74
C ARG B 636 9.96 40.45 -56.55
N GLY B 637 10.68 40.53 -55.43
CA GLY B 637 11.50 41.70 -55.13
C GLY B 637 12.71 41.86 -56.02
N TYR B 638 13.35 40.74 -56.39
CA TYR B 638 14.62 40.73 -57.13
C TYR B 638 14.56 39.74 -58.32
N PRO B 639 13.66 39.98 -59.31
CA PRO B 639 13.44 39.00 -60.41
C PRO B 639 14.68 38.68 -61.23
N ASP B 640 15.44 39.71 -61.58
CA ASP B 640 16.61 39.58 -62.44
C ASP B 640 17.71 38.79 -61.73
N GLN B 641 17.97 39.11 -60.46
CA GLN B 641 18.89 38.31 -59.65
C GLN B 641 18.41 36.87 -59.42
N PHE B 642 17.10 36.69 -59.23
CA PHE B 642 16.51 35.38 -58.90
C PHE B 642 16.54 34.41 -60.08
N ARG B 643 16.18 34.89 -61.26
CA ARG B 643 16.24 34.08 -62.50
C ARG B 643 17.52 33.28 -62.67
N GLU B 644 18.64 33.98 -62.57
CA GLU B 644 19.97 33.42 -62.84
C GLU B 644 20.77 33.01 -61.57
N LEU B 645 20.18 33.18 -60.38
CA LEU B 645 20.59 32.40 -59.19
C LEU B 645 19.78 31.10 -59.12
N VAL B 646 19.00 30.80 -60.17
CA VAL B 646 18.25 29.54 -60.34
C VAL B 646 18.47 29.09 -61.79
N GLY B 647 18.13 27.83 -62.11
CA GLY B 647 18.12 27.32 -63.48
C GLY B 647 17.52 28.24 -64.54
N GLU B 648 16.22 28.50 -64.45
CA GLU B 648 15.50 29.36 -65.42
C GLU B 648 14.59 30.35 -64.67
N GLU B 649 13.62 30.98 -65.36
CA GLU B 649 12.58 31.77 -64.68
C GLU B 649 11.37 30.91 -64.34
N LEU B 650 11.15 30.75 -63.02
CA LEU B 650 9.98 30.04 -62.49
C LEU B 650 8.83 31.04 -62.24
N ASN B 651 7.61 30.53 -62.35
CA ASN B 651 6.38 31.31 -62.15
C ASN B 651 6.33 31.99 -60.78
N ASP B 652 5.70 33.17 -60.70
CA ASP B 652 5.62 33.94 -59.45
C ASP B 652 4.20 34.46 -59.04
N SER B 653 3.14 33.79 -59.51
CA SER B 653 1.76 34.13 -59.10
C SER B 653 1.33 33.44 -57.79
N ASN B 654 1.99 32.34 -57.42
CA ASN B 654 1.72 31.66 -56.15
C ASN B 654 3.01 31.23 -55.46
N MET B 655 2.88 30.85 -54.20
CA MET B 655 3.96 30.20 -53.47
C MET B 655 4.17 28.79 -53.98
N ASP B 656 3.09 28.20 -54.50
CA ASP B 656 3.09 26.83 -55.02
C ASP B 656 3.71 26.76 -56.42
N ALA B 657 3.31 27.70 -57.28
CA ALA B 657 3.86 27.84 -58.64
C ALA B 657 5.38 28.07 -58.67
N LEU B 658 5.89 28.76 -57.65
CA LEU B 658 7.34 28.91 -57.48
C LEU B 658 8.01 27.57 -57.14
N ALA B 659 7.54 26.88 -56.10
CA ALA B 659 8.14 25.60 -55.66
C ALA B 659 7.40 24.38 -56.20
N SER C 22 -17.94 -50.51 -47.35
CA SER C 22 -18.96 -49.51 -46.86
C SER C 22 -18.57 -48.85 -45.55
N ARG C 23 -17.40 -48.21 -45.54
CA ARG C 23 -16.98 -47.30 -44.49
C ARG C 23 -17.06 -45.88 -45.05
N ASP C 24 -17.37 -44.92 -44.19
CA ASP C 24 -17.41 -43.50 -44.57
C ASP C 24 -16.02 -42.88 -44.37
N LEU C 25 -15.51 -42.22 -45.41
CA LEU C 25 -14.22 -41.55 -45.34
C LEU C 25 -14.36 -40.12 -44.88
N GLN C 26 -15.50 -39.48 -45.15
CA GLN C 26 -15.72 -38.10 -44.70
C GLN C 26 -15.96 -38.07 -43.19
N ASN C 27 -17.05 -38.68 -42.72
CA ASN C 27 -17.25 -38.92 -41.29
C ASN C 27 -16.38 -40.10 -40.86
N HIS C 28 -15.16 -39.79 -40.40
CA HIS C 28 -14.21 -40.80 -39.87
C HIS C 28 -13.78 -40.51 -38.42
N LEU C 29 -12.96 -41.40 -37.85
CA LEU C 29 -12.45 -41.28 -36.47
C LEU C 29 -10.96 -40.94 -36.50
N LEU C 30 -10.46 -40.35 -35.42
CA LEU C 30 -9.02 -40.15 -35.27
C LEU C 30 -8.56 -40.66 -33.91
N PHE C 31 -7.54 -41.52 -33.93
CA PHE C 31 -6.90 -42.03 -32.72
C PHE C 31 -5.42 -41.72 -32.73
N GLU C 32 -5.04 -40.68 -32.00
CA GLU C 32 -3.66 -40.24 -31.91
C GLU C 32 -3.00 -40.90 -30.69
N THR C 33 -1.83 -41.50 -30.88
CA THR C 33 -1.17 -42.33 -29.87
C THR C 33 0.27 -41.90 -29.66
N ALA C 34 0.66 -41.77 -28.40
CA ALA C 34 1.99 -41.28 -28.06
C ALA C 34 2.31 -41.67 -26.66
N THR C 35 3.59 -41.87 -26.40
CA THR C 35 4.08 -42.09 -25.04
C THR C 35 3.71 -40.90 -24.14
N GLU C 36 3.76 -39.69 -24.71
CA GLU C 36 3.68 -38.45 -23.96
C GLU C 36 2.29 -37.78 -24.04
N VAL C 37 1.23 -38.51 -23.67
CA VAL C 37 -0.13 -37.93 -23.67
C VAL C 37 -0.31 -37.11 -22.42
N ALA C 38 -0.61 -37.75 -21.30
CA ALA C 38 -0.88 -37.00 -20.08
C ALA C 38 0.37 -36.80 -19.22
N ASN C 39 1.56 -37.00 -19.80
CA ASN C 39 2.83 -36.70 -19.09
C ASN C 39 3.85 -36.01 -20.01
N ARG C 40 4.56 -35.02 -19.47
CA ARG C 40 5.55 -34.22 -20.22
C ARG C 40 6.95 -34.83 -20.12
N VAL C 41 7.21 -35.87 -20.91
CA VAL C 41 8.54 -36.48 -21.02
C VAL C 41 9.41 -35.84 -22.10
N GLY C 42 8.79 -35.13 -23.04
CA GLY C 42 9.57 -34.41 -24.04
C GLY C 42 8.68 -33.67 -25.01
N GLY C 43 9.31 -32.86 -25.87
CA GLY C 43 8.62 -31.98 -26.83
C GLY C 43 7.26 -32.40 -27.39
N ILE C 44 7.06 -33.72 -27.60
CA ILE C 44 5.81 -34.26 -28.14
C ILE C 44 4.60 -33.91 -27.27
N TYR C 45 4.78 -33.91 -25.94
CA TYR C 45 3.75 -33.45 -25.00
C TYR C 45 3.11 -32.17 -25.49
N SER C 46 3.94 -31.15 -25.70
CA SER C 46 3.45 -29.82 -26.04
C SER C 46 2.88 -29.70 -27.48
N VAL C 47 3.30 -30.59 -28.38
CA VAL C 47 2.75 -30.65 -29.75
C VAL C 47 1.29 -31.08 -29.69
N LEU C 48 1.08 -32.29 -29.19
CA LEU C 48 -0.25 -32.87 -29.03
C LEU C 48 -1.23 -31.98 -28.25
N LYS C 49 -0.71 -31.27 -27.24
CA LYS C 49 -1.45 -30.35 -26.37
C LYS C 49 -1.86 -29.09 -27.11
N SER C 50 -0.90 -28.42 -27.71
CA SER C 50 -1.17 -27.18 -28.43
C SER C 50 -2.04 -27.38 -29.66
N LYS C 51 -1.98 -28.60 -30.21
CA LYS C 51 -2.73 -29.01 -31.40
C LYS C 51 -4.19 -29.46 -31.08
N ALA C 52 -4.45 -29.81 -29.82
CA ALA C 52 -5.76 -30.34 -29.41
C ALA C 52 -6.93 -29.40 -29.60
N PRO C 53 -6.71 -28.09 -29.54
CA PRO C 53 -7.80 -27.16 -29.90
C PRO C 53 -8.33 -27.31 -31.33
N ILE C 54 -7.46 -27.27 -32.33
CA ILE C 54 -7.92 -27.37 -33.74
C ILE C 54 -8.34 -28.79 -34.12
N THR C 55 -7.74 -29.78 -33.49
CA THR C 55 -8.15 -31.15 -33.70
C THR C 55 -9.56 -31.38 -33.15
N VAL C 56 -9.83 -30.95 -31.91
CA VAL C 56 -11.17 -31.07 -31.30
C VAL C 56 -12.20 -30.25 -32.07
N ALA C 57 -11.78 -29.09 -32.54
CA ALA C 57 -12.64 -28.20 -33.33
C ALA C 57 -13.08 -28.76 -34.68
N GLN C 58 -12.38 -29.78 -35.15
CA GLN C 58 -12.64 -30.43 -36.43
C GLN C 58 -13.47 -31.70 -36.23
N TYR C 59 -12.98 -32.58 -35.36
CA TYR C 59 -13.56 -33.91 -35.10
C TYR C 59 -14.59 -33.99 -33.95
N LYS C 60 -14.70 -32.93 -33.12
CA LYS C 60 -15.53 -32.91 -31.91
C LYS C 60 -15.33 -34.21 -31.12
N ASP C 61 -16.34 -35.09 -31.06
CA ASP C 61 -16.28 -36.33 -30.21
C ASP C 61 -15.66 -37.59 -30.88
N HIS C 62 -15.22 -37.46 -32.13
CA HIS C 62 -14.62 -38.58 -32.89
C HIS C 62 -13.11 -38.76 -32.65
N TYR C 63 -12.49 -37.70 -32.09
CA TYR C 63 -11.05 -37.68 -31.77
C TYR C 63 -10.78 -38.30 -30.41
N HIS C 64 -9.72 -39.09 -30.30
CA HIS C 64 -9.29 -39.70 -29.03
C HIS C 64 -7.77 -39.87 -28.93
N LEU C 65 -7.13 -39.24 -27.94
CA LEU C 65 -5.70 -39.50 -27.71
C LEU C 65 -5.53 -40.84 -26.97
N ILE C 66 -4.33 -41.43 -27.11
CA ILE C 66 -4.00 -42.70 -26.46
C ILE C 66 -2.56 -42.68 -25.96
N GLY C 67 -2.35 -43.18 -24.75
CA GLY C 67 -1.02 -43.35 -24.21
C GLY C 67 -0.96 -44.22 -22.97
N PRO C 68 0.26 -44.49 -22.48
CA PRO C 68 0.44 -45.25 -21.25
C PRO C 68 0.05 -44.46 -20.00
N LEU C 69 -0.71 -45.09 -19.10
CA LEU C 69 -1.13 -44.46 -17.85
C LEU C 69 0.05 -44.29 -16.91
N ASN C 70 0.43 -43.04 -16.66
CA ASN C 70 1.47 -42.74 -15.70
C ASN C 70 0.77 -42.50 -14.38
N LYS C 71 0.75 -43.51 -13.53
CA LYS C 71 0.07 -43.47 -12.23
C LYS C 71 0.58 -42.38 -11.28
N ALA C 72 1.86 -42.03 -11.41
CA ALA C 72 2.44 -40.93 -10.65
C ALA C 72 1.79 -39.58 -10.98
N THR C 73 1.85 -39.18 -12.26
CA THR C 73 1.47 -37.82 -12.69
C THR C 73 0.00 -37.58 -13.14
N TYR C 74 -0.64 -38.61 -13.70
CA TYR C 74 -1.93 -38.46 -14.44
C TYR C 74 -3.10 -37.89 -13.65
N GLN C 75 -3.14 -38.17 -12.35
CA GLN C 75 -4.27 -37.76 -11.50
C GLN C 75 -4.48 -36.25 -11.57
N ASN C 76 -3.41 -35.49 -11.79
CA ASN C 76 -3.50 -34.04 -11.96
C ASN C 76 -4.19 -33.69 -13.27
N GLU C 77 -3.59 -34.11 -14.38
CA GLU C 77 -4.00 -33.64 -15.71
C GLU C 77 -5.31 -34.23 -16.23
N VAL C 78 -5.68 -35.42 -15.78
CA VAL C 78 -6.85 -36.13 -16.32
C VAL C 78 -8.09 -35.94 -15.45
N ASP C 79 -9.13 -35.35 -16.04
CA ASP C 79 -10.49 -35.38 -15.50
C ASP C 79 -11.07 -36.80 -15.74
N ILE C 80 -11.00 -37.66 -14.72
CA ILE C 80 -11.42 -39.06 -14.86
C ILE C 80 -12.95 -39.13 -14.94
N LEU C 81 -13.47 -39.11 -16.18
CA LEU C 81 -14.89 -39.29 -16.50
C LEU C 81 -15.24 -40.80 -16.57
N ASP C 82 -16.49 -41.13 -16.24
CA ASP C 82 -16.94 -42.54 -16.25
C ASP C 82 -17.41 -42.95 -17.63
N TRP C 83 -16.89 -44.08 -18.12
CA TRP C 83 -17.16 -44.57 -19.49
C TRP C 83 -18.28 -45.61 -19.57
N LYS C 84 -18.61 -46.23 -18.45
CA LYS C 84 -19.61 -47.30 -18.43
C LYS C 84 -21.04 -46.80 -18.66
N LYS C 85 -21.34 -45.59 -18.17
CA LYS C 85 -22.69 -45.00 -18.26
C LYS C 85 -23.07 -44.63 -19.69
N PRO C 86 -24.34 -44.86 -20.08
CA PRO C 86 -24.76 -44.78 -21.49
C PRO C 86 -24.69 -43.38 -22.12
N GLU C 87 -24.73 -42.33 -21.29
CA GLU C 87 -24.59 -40.95 -21.76
C GLU C 87 -23.16 -40.60 -22.23
N ALA C 88 -22.17 -41.40 -21.80
CA ALA C 88 -20.77 -41.19 -22.15
C ALA C 88 -20.46 -41.03 -23.66
N PHE C 89 -21.19 -41.75 -24.51
CA PHE C 89 -20.98 -41.76 -25.97
C PHE C 89 -22.29 -41.69 -26.73
N SER C 90 -22.29 -40.98 -27.86
CA SER C 90 -23.45 -40.92 -28.74
C SER C 90 -23.71 -42.29 -29.36
N ASP C 91 -24.87 -42.46 -29.97
CA ASP C 91 -25.24 -43.74 -30.63
C ASP C 91 -24.33 -44.08 -31.81
N GLU C 92 -23.75 -43.06 -32.46
CA GLU C 92 -22.79 -43.27 -33.54
C GLU C 92 -21.36 -43.50 -33.03
N MET C 93 -21.02 -42.95 -31.86
CA MET C 93 -19.73 -43.24 -31.22
C MET C 93 -19.82 -44.36 -30.20
N ARG C 94 -20.96 -45.06 -30.15
CA ARG C 94 -21.16 -46.15 -29.20
C ARG C 94 -20.21 -47.35 -29.38
N PRO C 95 -19.85 -47.71 -30.64
CA PRO C 95 -18.87 -48.80 -30.86
C PRO C 95 -17.58 -48.74 -30.03
N VAL C 96 -17.11 -47.53 -29.74
CA VAL C 96 -15.92 -47.34 -28.90
C VAL C 96 -16.18 -47.82 -27.48
N GLN C 97 -17.38 -47.53 -26.97
CA GLN C 97 -17.84 -47.97 -25.64
C GLN C 97 -17.80 -49.50 -25.52
N HIS C 98 -18.33 -50.18 -26.54
CA HIS C 98 -18.36 -51.64 -26.57
C HIS C 98 -16.95 -52.24 -26.56
N ALA C 99 -16.05 -51.69 -27.36
CA ALA C 99 -14.66 -52.14 -27.42
C ALA C 99 -13.92 -51.99 -26.08
N LEU C 100 -14.18 -50.89 -25.37
CA LEU C 100 -13.59 -50.64 -24.03
C LEU C 100 -14.12 -51.62 -22.96
N GLN C 101 -15.35 -52.09 -23.14
CA GLN C 101 -15.92 -53.08 -22.25
C GLN C 101 -15.33 -54.47 -22.52
N THR C 102 -15.00 -54.74 -23.78
CA THR C 102 -14.25 -55.95 -24.14
C THR C 102 -12.83 -55.95 -23.56
N MET C 103 -12.22 -54.77 -23.48
CA MET C 103 -10.90 -54.59 -22.84
C MET C 103 -10.96 -54.79 -21.32
N GLU C 104 -12.10 -54.46 -20.71
CA GLU C 104 -12.36 -54.74 -19.31
C GLU C 104 -12.47 -56.24 -19.07
N SER C 105 -13.28 -56.92 -19.88
CA SER C 105 -13.56 -58.35 -19.72
C SER C 105 -12.35 -59.27 -19.85
N ARG C 106 -11.40 -58.91 -20.70
CA ARG C 106 -10.11 -59.61 -20.76
C ARG C 106 -9.06 -59.02 -19.78
N GLY C 107 -9.51 -58.28 -18.76
CA GLY C 107 -8.66 -57.89 -17.63
C GLY C 107 -7.86 -56.59 -17.70
N VAL C 108 -7.89 -55.90 -18.84
CA VAL C 108 -7.08 -54.69 -19.01
C VAL C 108 -7.77 -53.54 -18.29
N HIS C 109 -7.02 -52.82 -17.47
CA HIS C 109 -7.53 -51.64 -16.77
C HIS C 109 -7.06 -50.38 -17.51
N PHE C 110 -7.94 -49.38 -17.57
CA PHE C 110 -7.66 -48.16 -18.30
C PHE C 110 -8.38 -46.97 -17.68
N VAL C 111 -7.83 -45.78 -17.89
CA VAL C 111 -8.44 -44.54 -17.43
C VAL C 111 -9.00 -43.78 -18.63
N TYR C 112 -10.32 -43.56 -18.63
CA TYR C 112 -11.00 -42.74 -19.63
C TYR C 112 -11.29 -41.37 -19.01
N GLY C 113 -11.24 -40.32 -19.82
CA GLY C 113 -11.59 -38.98 -19.35
C GLY C 113 -11.32 -37.87 -20.33
N ARG C 114 -11.36 -36.63 -19.82
CA ARG C 114 -10.90 -35.46 -20.54
C ARG C 114 -9.48 -35.13 -20.08
N TRP C 115 -8.70 -34.57 -21.00
CA TRP C 115 -7.38 -34.05 -20.69
C TRP C 115 -7.61 -32.58 -20.39
N LEU C 116 -7.24 -32.15 -19.18
CA LEU C 116 -7.55 -30.80 -18.70
C LEU C 116 -6.64 -29.74 -19.33
N ILE C 117 -6.84 -29.53 -20.63
CA ILE C 117 -6.15 -28.52 -21.41
C ILE C 117 -7.13 -27.89 -22.38
N GLU C 118 -6.82 -26.67 -22.79
CA GLU C 118 -7.58 -25.92 -23.78
C GLU C 118 -8.02 -26.83 -24.95
N GLY C 119 -9.34 -26.91 -25.19
CA GLY C 119 -9.92 -27.84 -26.18
C GLY C 119 -10.68 -29.04 -25.60
N ALA C 120 -10.17 -29.61 -24.51
CA ALA C 120 -10.80 -30.71 -23.76
C ALA C 120 -10.93 -32.03 -24.55
N PRO C 121 -9.79 -32.56 -25.02
CA PRO C 121 -9.81 -33.76 -25.84
C PRO C 121 -9.88 -35.00 -24.96
N LYS C 122 -10.62 -36.01 -25.42
CA LYS C 122 -10.83 -37.24 -24.66
C LYS C 122 -9.56 -38.08 -24.70
N VAL C 123 -9.22 -38.74 -23.60
CA VAL C 123 -8.05 -39.63 -23.56
C VAL C 123 -8.46 -41.07 -23.22
N ILE C 124 -7.59 -42.00 -23.61
CA ILE C 124 -7.70 -43.38 -23.21
C ILE C 124 -6.29 -43.78 -22.82
N LEU C 125 -6.03 -43.91 -21.51
CA LEU C 125 -4.69 -44.22 -21.00
C LEU C 125 -4.64 -45.65 -20.48
N PHE C 126 -3.77 -46.47 -21.08
CA PHE C 126 -3.74 -47.92 -20.79
C PHE C 126 -2.74 -48.27 -19.68
N ASP C 127 -3.26 -48.88 -18.62
CA ASP C 127 -2.43 -49.38 -17.52
C ASP C 127 -1.59 -50.56 -18.02
N LEU C 128 -0.31 -50.31 -18.29
CA LEU C 128 0.61 -51.32 -18.83
C LEU C 128 0.97 -52.42 -17.81
N ASP C 129 0.85 -52.13 -16.51
CA ASP C 129 1.01 -53.15 -15.47
C ASP C 129 -0.05 -54.24 -15.57
N SER C 130 -1.27 -53.85 -15.93
CA SER C 130 -2.38 -54.80 -16.08
C SER C 130 -2.34 -55.68 -17.34
N VAL C 131 -1.27 -55.59 -18.13
CA VAL C 131 -1.02 -56.57 -19.22
C VAL C 131 0.42 -57.09 -19.25
N ARG C 132 1.19 -56.87 -18.19
CA ARG C 132 2.60 -57.30 -18.16
C ARG C 132 2.71 -58.82 -18.05
N GLY C 133 1.67 -59.47 -17.51
CA GLY C 133 1.55 -60.93 -17.51
C GLY C 133 1.62 -61.59 -18.87
N TYR C 134 1.38 -60.82 -19.94
CA TYR C 134 1.51 -61.28 -21.32
C TYR C 134 2.94 -61.16 -21.86
N SER C 135 3.63 -60.09 -21.48
CA SER C 135 4.95 -59.69 -22.02
C SER C 135 5.78 -60.73 -22.78
N ASN C 136 6.17 -61.81 -22.09
CA ASN C 136 7.05 -62.85 -22.63
C ASN C 136 6.51 -63.48 -23.91
N GLU C 137 5.22 -63.74 -23.91
CA GLU C 137 4.52 -64.19 -25.10
C GLU C 137 4.63 -63.15 -26.22
N TRP C 138 4.32 -61.89 -25.89
CA TRP C 138 4.26 -60.80 -26.89
C TRP C 138 5.62 -60.42 -27.46
N LYS C 139 6.66 -60.42 -26.64
CA LYS C 139 8.03 -60.29 -27.15
C LYS C 139 8.35 -61.44 -28.11
N GLY C 140 7.93 -62.65 -27.76
CA GLY C 140 8.03 -63.80 -28.64
C GLY C 140 7.30 -63.57 -29.96
N ASP C 141 6.05 -63.13 -29.88
CA ASP C 141 5.24 -62.83 -31.07
C ASP C 141 5.87 -61.74 -31.97
N LEU C 142 6.65 -60.83 -31.38
CA LEU C 142 7.34 -59.79 -32.13
C LEU C 142 8.53 -60.33 -32.92
N TRP C 143 9.32 -61.20 -32.31
CA TRP C 143 10.46 -61.80 -33.00
C TRP C 143 10.02 -62.66 -34.20
N SER C 144 8.90 -63.37 -34.08
CA SER C 144 8.42 -64.22 -35.17
C SER C 144 7.73 -63.44 -36.31
N LEU C 145 6.84 -62.50 -35.97
CA LEU C 145 6.16 -61.66 -36.98
C LEU C 145 7.15 -60.70 -37.66
N VAL C 146 7.86 -59.91 -36.84
CA VAL C 146 8.65 -58.77 -37.33
C VAL C 146 10.17 -58.96 -37.21
N GLY C 147 10.64 -59.55 -36.10
CA GLY C 147 12.05 -59.90 -35.92
C GLY C 147 12.86 -58.96 -35.06
N ILE C 148 12.24 -58.41 -34.01
CA ILE C 148 12.85 -57.38 -33.19
C ILE C 148 13.27 -57.98 -31.85
N PRO C 149 14.57 -57.87 -31.50
CA PRO C 149 14.99 -58.26 -30.15
C PRO C 149 14.50 -57.25 -29.11
N SER C 150 14.42 -57.67 -27.86
CA SER C 150 13.94 -56.80 -26.79
C SER C 150 14.59 -57.14 -25.45
N PRO C 151 15.91 -56.84 -25.31
CA PRO C 151 16.64 -57.08 -24.07
C PRO C 151 15.82 -56.68 -22.84
N GLU C 152 15.59 -57.66 -21.96
CA GLU C 152 14.65 -57.52 -20.85
C GLU C 152 15.08 -56.45 -19.83
N ASN C 153 16.39 -56.29 -19.68
CA ASN C 153 16.98 -55.20 -18.90
C ASN C 153 16.48 -53.79 -19.29
N ASP C 154 16.34 -53.55 -20.59
CA ASP C 154 15.84 -52.26 -21.11
C ASP C 154 14.38 -52.05 -20.71
N PHE C 155 14.18 -51.29 -19.64
CA PHE C 155 12.86 -51.12 -19.04
C PHE C 155 11.85 -50.47 -20.00
N GLU C 156 12.33 -49.56 -20.86
CA GLU C 156 11.47 -48.77 -21.75
C GLU C 156 10.94 -49.53 -22.96
N THR C 157 11.82 -50.23 -23.69
CA THR C 157 11.39 -51.03 -24.85
C THR C 157 10.37 -52.10 -24.50
N ASN C 158 10.39 -52.54 -23.24
CA ASN C 158 9.35 -53.42 -22.71
C ASN C 158 8.02 -52.67 -22.68
N ASP C 159 8.03 -51.49 -22.05
CA ASP C 159 6.84 -50.67 -21.90
C ASP C 159 6.28 -50.16 -23.24
N ALA C 160 7.17 -49.97 -24.21
CA ALA C 160 6.78 -49.65 -25.59
C ALA C 160 6.03 -50.81 -26.23
N ILE C 161 6.54 -52.03 -26.05
CA ILE C 161 5.94 -53.23 -26.64
C ILE C 161 4.59 -53.57 -26.00
N LEU C 162 4.47 -53.36 -24.70
CA LEU C 162 3.20 -53.56 -24.02
C LEU C 162 2.13 -52.57 -24.50
N LEU C 163 2.53 -51.32 -24.74
CA LEU C 163 1.62 -50.30 -25.29
C LEU C 163 1.18 -50.71 -26.68
N GLY C 164 2.14 -50.96 -27.56
CA GLY C 164 1.90 -51.36 -28.94
C GLY C 164 0.98 -52.55 -29.16
N TYR C 165 1.04 -53.54 -28.28
CA TYR C 165 0.15 -54.71 -28.38
C TYR C 165 -1.26 -54.41 -27.86
N THR C 166 -1.35 -53.70 -26.72
CA THR C 166 -2.63 -53.28 -26.12
C THR C 166 -3.41 -52.29 -27.01
N VAL C 167 -2.70 -51.49 -27.78
CA VAL C 167 -3.31 -50.53 -28.70
C VAL C 167 -3.80 -51.30 -29.93
N ALA C 168 -2.93 -52.13 -30.53
CA ALA C 168 -3.34 -52.95 -31.67
C ALA C 168 -4.48 -53.90 -31.31
N TRP C 169 -4.46 -54.40 -30.08
CA TRP C 169 -5.58 -55.17 -29.48
C TRP C 169 -6.86 -54.34 -29.49
N PHE C 170 -6.79 -53.14 -28.93
CA PHE C 170 -7.94 -52.23 -28.83
C PHE C 170 -8.47 -51.86 -30.20
N LEU C 171 -7.61 -51.28 -31.03
CA LEU C 171 -7.95 -50.85 -32.40
C LEU C 171 -8.60 -51.97 -33.24
N GLY C 172 -8.09 -53.20 -33.09
CA GLY C 172 -8.71 -54.38 -33.69
C GLY C 172 -10.17 -54.49 -33.28
N GLU C 173 -10.42 -54.41 -31.97
CA GLU C 173 -11.77 -54.47 -31.42
C GLU C 173 -12.70 -53.32 -31.84
N VAL C 174 -12.13 -52.15 -32.16
CA VAL C 174 -12.94 -51.00 -32.60
C VAL C 174 -13.39 -51.17 -34.06
N ALA C 175 -12.47 -51.59 -34.94
CA ALA C 175 -12.80 -51.85 -36.36
C ALA C 175 -13.78 -53.02 -36.55
N HIS C 176 -13.62 -54.02 -35.69
CA HIS C 176 -14.49 -55.19 -35.57
C HIS C 176 -15.94 -54.79 -35.15
N LEU C 177 -16.06 -53.83 -34.23
CA LEU C 177 -17.35 -53.35 -33.70
C LEU C 177 -18.00 -52.19 -34.48
N ASP C 178 -17.19 -51.38 -35.19
CA ASP C 178 -17.64 -50.19 -35.95
C ASP C 178 -17.47 -50.40 -37.46
N SER C 179 -18.56 -50.34 -38.23
CA SER C 179 -18.48 -50.38 -39.71
C SER C 179 -19.41 -49.34 -40.37
N GLN C 180 -19.38 -48.15 -39.79
CA GLN C 180 -19.92 -46.93 -40.39
C GLN C 180 -18.75 -46.00 -40.76
N HIS C 181 -17.83 -45.80 -39.81
CA HIS C 181 -16.71 -44.87 -39.93
C HIS C 181 -15.40 -45.53 -40.35
N ALA C 182 -14.72 -44.93 -41.31
CA ALA C 182 -13.30 -45.22 -41.53
C ALA C 182 -12.56 -44.78 -40.27
N ILE C 183 -11.35 -45.29 -40.06
CA ILE C 183 -10.61 -45.02 -38.82
C ILE C 183 -9.18 -44.58 -39.17
N VAL C 184 -8.73 -43.48 -38.59
CA VAL C 184 -7.34 -43.08 -38.74
C VAL C 184 -6.63 -43.26 -37.39
N ALA C 185 -5.58 -44.08 -37.41
CA ALA C 185 -4.70 -44.25 -36.27
C ALA C 185 -3.37 -43.53 -36.54
N HIS C 186 -3.17 -42.40 -35.87
CA HIS C 186 -1.93 -41.64 -35.93
C HIS C 186 -1.04 -42.11 -34.78
N PHE C 187 0.24 -42.27 -35.03
CA PHE C 187 1.21 -42.63 -34.01
C PHE C 187 2.37 -41.65 -34.00
N HIS C 188 2.82 -41.27 -32.80
CA HIS C 188 3.93 -40.33 -32.62
C HIS C 188 5.13 -40.97 -31.89
N GLN C 189 6.25 -41.07 -32.60
CA GLN C 189 7.55 -41.54 -32.09
C GLN C 189 7.60 -43.06 -31.98
N TRP C 190 8.82 -43.59 -32.14
CA TRP C 190 9.07 -45.04 -32.15
C TRP C 190 8.56 -45.82 -30.94
N LEU C 191 8.53 -45.18 -29.78
CA LEU C 191 8.00 -45.79 -28.55
C LEU C 191 6.50 -46.13 -28.65
N ALA C 192 5.75 -45.31 -29.39
CA ALA C 192 4.32 -45.56 -29.62
C ALA C 192 4.07 -46.58 -30.74
N GLY C 193 4.99 -46.64 -31.70
CA GLY C 193 4.78 -47.39 -32.93
C GLY C 193 5.12 -48.87 -32.99
N VAL C 194 4.99 -49.59 -31.88
CA VAL C 194 5.05 -51.05 -31.95
C VAL C 194 3.73 -51.56 -32.56
N ALA C 195 2.64 -50.85 -32.30
CA ALA C 195 1.33 -51.18 -32.88
C ALA C 195 1.31 -51.06 -34.41
N LEU C 196 2.21 -50.27 -34.97
CA LEU C 196 2.24 -50.04 -36.42
C LEU C 196 2.54 -51.32 -37.20
N PRO C 197 3.63 -52.05 -36.86
CA PRO C 197 3.82 -53.36 -37.48
C PRO C 197 2.70 -54.38 -37.26
N LEU C 198 2.02 -54.31 -36.11
CA LEU C 198 0.93 -55.25 -35.80
C LEU C 198 -0.35 -54.97 -36.58
N CYS C 199 -0.68 -53.70 -36.78
CA CYS C 199 -1.79 -53.33 -37.68
C CYS C 199 -1.59 -53.83 -39.10
N ARG C 200 -0.37 -53.69 -39.61
CA ARG C 200 -0.01 -54.04 -40.99
C ARG C 200 -0.06 -55.54 -41.22
N LYS C 201 0.55 -56.29 -40.29
CA LYS C 201 0.62 -57.75 -40.41
C LYS C 201 -0.76 -58.37 -40.19
N ARG C 202 -1.42 -58.00 -39.09
CA ARG C 202 -2.81 -58.47 -38.82
C ARG C 202 -3.87 -57.95 -39.82
N ARG C 203 -3.48 -57.15 -40.81
CA ARG C 203 -4.39 -56.39 -41.67
C ARG C 203 -5.65 -55.94 -40.91
N ILE C 204 -5.46 -55.06 -39.93
CA ILE C 204 -6.56 -54.45 -39.18
C ILE C 204 -7.15 -53.40 -40.11
N ASP C 205 -8.44 -53.07 -39.99
CA ASP C 205 -9.08 -52.15 -40.96
C ASP C 205 -9.06 -50.65 -40.54
N VAL C 206 -7.83 -50.16 -40.33
CA VAL C 206 -7.53 -48.77 -40.01
C VAL C 206 -6.45 -48.28 -40.97
N VAL C 207 -6.32 -46.97 -41.13
CA VAL C 207 -5.21 -46.42 -41.92
C VAL C 207 -4.27 -45.78 -40.94
N THR C 208 -2.98 -45.98 -41.15
CA THR C 208 -1.97 -45.59 -40.16
C THR C 208 -1.02 -44.48 -40.63
N ILE C 209 -0.88 -43.46 -39.79
CA ILE C 209 0.13 -42.45 -39.99
C ILE C 209 1.12 -42.60 -38.85
N PHE C 210 2.40 -42.66 -39.20
CA PHE C 210 3.50 -42.55 -38.25
C PHE C 210 4.17 -41.21 -38.47
N THR C 211 4.35 -40.47 -37.38
CA THR C 211 5.15 -39.26 -37.39
C THR C 211 6.36 -39.49 -36.51
N THR C 212 7.51 -38.94 -36.90
CA THR C 212 8.74 -39.09 -36.11
C THR C 212 9.37 -37.71 -35.92
N HIS C 213 9.53 -37.35 -34.65
CA HIS C 213 10.02 -36.03 -34.25
C HIS C 213 11.52 -36.02 -34.07
N ALA C 214 12.18 -37.16 -34.28
CA ALA C 214 13.62 -37.19 -34.48
C ALA C 214 13.94 -38.52 -35.15
N THR C 215 15.22 -38.85 -35.29
CA THR C 215 15.62 -40.23 -35.53
C THR C 215 16.55 -40.64 -34.39
N LEU C 216 16.70 -41.96 -34.18
CA LEU C 216 17.54 -42.49 -33.11
C LEU C 216 19.02 -42.31 -33.43
N LEU C 217 19.42 -42.73 -34.61
CA LEU C 217 20.81 -42.52 -35.04
C LEU C 217 21.24 -41.05 -35.16
N GLY C 218 20.31 -40.18 -35.55
CA GLY C 218 20.63 -38.77 -35.77
C GLY C 218 21.02 -38.00 -34.53
N ARG C 219 20.31 -38.25 -33.44
CA ARG C 219 20.66 -37.68 -32.13
C ARG C 219 22.04 -38.18 -31.61
N TYR C 220 22.25 -39.50 -31.70
CA TYR C 220 23.48 -40.14 -31.19
C TYR C 220 24.72 -39.74 -31.97
N LEU C 221 24.59 -39.54 -33.28
CA LEU C 221 25.71 -39.08 -34.12
C LEU C 221 26.12 -37.61 -33.83
N CYS C 222 25.16 -36.78 -33.41
CA CYS C 222 25.42 -35.37 -33.09
C CYS C 222 25.77 -35.10 -31.64
N ALA C 223 25.40 -36.03 -30.75
CA ALA C 223 25.71 -35.93 -29.32
C ALA C 223 27.22 -35.97 -29.09
N SER C 224 27.85 -37.01 -29.61
CA SER C 224 29.31 -37.09 -29.73
C SER C 224 29.77 -36.07 -30.77
N GLY C 225 29.75 -34.78 -30.39
CA GLY C 225 29.65 -33.66 -31.34
C GLY C 225 30.83 -33.37 -32.24
N SER C 226 31.49 -34.42 -32.72
CA SER C 226 32.72 -34.31 -33.47
C SER C 226 32.48 -34.54 -34.97
N PHE C 227 31.76 -35.61 -35.30
CA PHE C 227 31.33 -35.93 -36.69
C PHE C 227 30.57 -34.79 -37.40
N ASP C 228 30.83 -34.57 -38.69
CA ASP C 228 30.00 -33.70 -39.54
C ASP C 228 28.77 -34.48 -39.98
N PHE C 229 27.64 -34.18 -39.35
CA PHE C 229 26.41 -34.88 -39.62
C PHE C 229 25.80 -34.44 -40.94
N TYR C 230 25.51 -33.14 -41.05
CA TYR C 230 24.58 -32.66 -42.09
C TYR C 230 25.09 -32.70 -43.53
N ASN C 231 26.41 -32.73 -43.72
CA ASN C 231 27.02 -32.89 -45.06
C ASN C 231 27.38 -34.35 -45.36
N CYS C 232 28.04 -35.02 -44.41
CA CYS C 232 28.50 -36.39 -44.61
C CYS C 232 27.51 -37.45 -44.03
N LEU C 233 26.21 -37.28 -44.27
CA LEU C 233 25.18 -38.19 -43.70
C LEU C 233 24.78 -39.30 -44.66
N GLU C 234 24.76 -39.02 -45.96
CA GLU C 234 24.40 -40.01 -46.99
C GLU C 234 25.10 -41.35 -46.74
N SER C 235 26.41 -41.24 -46.50
CA SER C 235 27.32 -42.37 -46.33
C SER C 235 27.62 -42.69 -44.86
N VAL C 236 26.61 -43.21 -44.16
CA VAL C 236 26.80 -43.79 -42.82
C VAL C 236 26.05 -45.11 -42.82
N ASP C 237 26.74 -46.19 -42.44
CA ASP C 237 26.10 -47.50 -42.46
C ASP C 237 25.17 -47.58 -41.27
N VAL C 238 23.87 -47.66 -41.55
CA VAL C 238 22.84 -47.68 -40.52
C VAL C 238 22.99 -48.81 -39.48
N ASP C 239 23.44 -49.98 -39.91
CA ASP C 239 23.56 -51.13 -39.00
C ASP C 239 24.90 -51.21 -38.29
N HIS C 240 25.99 -50.88 -38.99
CA HIS C 240 27.31 -50.76 -38.36
C HIS C 240 27.39 -49.60 -37.33
N GLU C 241 26.59 -48.54 -37.57
CA GLU C 241 26.45 -47.40 -36.64
C GLU C 241 25.36 -47.61 -35.56
N ALA C 242 24.32 -48.38 -35.86
CA ALA C 242 23.29 -48.72 -34.87
C ALA C 242 23.76 -49.83 -33.94
N GLY C 243 24.55 -50.76 -34.49
CA GLY C 243 25.22 -51.78 -33.70
C GLY C 243 26.11 -51.16 -32.64
N ARG C 244 26.99 -50.26 -33.07
CA ARG C 244 28.05 -49.69 -32.20
C ARG C 244 27.64 -48.74 -31.05
N PHE C 245 26.49 -48.06 -31.16
CA PHE C 245 25.92 -47.35 -30.01
C PHE C 245 25.02 -48.29 -29.15
N GLY C 246 24.84 -49.53 -29.59
CA GLY C 246 24.04 -50.53 -28.87
C GLY C 246 22.56 -50.17 -28.81
N ILE C 247 22.03 -49.73 -29.95
CA ILE C 247 20.64 -49.29 -30.05
C ILE C 247 19.86 -50.03 -31.14
N TYR C 248 20.40 -51.16 -31.60
CA TYR C 248 19.79 -51.91 -32.69
C TYR C 248 18.36 -52.39 -32.37
N HIS C 249 18.12 -52.77 -31.12
CA HIS C 249 16.82 -53.25 -30.65
C HIS C 249 15.75 -52.15 -30.59
N ARG C 250 16.18 -50.89 -30.51
CA ARG C 250 15.29 -49.71 -30.54
C ARG C 250 15.09 -49.23 -31.96
N TYR C 251 16.21 -49.00 -32.66
CA TYR C 251 16.25 -48.67 -34.10
C TYR C 251 15.42 -49.62 -34.96
N CYS C 252 15.33 -50.89 -34.56
CA CYS C 252 14.47 -51.83 -35.27
C CYS C 252 12.98 -51.48 -35.12
N ILE C 253 12.57 -51.02 -33.95
CA ILE C 253 11.17 -50.64 -33.73
C ILE C 253 10.82 -49.37 -34.56
N GLU C 254 11.72 -48.37 -34.51
CA GLU C 254 11.59 -47.08 -35.22
C GLU C 254 11.48 -47.24 -36.74
N ARG C 255 12.40 -48.03 -37.31
CA ARG C 255 12.40 -48.36 -38.73
C ARG C 255 11.13 -49.12 -39.06
N ALA C 256 10.74 -50.04 -38.19
CA ALA C 256 9.49 -50.79 -38.36
C ALA C 256 8.26 -49.89 -38.28
N ALA C 257 8.28 -48.88 -37.43
CA ALA C 257 7.19 -47.89 -37.43
C ALA C 257 7.09 -47.19 -38.79
N ALA C 258 8.19 -46.57 -39.20
CA ALA C 258 8.22 -45.80 -40.44
C ALA C 258 7.84 -46.61 -41.66
N HIS C 259 8.18 -47.91 -41.64
CA HIS C 259 7.98 -48.79 -42.79
C HIS C 259 6.58 -49.43 -42.82
N SER C 260 6.06 -49.84 -41.67
CA SER C 260 4.70 -50.36 -41.60
C SER C 260 3.62 -49.38 -41.97
N ALA C 261 3.82 -48.09 -41.66
CA ALA C 261 2.75 -47.07 -41.73
C ALA C 261 2.29 -46.69 -43.14
N ASP C 262 0.98 -46.55 -43.34
CA ASP C 262 0.43 -46.11 -44.64
C ASP C 262 1.03 -44.77 -45.06
N VAL C 263 1.14 -43.85 -44.10
CA VAL C 263 1.80 -42.56 -44.30
C VAL C 263 2.88 -42.36 -43.23
N PHE C 264 4.06 -41.96 -43.68
CA PHE C 264 5.22 -41.71 -42.84
C PHE C 264 5.49 -40.24 -42.96
N THR C 265 5.63 -39.56 -41.81
CA THR C 265 5.89 -38.11 -41.74
C THR C 265 7.00 -37.80 -40.75
N THR C 266 7.64 -36.65 -40.93
CA THR C 266 8.50 -36.06 -39.91
C THR C 266 8.08 -34.59 -39.76
N VAL C 267 8.74 -33.90 -38.83
CA VAL C 267 8.38 -32.54 -38.45
C VAL C 267 9.15 -31.42 -39.16
N SER C 268 10.10 -31.76 -40.00
CA SER C 268 10.86 -30.74 -40.72
C SER C 268 11.48 -31.33 -41.94
N GLN C 269 11.87 -30.47 -42.88
CA GLN C 269 12.69 -30.91 -44.01
C GLN C 269 14.05 -31.43 -43.58
N ILE C 270 14.64 -30.82 -42.54
CA ILE C 270 15.94 -31.24 -42.01
C ILE C 270 15.83 -32.64 -41.44
N THR C 271 14.71 -32.98 -40.83
CA THR C 271 14.50 -34.34 -40.35
C THR C 271 13.93 -35.31 -41.37
N ALA C 272 13.22 -34.80 -42.38
CA ALA C 272 12.74 -35.64 -43.48
C ALA C 272 13.91 -36.11 -44.33
N PHE C 273 14.85 -35.21 -44.61
CA PHE C 273 16.12 -35.54 -45.30
C PHE C 273 17.01 -36.49 -44.46
N GLU C 274 16.96 -36.36 -43.14
CA GLU C 274 17.67 -37.26 -42.23
C GLU C 274 17.03 -38.64 -42.14
N ALA C 275 15.70 -38.66 -42.09
CA ALA C 275 14.94 -39.90 -41.91
C ALA C 275 14.95 -40.77 -43.15
N GLU C 276 15.11 -40.14 -44.32
CA GLU C 276 15.20 -40.86 -45.61
C GLU C 276 16.41 -41.79 -45.61
N HIS C 277 17.58 -41.24 -45.30
CA HIS C 277 18.84 -41.98 -45.36
C HIS C 277 19.11 -42.88 -44.14
N LEU C 278 18.47 -42.61 -43.01
CA LEU C 278 18.71 -43.41 -41.78
C LEU C 278 17.64 -44.43 -41.45
N LEU C 279 16.39 -44.15 -41.78
CA LEU C 279 15.29 -45.11 -41.62
C LEU C 279 14.88 -45.77 -42.93
N LYS C 280 15.40 -45.25 -44.04
CA LYS C 280 15.24 -45.86 -45.36
C LYS C 280 13.82 -45.75 -45.82
N ARG C 281 13.22 -44.58 -45.68
CA ARG C 281 11.95 -44.32 -46.32
C ARG C 281 11.76 -42.83 -46.52
N LYS C 282 11.43 -42.42 -47.74
CA LYS C 282 11.23 -41.02 -48.03
C LYS C 282 9.89 -40.66 -47.42
N PRO C 283 9.89 -39.67 -46.49
CA PRO C 283 8.65 -39.37 -45.82
C PRO C 283 7.71 -38.60 -46.71
N ASP C 284 6.42 -38.85 -46.53
CA ASP C 284 5.41 -38.38 -47.48
C ASP C 284 5.07 -36.91 -47.24
N GLY C 285 5.52 -36.36 -46.12
CA GLY C 285 5.46 -34.92 -45.90
C GLY C 285 5.96 -34.46 -44.55
N ILE C 286 5.85 -33.14 -44.40
CA ILE C 286 6.24 -32.43 -43.20
C ILE C 286 4.97 -32.13 -42.40
N LEU C 287 5.07 -32.35 -41.08
CA LEU C 287 4.07 -31.93 -40.10
C LEU C 287 4.73 -30.95 -39.10
N PRO C 288 4.94 -29.69 -39.55
CA PRO C 288 5.72 -28.78 -38.75
C PRO C 288 4.85 -28.32 -37.59
N ASN C 289 5.49 -28.00 -36.46
CA ASN C 289 4.78 -27.80 -35.18
C ASN C 289 4.29 -26.38 -34.95
N GLY C 290 2.97 -26.23 -34.91
CA GLY C 290 2.36 -25.01 -34.50
C GLY C 290 2.36 -24.79 -33.00
N LEU C 291 1.95 -23.56 -32.66
CA LEU C 291 1.69 -23.12 -31.30
C LEU C 291 0.27 -22.60 -31.23
N ASN C 292 -0.31 -22.68 -30.04
CA ASN C 292 -1.60 -22.11 -29.78
C ASN C 292 -1.42 -20.64 -29.39
N VAL C 293 -1.37 -19.79 -30.39
CA VAL C 293 -0.96 -18.40 -30.23
C VAL C 293 -2.04 -17.62 -29.49
N ILE C 294 -1.67 -17.01 -28.37
CA ILE C 294 -2.61 -16.18 -27.55
C ILE C 294 -2.61 -14.70 -27.97
N LYS C 295 -3.58 -14.32 -28.80
CA LYS C 295 -3.66 -12.94 -29.33
C LYS C 295 -4.32 -11.97 -28.33
N PHE C 296 -3.76 -10.78 -28.17
CA PHE C 296 -4.33 -9.76 -27.27
C PHE C 296 -5.27 -8.83 -28.05
N GLN C 297 -6.17 -8.15 -27.35
CA GLN C 297 -7.12 -7.25 -28.02
C GLN C 297 -6.44 -5.99 -28.58
N ALA C 298 -5.33 -5.61 -27.97
CA ALA C 298 -4.58 -4.44 -28.37
C ALA C 298 -3.18 -4.93 -28.68
N PHE C 299 -2.76 -4.78 -29.92
CA PHE C 299 -1.49 -5.31 -30.37
C PHE C 299 -0.39 -5.03 -29.37
N HIS C 300 -0.26 -3.76 -29.00
CA HIS C 300 0.83 -3.30 -28.14
C HIS C 300 0.90 -3.89 -26.74
N GLU C 301 -0.19 -4.50 -26.26
CA GLU C 301 -0.20 -5.11 -24.93
C GLU C 301 1.03 -5.93 -24.62
N PHE C 302 1.46 -6.75 -25.57
CA PHE C 302 2.64 -7.62 -25.37
C PHE C 302 3.92 -6.84 -24.99
N GLN C 303 4.02 -5.58 -25.43
CA GLN C 303 5.11 -4.66 -25.03
C GLN C 303 5.10 -4.33 -23.54
N ASN C 304 3.92 -3.94 -23.06
CA ASN C 304 3.72 -3.56 -21.67
C ASN C 304 4.04 -4.74 -20.81
N LEU C 305 3.76 -5.95 -21.30
CA LEU C 305 4.17 -7.17 -20.62
C LEU C 305 5.67 -7.37 -20.58
N HIS C 306 6.34 -7.09 -21.68
CA HIS C 306 7.80 -7.20 -21.72
C HIS C 306 8.42 -6.44 -20.58
N ALA C 307 7.93 -5.21 -20.38
CA ALA C 307 8.48 -4.27 -19.41
C ALA C 307 8.18 -4.64 -17.99
N LEU C 308 7.00 -5.21 -17.83
CA LEU C 308 6.47 -5.60 -16.54
C LEU C 308 7.24 -6.80 -15.95
N LYS C 309 7.55 -7.80 -16.78
CA LYS C 309 8.27 -9.01 -16.37
C LYS C 309 9.77 -8.82 -16.36
N LYS C 310 10.25 -7.87 -17.16
CA LYS C 310 11.65 -7.49 -17.13
C LYS C 310 11.93 -6.88 -15.78
N GLU C 311 10.96 -6.21 -15.17
CA GLU C 311 11.12 -5.73 -13.80
C GLU C 311 11.26 -6.89 -12.79
N LYS C 312 10.45 -7.94 -12.91
CA LYS C 312 10.60 -9.10 -12.03
C LYS C 312 11.94 -9.81 -12.21
N ILE C 313 12.52 -9.74 -13.41
CA ILE C 313 13.89 -10.12 -13.63
C ILE C 313 14.82 -9.13 -12.95
N ASN C 314 14.61 -7.83 -13.15
CA ASN C 314 15.40 -6.82 -12.44
C ASN C 314 15.49 -7.09 -10.90
N ASP C 315 14.36 -7.38 -10.25
CA ASP C 315 14.37 -7.69 -8.81
C ASP C 315 15.38 -8.79 -8.52
N PHE C 316 15.32 -9.89 -9.28
CA PHE C 316 16.26 -11.00 -9.12
C PHE C 316 17.72 -10.58 -9.24
N VAL C 317 18.03 -9.91 -10.34
CA VAL C 317 19.40 -9.49 -10.65
C VAL C 317 19.99 -8.62 -9.54
N ARG C 318 19.28 -7.59 -9.09
CA ARG C 318 19.74 -6.79 -7.93
C ARG C 318 20.06 -7.65 -6.70
N GLY C 319 19.24 -8.67 -6.42
CA GLY C 319 19.54 -9.64 -5.36
C GLY C 319 20.77 -10.50 -5.66
N HIS C 320 20.86 -10.98 -6.88
CA HIS C 320 21.99 -11.79 -7.26
C HIS C 320 23.32 -11.06 -7.14
N PHE C 321 23.35 -9.79 -7.53
CA PHE C 321 24.59 -8.98 -7.56
C PHE C 321 24.73 -8.10 -6.32
N HIS C 322 24.07 -8.48 -5.22
CA HIS C 322 24.10 -7.66 -3.99
C HIS C 322 25.53 -7.57 -3.53
N GLY C 323 26.00 -6.35 -3.28
CA GLY C 323 27.41 -6.12 -3.04
C GLY C 323 28.12 -5.65 -4.29
N CYS C 324 28.11 -6.44 -5.36
CA CYS C 324 28.85 -6.06 -6.59
C CYS C 324 27.97 -5.49 -7.73
N PHE C 325 27.08 -4.57 -7.38
CA PHE C 325 26.10 -3.98 -8.31
C PHE C 325 26.58 -2.63 -8.86
N ASP C 326 27.25 -2.70 -10.01
CA ASP C 326 27.98 -1.57 -10.57
C ASP C 326 27.52 -1.17 -11.96
N PHE C 327 26.31 -1.56 -12.37
CA PHE C 327 25.79 -1.26 -13.72
C PHE C 327 24.33 -0.83 -13.72
N ASP C 328 23.88 -0.33 -14.87
CA ASP C 328 22.57 0.31 -15.06
C ASP C 328 21.56 -0.63 -15.72
N LEU C 329 20.57 -1.12 -14.98
CA LEU C 329 19.58 -2.06 -15.56
C LEU C 329 18.72 -1.50 -16.71
N ASP C 330 18.65 -0.17 -16.79
CA ASP C 330 18.01 0.49 -17.89
C ASP C 330 18.82 0.32 -19.17
N ASN C 331 20.13 0.15 -19.03
CA ASN C 331 21.02 -0.10 -20.15
C ASN C 331 21.65 -1.49 -19.99
N THR C 332 20.78 -2.46 -19.73
CA THR C 332 21.14 -3.86 -19.56
C THR C 332 20.18 -4.71 -20.43
N LEU C 333 20.74 -5.69 -21.12
CA LEU C 333 19.96 -6.60 -21.94
C LEU C 333 20.02 -7.96 -21.29
N TYR C 334 19.10 -8.84 -21.65
CA TYR C 334 18.93 -10.12 -20.99
C TYR C 334 18.88 -11.21 -22.05
N PHE C 335 20.00 -11.91 -22.25
CA PHE C 335 20.05 -13.05 -23.16
C PHE C 335 19.83 -14.29 -22.36
N PHE C 336 19.27 -15.31 -23.00
CA PHE C 336 19.04 -16.55 -22.32
C PHE C 336 19.09 -17.73 -23.26
N ILE C 337 19.51 -18.87 -22.72
CA ILE C 337 19.39 -20.14 -23.39
C ILE C 337 18.57 -21.02 -22.47
N ALA C 338 17.72 -21.86 -23.06
CA ALA C 338 16.85 -22.70 -22.28
C ALA C 338 16.55 -23.99 -23.01
N GLY C 339 16.17 -24.99 -22.21
CA GLY C 339 15.84 -26.35 -22.65
C GLY C 339 16.45 -27.44 -21.78
N ARG C 340 16.09 -28.69 -22.08
CA ARG C 340 16.76 -29.91 -21.56
C ARG C 340 18.28 -29.81 -21.67
N TYR C 341 18.99 -30.51 -20.78
CA TYR C 341 20.45 -30.44 -20.73
C TYR C 341 21.10 -31.44 -21.70
N GLU C 342 21.25 -31.01 -22.95
CA GLU C 342 22.09 -31.67 -23.93
C GLU C 342 23.16 -30.66 -24.33
N TYR C 343 24.30 -30.71 -23.66
CA TYR C 343 25.33 -29.68 -23.78
C TYR C 343 25.69 -29.32 -25.25
N LYS C 344 25.89 -30.33 -26.09
CA LYS C 344 26.35 -30.14 -27.48
C LYS C 344 25.23 -29.82 -28.45
N ASN C 345 24.16 -30.59 -28.33
CA ASN C 345 23.00 -30.50 -29.24
C ASN C 345 22.22 -29.19 -29.14
N LYS C 346 21.94 -28.75 -27.92
CA LYS C 346 21.23 -27.49 -27.71
C LYS C 346 22.09 -26.27 -28.03
N GLY C 347 23.41 -26.46 -27.95
CA GLY C 347 24.38 -25.44 -28.38
C GLY C 347 24.95 -24.60 -27.26
N ALA C 348 24.84 -25.08 -26.03
CA ALA C 348 25.32 -24.35 -24.88
C ALA C 348 26.84 -24.10 -24.94
N ASP C 349 27.57 -25.06 -25.52
CA ASP C 349 28.99 -24.85 -25.82
C ASP C 349 29.25 -23.59 -26.71
N MET C 350 28.48 -23.43 -27.78
CA MET C 350 28.62 -22.26 -28.67
C MET C 350 28.19 -20.97 -28.01
N PHE C 351 27.09 -21.08 -27.26
CA PHE C 351 26.58 -19.96 -26.51
C PHE C 351 27.65 -19.40 -25.60
N ILE C 352 28.22 -20.24 -24.74
CA ILE C 352 29.14 -19.76 -23.71
C ILE C 352 30.44 -19.19 -24.32
N GLU C 353 30.89 -19.78 -25.43
CA GLU C 353 32.05 -19.27 -26.16
C GLU C 353 31.72 -17.94 -26.86
N ALA C 354 30.55 -17.86 -27.47
CA ALA C 354 30.11 -16.64 -28.16
C ALA C 354 29.90 -15.45 -27.19
N LEU C 355 29.41 -15.74 -25.99
CA LEU C 355 29.33 -14.72 -24.95
C LEU C 355 30.71 -14.26 -24.49
N ALA C 356 31.65 -15.20 -24.36
CA ALA C 356 33.02 -14.90 -23.92
C ALA C 356 33.75 -13.95 -24.86
N ARG C 357 33.54 -14.14 -26.16
CA ARG C 357 34.10 -13.30 -27.21
C ARG C 357 33.38 -11.96 -27.33
N LEU C 358 32.05 -11.97 -27.17
CA LEU C 358 31.26 -10.75 -27.10
C LEU C 358 31.79 -9.85 -25.98
N ASN C 359 31.90 -10.42 -24.77
CA ASN C 359 32.51 -9.73 -23.65
C ASN C 359 33.80 -9.03 -24.05
N TYR C 360 34.65 -9.72 -24.81
CA TYR C 360 35.90 -9.14 -25.30
C TYR C 360 35.69 -7.97 -26.27
N ARG C 361 34.77 -8.13 -27.22
CA ARG C 361 34.48 -7.05 -28.18
C ARG C 361 33.89 -5.83 -27.49
N LEU C 362 32.97 -6.07 -26.56
CA LEU C 362 32.28 -5.00 -25.84
C LEU C 362 33.24 -4.25 -24.92
N LYS C 363 34.22 -4.97 -24.38
CA LYS C 363 35.31 -4.31 -23.67
C LYS C 363 36.10 -3.47 -24.65
N VAL C 364 36.66 -4.11 -25.66
CA VAL C 364 37.49 -3.44 -26.67
C VAL C 364 36.80 -2.21 -27.25
N SER C 365 35.52 -2.31 -27.58
CA SER C 365 34.78 -1.20 -28.22
C SER C 365 34.40 -0.10 -27.25
N GLY C 366 34.42 -0.40 -25.96
CA GLY C 366 34.08 0.57 -24.92
C GLY C 366 32.59 0.77 -24.86
N SER C 367 31.85 -0.33 -24.84
CA SER C 367 30.39 -0.26 -24.83
C SER C 367 29.95 -0.08 -23.39
N LYS C 368 28.95 0.78 -23.19
CA LYS C 368 28.34 1.02 -21.88
C LYS C 368 27.22 0.01 -21.56
N LYS C 369 26.86 -0.85 -22.51
CA LYS C 369 25.84 -1.87 -22.24
C LYS C 369 26.39 -3.03 -21.45
N THR C 370 25.48 -3.75 -20.79
CA THR C 370 25.81 -4.90 -19.95
C THR C 370 24.83 -6.00 -20.34
N VAL C 371 25.34 -7.22 -20.51
CA VAL C 371 24.49 -8.36 -20.88
C VAL C 371 24.43 -9.33 -19.72
N VAL C 372 23.26 -9.54 -19.15
CA VAL C 372 23.09 -10.66 -18.25
C VAL C 372 22.54 -11.85 -19.02
N ALA C 373 23.38 -12.86 -19.21
CA ALA C 373 23.02 -14.06 -19.92
C ALA C 373 22.59 -15.12 -18.93
N PHE C 374 21.41 -15.72 -19.15
CA PHE C 374 20.92 -16.83 -18.34
C PHE C 374 21.07 -18.15 -19.09
N ILE C 375 21.29 -19.24 -18.35
CA ILE C 375 21.24 -20.61 -18.91
C ILE C 375 20.25 -21.38 -18.06
N VAL C 376 19.15 -21.84 -18.67
CA VAL C 376 18.11 -22.55 -17.92
C VAL C 376 17.98 -24.00 -18.43
N MET C 377 18.89 -24.84 -17.94
CA MET C 377 18.96 -26.24 -18.28
C MET C 377 18.99 -27.09 -17.02
N PRO C 378 17.95 -27.92 -16.79
CA PRO C 378 17.92 -28.64 -15.52
C PRO C 378 19.09 -29.60 -15.35
N ALA C 379 19.71 -29.53 -14.18
CA ALA C 379 20.82 -30.37 -13.81
C ALA C 379 20.63 -30.89 -12.40
N LYS C 380 21.33 -31.95 -12.05
CA LYS C 380 21.21 -32.53 -10.70
C LYS C 380 21.70 -31.54 -9.66
N ASN C 381 20.78 -31.10 -8.79
CA ASN C 381 21.08 -30.09 -7.79
C ASN C 381 20.54 -30.46 -6.43
N ASN C 382 21.08 -29.79 -5.42
CA ASN C 382 20.56 -29.83 -4.06
C ASN C 382 19.88 -28.49 -3.75
N SER C 383 18.91 -28.13 -4.59
CA SER C 383 18.17 -26.88 -4.44
C SER C 383 19.11 -25.64 -4.46
N PHE C 384 18.62 -24.52 -3.95
CA PHE C 384 19.28 -23.24 -4.14
C PHE C 384 20.46 -23.07 -3.16
N THR C 385 21.49 -22.33 -3.59
CA THR C 385 22.59 -21.94 -2.68
C THR C 385 22.01 -21.06 -1.57
N VAL C 386 22.52 -21.17 -0.33
CA VAL C 386 22.05 -20.24 0.70
C VAL C 386 22.29 -18.79 0.23
N GLU C 387 23.47 -18.52 -0.34
CA GLU C 387 23.78 -17.16 -0.80
C GLU C 387 22.74 -16.59 -1.72
N ALA C 388 22.09 -17.43 -2.55
CA ALA C 388 21.07 -16.92 -3.50
C ALA C 388 19.76 -16.57 -2.81
N LEU C 389 19.23 -17.51 -2.02
CA LEU C 389 18.05 -17.27 -1.19
C LEU C 389 18.22 -16.11 -0.23
N LYS C 390 19.41 -16.04 0.37
CA LYS C 390 19.67 -15.13 1.47
C LYS C 390 19.76 -13.69 0.99
N GLY C 391 20.51 -13.46 -0.08
CA GLY C 391 20.65 -12.11 -0.64
C GLY C 391 19.35 -11.56 -1.25
N GLN C 392 18.50 -12.44 -1.74
CA GLN C 392 17.19 -12.06 -2.21
C GLN C 392 16.41 -11.50 -1.05
N ALA C 393 16.50 -12.16 0.11
CA ALA C 393 15.82 -11.71 1.32
C ALA C 393 16.38 -10.42 1.93
N GLU C 394 17.68 -10.23 1.75
CA GLU C 394 18.38 -9.04 2.24
C GLU C 394 18.00 -7.82 1.44
N VAL C 395 17.75 -7.99 0.14
CA VAL C 395 17.30 -6.89 -0.72
C VAL C 395 15.85 -6.54 -0.45
N ARG C 396 15.01 -7.51 -0.12
CA ARG C 396 13.64 -7.18 0.26
C ARG C 396 13.60 -6.38 1.55
N ALA C 397 14.41 -6.78 2.53
CA ALA C 397 14.57 -6.01 3.76
C ALA C 397 14.93 -4.56 3.48
N LEU C 398 15.83 -4.34 2.53
CA LEU C 398 16.22 -3.01 2.15
C LEU C 398 15.04 -2.29 1.54
N GLU C 399 14.35 -2.95 0.60
CA GLU C 399 13.15 -2.37 -0.04
C GLU C 399 12.21 -1.87 1.03
N ASN C 400 11.88 -2.73 1.98
CA ASN C 400 10.94 -2.38 3.04
C ASN C 400 11.41 -1.32 4.03
N THR C 401 12.70 -1.21 4.30
CA THR C 401 13.19 -0.06 5.07
C THR C 401 13.08 1.25 4.25
N VAL C 402 13.39 1.19 2.96
CA VAL C 402 13.22 2.35 2.11
C VAL C 402 11.75 2.77 2.14
N HIS C 403 10.85 1.80 2.13
CA HIS C 403 9.44 2.09 2.14
C HIS C 403 9.07 2.76 3.44
N GLU C 404 9.46 2.19 4.58
CA GLU C 404 9.24 2.85 5.87
C GLU C 404 9.78 4.26 5.91
N VAL C 405 11.03 4.43 5.50
CA VAL C 405 11.69 5.73 5.49
C VAL C 405 10.95 6.74 4.64
N THR C 406 10.53 6.37 3.43
CA THR C 406 9.84 7.36 2.58
C THR C 406 8.45 7.75 3.04
N THR C 407 7.78 6.87 3.80
CA THR C 407 6.51 7.22 4.42
C THR C 407 6.72 8.35 5.42
N SER C 408 7.76 8.27 6.22
CA SER C 408 8.11 9.38 7.10
C SER C 408 8.41 10.64 6.31
N ILE C 409 9.12 10.49 5.18
CA ILE C 409 9.48 11.66 4.36
C ILE C 409 8.23 12.36 3.82
N GLY C 410 7.26 11.57 3.39
CA GLY C 410 5.98 12.07 2.97
C GLY C 410 5.38 12.93 4.05
N LYS C 411 5.31 12.37 5.25
CA LYS C 411 4.64 13.05 6.33
C LYS C 411 5.23 14.45 6.52
N ARG C 412 6.54 14.54 6.32
CA ARG C 412 7.28 15.79 6.47
C ARG C 412 7.05 16.78 5.30
N ILE C 413 7.19 16.30 4.06
CA ILE C 413 6.92 17.13 2.88
C ILE C 413 5.50 17.65 2.96
N PHE C 414 4.58 16.78 3.33
CA PHE C 414 3.18 17.13 3.45
C PHE C 414 3.01 18.23 4.46
N ASP C 415 3.60 18.04 5.65
CA ASP C 415 3.43 19.05 6.70
C ASP C 415 3.97 20.40 6.25
N HIS C 416 5.08 20.40 5.57
CA HIS C 416 5.68 21.63 5.10
C HIS C 416 4.77 22.29 4.10
N ALA C 417 4.26 21.51 3.16
CA ALA C 417 3.41 22.00 2.08
C ALA C 417 2.17 22.63 2.62
N ILE C 418 1.52 21.97 3.56
CA ILE C 418 0.27 22.49 4.14
C ILE C 418 0.44 23.62 5.17
N ARG C 419 1.61 23.72 5.76
CA ARG C 419 1.92 24.74 6.75
C ARG C 419 2.41 26.05 6.10
N TYR C 420 3.07 25.93 4.95
CA TYR C 420 3.61 27.06 4.18
C TYR C 420 2.50 28.08 3.96
N PRO C 421 2.74 29.40 4.04
CA PRO C 421 4.01 30.04 4.38
C PRO C 421 4.15 30.40 5.88
N HIS C 422 3.43 29.70 6.73
CA HIS C 422 3.38 30.05 8.14
C HIS C 422 4.51 29.38 8.85
N ASN C 423 4.77 29.82 10.08
CA ASN C 423 5.74 29.20 11.00
C ASN C 423 7.15 29.31 10.48
N GLY C 424 7.42 30.47 9.89
CA GLY C 424 8.71 30.78 9.31
C GLY C 424 9.16 29.87 8.17
N LEU C 425 8.23 29.29 7.41
CA LEU C 425 8.54 28.55 6.17
C LEU C 425 8.50 29.53 5.01
N THR C 426 9.68 29.91 4.56
CA THR C 426 9.88 30.98 3.59
C THR C 426 9.84 30.46 2.16
N THR C 427 10.38 29.27 1.95
CA THR C 427 10.22 28.53 0.69
C THR C 427 8.99 27.60 0.74
N GLU C 428 8.35 27.41 -0.42
CA GLU C 428 7.17 26.52 -0.57
C GLU C 428 7.50 25.07 -0.27
N LEU C 429 8.67 24.65 -0.75
CA LEU C 429 9.09 23.30 -0.55
C LEU C 429 10.29 23.25 0.35
N PRO C 430 10.54 22.08 0.97
CA PRO C 430 11.79 21.82 1.63
C PRO C 430 12.93 21.91 0.64
N THR C 431 14.09 22.34 1.15
CA THR C 431 15.28 22.61 0.36
C THR C 431 16.46 21.78 0.83
N ASP C 432 16.66 21.71 2.14
CA ASP C 432 17.73 20.93 2.76
C ASP C 432 17.25 19.52 3.09
N LEU C 433 17.96 18.51 2.59
CA LEU C 433 17.59 17.12 2.84
C LEU C 433 17.38 16.75 4.31
N GLY C 434 18.03 17.47 5.21
CA GLY C 434 17.90 17.24 6.66
C GLY C 434 16.54 17.51 7.27
N GLU C 435 15.74 18.35 6.62
CA GLU C 435 14.34 18.50 7.04
C GLU C 435 13.59 17.17 6.92
N LEU C 436 13.87 16.40 5.88
CA LEU C 436 13.08 15.22 5.58
C LEU C 436 13.67 13.93 6.16
N LEU C 437 14.99 13.82 6.13
CA LEU C 437 15.69 12.56 6.42
C LEU C 437 16.41 12.68 7.75
N LYS C 438 16.02 11.85 8.72
CA LYS C 438 16.51 11.98 10.09
C LYS C 438 17.43 10.82 10.46
N SER C 439 18.30 11.01 11.45
CA SER C 439 19.33 10.01 11.78
C SER C 439 18.78 8.62 12.11
N SER C 440 17.63 8.56 12.75
CA SER C 440 16.93 7.29 12.94
C SER C 440 16.65 6.55 11.62
N ASP C 441 16.27 7.33 10.61
CA ASP C 441 16.07 6.83 9.24
C ASP C 441 17.42 6.44 8.64
N LYS C 442 18.42 7.31 8.75
CA LYS C 442 19.77 7.00 8.23
C LYS C 442 20.40 5.75 8.80
N VAL C 443 20.04 5.41 10.04
CA VAL C 443 20.59 4.23 10.71
C VAL C 443 20.10 2.94 10.08
N MET C 444 18.81 2.64 10.24
CA MET C 444 18.24 1.40 9.74
C MET C 444 18.57 1.21 8.25
N LEU C 445 18.61 2.28 7.45
CA LEU C 445 19.07 2.18 6.05
C LEU C 445 20.47 1.62 5.93
N LYS C 446 21.41 2.22 6.65
CA LYS C 446 22.82 1.82 6.65
C LYS C 446 23.06 0.40 7.16
N ARG C 447 22.20 -0.05 8.08
CA ARG C 447 22.18 -1.44 8.55
C ARG C 447 21.80 -2.40 7.43
N ARG C 448 20.76 -2.02 6.68
CA ARG C 448 20.29 -2.80 5.54
C ARG C 448 21.30 -2.85 4.40
N ILE C 449 22.07 -1.76 4.22
CA ILE C 449 23.14 -1.64 3.23
C ILE C 449 24.37 -2.47 3.63
N LEU C 450 24.73 -2.40 4.90
CA LEU C 450 25.77 -3.28 5.44
C LEU C 450 25.47 -4.76 5.19
N ALA C 451 24.22 -5.15 5.42
CA ALA C 451 23.81 -6.54 5.23
C ALA C 451 23.89 -7.04 3.77
N LEU C 452 24.02 -6.14 2.80
CA LEU C 452 24.22 -6.50 1.40
C LEU C 452 25.70 -6.56 0.97
N ARG C 453 26.56 -5.83 1.68
CA ARG C 453 28.02 -5.98 1.54
C ARG C 453 28.38 -7.45 1.43
N ARG C 454 29.27 -7.81 0.51
CA ARG C 454 29.78 -9.19 0.45
C ARG C 454 31.30 -9.18 0.68
N PRO C 455 31.90 -10.32 1.13
CA PRO C 455 33.28 -10.37 1.60
C PRO C 455 34.33 -9.86 0.62
N GLU C 456 35.52 -9.57 1.14
CA GLU C 456 36.71 -9.17 0.36
C GLU C 456 36.80 -9.88 -0.99
N GLY C 457 36.56 -9.15 -2.08
CA GLY C 457 36.73 -9.65 -3.44
C GLY C 457 35.98 -10.93 -3.84
N GLN C 458 34.83 -11.19 -3.19
CA GLN C 458 33.90 -12.24 -3.63
C GLN C 458 33.13 -11.66 -4.81
N LEU C 459 32.88 -12.50 -5.81
CA LEU C 459 32.22 -12.07 -7.01
C LEU C 459 30.80 -12.64 -6.99
N PRO C 460 29.90 -12.12 -7.84
CA PRO C 460 28.56 -12.72 -7.92
C PRO C 460 28.64 -14.10 -8.54
N PRO C 461 27.99 -15.13 -7.93
CA PRO C 461 28.01 -16.51 -8.44
C PRO C 461 27.64 -16.72 -9.91
N ILE C 462 28.20 -17.78 -10.51
CA ILE C 462 27.83 -18.21 -11.86
C ILE C 462 26.81 -19.34 -11.78
N VAL C 463 26.22 -19.53 -10.61
CA VAL C 463 25.26 -20.59 -10.40
C VAL C 463 24.36 -20.30 -9.16
N THR C 464 23.09 -20.66 -9.27
CA THR C 464 22.07 -20.37 -8.27
C THR C 464 21.77 -21.54 -7.33
N HIS C 465 22.32 -22.71 -7.65
CA HIS C 465 22.03 -23.94 -6.93
C HIS C 465 23.36 -24.59 -6.52
N ASN C 466 23.26 -25.54 -5.59
CA ASN C 466 24.38 -26.39 -5.24
C ASN C 466 24.31 -27.61 -6.11
N MET C 467 25.34 -27.79 -6.91
CA MET C 467 25.36 -28.85 -7.90
C MET C 467 25.81 -30.16 -7.24
N VAL C 468 25.13 -31.25 -7.58
CA VAL C 468 25.67 -32.58 -7.31
C VAL C 468 26.75 -32.73 -8.35
N ASP C 469 28.00 -32.86 -7.94
CA ASP C 469 29.13 -33.06 -8.88
C ASP C 469 29.46 -31.78 -9.68
N ASP C 470 29.78 -30.72 -8.93
CA ASP C 470 30.06 -29.39 -9.50
C ASP C 470 31.24 -29.36 -10.46
N ALA C 471 32.33 -30.02 -10.08
CA ALA C 471 33.56 -29.99 -10.86
C ALA C 471 33.43 -30.72 -12.19
N ASN C 472 32.50 -31.68 -12.30
CA ASN C 472 32.26 -32.41 -13.56
C ASN C 472 31.04 -31.97 -14.35
N ASP C 473 30.51 -30.78 -14.07
CA ASP C 473 29.39 -30.24 -14.87
C ASP C 473 29.94 -29.47 -16.07
N LEU C 474 29.40 -29.80 -17.25
CA LEU C 474 29.95 -29.32 -18.53
C LEU C 474 29.82 -27.81 -18.73
N ILE C 475 28.65 -27.29 -18.38
CA ILE C 475 28.33 -25.86 -18.53
C ILE C 475 29.29 -25.12 -17.62
N LEU C 476 29.27 -25.46 -16.33
CA LEU C 476 30.11 -24.81 -15.34
C LEU C 476 31.57 -24.82 -15.73
N ASN C 477 32.10 -25.98 -16.14
CA ASN C 477 33.50 -26.05 -16.54
C ASN C 477 33.80 -25.12 -17.72
N LYS C 478 32.90 -25.10 -18.70
CA LYS C 478 33.05 -24.23 -19.88
C LYS C 478 33.08 -22.75 -19.50
N ILE C 479 32.27 -22.39 -18.51
CA ILE C 479 32.22 -21.03 -18.02
C ILE C 479 33.53 -20.69 -17.31
N ARG C 480 33.98 -21.61 -16.45
CA ARG C 480 35.25 -21.42 -15.73
C ARG C 480 36.41 -21.35 -16.70
N GLN C 481 36.33 -22.14 -17.76
CA GLN C 481 37.35 -22.17 -18.81
C GLN C 481 37.48 -20.82 -19.55
N VAL C 482 36.36 -20.27 -20.03
CA VAL C 482 36.37 -18.97 -20.74
C VAL C 482 36.52 -17.75 -19.81
N GLN C 483 36.37 -17.96 -18.49
CA GLN C 483 36.66 -16.97 -17.44
C GLN C 483 35.69 -15.79 -17.45
N LEU C 484 34.42 -16.13 -17.39
CA LEU C 484 33.37 -15.18 -17.16
C LEU C 484 32.98 -15.41 -15.71
N PHE C 485 33.64 -14.69 -14.80
CA PHE C 485 33.38 -14.82 -13.37
C PHE C 485 32.63 -13.61 -12.78
N ASN C 486 31.95 -12.85 -13.65
CA ASN C 486 31.13 -11.71 -13.23
C ASN C 486 31.90 -10.65 -12.44
N SER C 487 33.15 -10.44 -12.83
CA SER C 487 33.94 -9.33 -12.29
C SER C 487 33.45 -8.03 -12.92
N PRO C 488 33.66 -6.90 -12.23
CA PRO C 488 33.02 -5.66 -12.69
C PRO C 488 33.49 -5.14 -14.04
N SER C 489 34.63 -5.58 -14.54
CA SER C 489 35.06 -5.20 -15.88
C SER C 489 34.30 -5.96 -16.99
N ASP C 490 34.00 -7.26 -16.77
CA ASP C 490 33.11 -8.05 -17.68
C ASP C 490 31.81 -7.31 -18.06
N ARG C 491 31.66 -7.00 -19.34
CA ARG C 491 30.38 -6.49 -19.85
C ARG C 491 29.35 -7.60 -20.07
N VAL C 492 29.75 -8.88 -19.95
CA VAL C 492 28.82 -10.01 -20.01
C VAL C 492 28.85 -10.77 -18.70
N LYS C 493 27.66 -10.95 -18.12
CA LYS C 493 27.46 -11.68 -16.88
C LYS C 493 26.83 -13.01 -17.23
N MET C 494 27.02 -13.99 -16.33
CA MET C 494 26.62 -15.37 -16.56
C MET C 494 25.89 -15.85 -15.33
N ILE C 495 24.66 -16.34 -15.50
CA ILE C 495 23.91 -16.94 -14.39
C ILE C 495 23.33 -18.26 -14.89
N PHE C 496 23.80 -19.35 -14.32
CA PHE C 496 23.35 -20.69 -14.64
C PHE C 496 22.32 -21.06 -13.58
N HIS C 497 21.10 -21.38 -14.02
CA HIS C 497 19.98 -21.71 -13.14
C HIS C 497 19.46 -23.12 -13.41
N PRO C 498 20.14 -24.15 -12.87
CA PRO C 498 19.99 -25.54 -13.27
C PRO C 498 18.69 -26.20 -12.77
N GLU C 499 17.58 -25.68 -13.26
CA GLU C 499 16.26 -26.17 -12.88
C GLU C 499 15.27 -25.37 -13.69
N PHE C 500 14.14 -25.97 -14.05
CA PHE C 500 13.14 -25.25 -14.86
C PHE C 500 12.42 -24.14 -14.08
N LEU C 501 12.17 -23.03 -14.76
CA LEU C 501 11.61 -21.86 -14.12
C LEU C 501 10.17 -22.08 -13.80
N ASN C 502 9.73 -21.47 -12.71
CA ASN C 502 8.38 -21.64 -12.24
C ASN C 502 8.05 -20.44 -11.37
N ALA C 503 6.78 -20.12 -11.24
CA ALA C 503 6.32 -19.00 -10.40
C ALA C 503 6.49 -19.17 -8.90
N ASN C 504 6.75 -20.39 -8.42
CA ASN C 504 6.94 -20.67 -6.99
C ASN C 504 8.38 -20.68 -6.55
N ASN C 505 9.27 -20.96 -7.48
CA ASN C 505 10.69 -20.64 -7.38
C ASN C 505 10.94 -19.35 -6.55
N PRO C 506 11.48 -19.48 -5.32
CA PRO C 506 11.55 -18.37 -4.35
C PRO C 506 12.52 -17.25 -4.72
N ILE C 507 13.54 -17.53 -5.52
CA ILE C 507 14.47 -16.47 -5.92
C ILE C 507 14.02 -15.69 -7.15
N LEU C 508 13.46 -16.40 -8.15
CA LEU C 508 13.10 -15.79 -9.45
C LEU C 508 11.73 -16.28 -9.85
N GLY C 509 10.73 -15.89 -9.08
CA GLY C 509 9.40 -16.46 -9.22
C GLY C 509 8.61 -16.02 -10.45
N LEU C 510 9.05 -16.48 -11.62
CA LEU C 510 8.34 -16.31 -12.87
C LEU C 510 8.08 -17.67 -13.47
N ASP C 511 6.93 -17.86 -14.09
CA ASP C 511 6.77 -18.99 -15.00
C ASP C 511 7.63 -18.78 -16.27
N TYR C 512 8.00 -19.87 -16.96
CA TYR C 512 8.95 -19.75 -18.08
C TYR C 512 8.44 -18.75 -19.12
N ASP C 513 7.15 -18.83 -19.43
CA ASP C 513 6.59 -17.93 -20.41
C ASP C 513 6.78 -16.45 -20.03
N GLU C 514 6.69 -16.14 -18.73
CA GLU C 514 6.85 -14.75 -18.23
C GLU C 514 8.29 -14.29 -18.35
N PHE C 515 9.20 -15.17 -17.92
CA PHE C 515 10.64 -14.92 -18.01
C PHE C 515 11.05 -14.52 -19.43
N VAL C 516 10.53 -15.25 -20.41
CA VAL C 516 10.86 -15.03 -21.82
C VAL C 516 10.46 -13.62 -22.26
N ARG C 517 9.24 -13.22 -21.90
CA ARG C 517 8.74 -11.90 -22.25
C ARG C 517 9.64 -10.81 -21.64
N GLY C 518 10.06 -11.06 -20.42
CA GLY C 518 10.99 -10.19 -19.75
C GLY C 518 12.31 -10.00 -20.47
N CYS C 519 12.85 -11.08 -21.02
CA CYS C 519 14.15 -11.01 -21.70
C CYS C 519 14.10 -10.22 -23.01
N HIS C 520 15.26 -9.91 -23.55
CA HIS C 520 15.39 -9.19 -24.81
C HIS C 520 15.70 -10.09 -25.98
N LEU C 521 16.41 -11.19 -25.76
CA LEU C 521 16.92 -12.04 -26.86
C LEU C 521 17.14 -13.49 -26.44
N GLY C 522 16.45 -14.41 -27.09
CA GLY C 522 16.68 -15.82 -26.84
C GLY C 522 17.72 -16.39 -27.78
N VAL C 523 18.65 -17.19 -27.25
CA VAL C 523 19.78 -17.70 -28.02
C VAL C 523 19.85 -19.21 -27.88
N PHE C 524 19.55 -19.90 -28.97
CA PHE C 524 19.40 -21.36 -29.00
C PHE C 524 20.15 -21.91 -30.21
N PRO C 525 21.49 -21.93 -30.15
CA PRO C 525 22.30 -22.23 -31.33
C PRO C 525 22.47 -23.74 -31.52
N SER C 526 21.36 -24.43 -31.78
CA SER C 526 21.32 -25.89 -31.76
C SER C 526 22.07 -26.52 -32.93
N TYR C 527 22.53 -27.74 -32.69
CA TYR C 527 23.13 -28.59 -33.69
C TYR C 527 22.12 -29.67 -34.04
N TYR C 528 21.61 -30.40 -33.04
CA TYR C 528 20.53 -31.35 -33.31
C TYR C 528 19.18 -30.86 -32.77
N GLU C 529 18.31 -30.49 -33.71
CA GLU C 529 17.01 -29.87 -33.41
C GLU C 529 15.97 -30.13 -34.54
N PRO C 530 15.20 -31.23 -34.42
CA PRO C 530 14.18 -31.55 -35.40
C PRO C 530 13.15 -30.47 -35.65
N TRP C 531 12.91 -29.64 -34.64
CA TRP C 531 12.08 -28.47 -34.78
C TRP C 531 12.65 -27.28 -33.99
N GLY C 532 12.56 -27.33 -32.66
CA GLY C 532 13.01 -26.23 -31.81
C GLY C 532 11.82 -25.36 -31.47
N TYR C 533 11.08 -25.81 -30.47
CA TYR C 533 9.99 -25.02 -29.95
C TYR C 533 10.56 -23.81 -29.24
N THR C 534 11.65 -24.03 -28.51
CA THR C 534 12.30 -22.97 -27.73
C THR C 534 12.28 -21.57 -28.39
N PRO C 535 12.78 -21.46 -29.64
CA PRO C 535 12.77 -20.20 -30.40
C PRO C 535 11.48 -19.84 -31.07
N ALA C 536 10.60 -20.79 -31.32
CA ALA C 536 9.32 -20.44 -31.95
C ALA C 536 8.44 -19.74 -30.92
N GLU C 537 8.33 -20.38 -29.75
CA GLU C 537 7.51 -19.84 -28.66
C GLU C 537 8.03 -18.53 -28.11
N CYS C 538 9.33 -18.33 -28.27
CA CYS C 538 10.01 -17.03 -28.17
C CYS C 538 9.46 -16.03 -29.21
N THR C 539 9.52 -16.44 -30.46
CA THR C 539 9.05 -15.64 -31.59
C THR C 539 7.53 -15.32 -31.55
N VAL C 540 6.74 -16.19 -30.91
CA VAL C 540 5.30 -15.92 -30.68
C VAL C 540 5.11 -14.69 -29.78
N MET C 541 5.93 -14.57 -28.74
CA MET C 541 5.81 -13.45 -27.81
C MET C 541 6.75 -12.34 -28.19
N GLY C 542 6.93 -12.11 -29.49
CA GLY C 542 7.77 -11.02 -29.98
C GLY C 542 9.15 -10.83 -29.37
N VAL C 543 9.82 -11.92 -28.99
CA VAL C 543 11.21 -11.86 -28.52
C VAL C 543 12.11 -12.38 -29.64
N PRO C 544 13.07 -11.56 -30.09
CA PRO C 544 14.00 -11.98 -31.10
C PRO C 544 14.71 -13.22 -30.64
N SER C 545 14.91 -14.18 -31.55
CA SER C 545 15.62 -15.42 -31.22
C SER C 545 16.77 -15.63 -32.21
N ILE C 546 17.86 -16.26 -31.74
CA ILE C 546 18.91 -16.78 -32.63
C ILE C 546 18.79 -18.30 -32.66
N THR C 547 18.52 -18.84 -33.85
CA THR C 547 18.51 -20.30 -34.09
C THR C 547 19.59 -20.61 -35.15
N THR C 548 19.63 -21.85 -35.66
CA THR C 548 20.61 -22.25 -36.69
C THR C 548 19.89 -22.94 -37.81
N ASN C 549 20.53 -23.00 -38.98
CA ASN C 549 19.91 -23.63 -40.17
C ASN C 549 19.76 -25.18 -40.11
N VAL C 550 20.50 -25.82 -39.23
CA VAL C 550 20.34 -27.27 -38.98
C VAL C 550 19.19 -27.64 -38.01
N SER C 551 18.45 -26.62 -37.57
CA SER C 551 17.23 -26.80 -36.79
C SER C 551 16.05 -26.81 -37.73
N GLY C 552 14.97 -27.47 -37.33
CA GLY C 552 13.77 -27.51 -38.17
C GLY C 552 13.24 -26.11 -38.35
N PHE C 553 12.86 -25.50 -37.23
CA PHE C 553 12.35 -24.13 -37.15
C PHE C 553 13.22 -23.16 -37.93
N GLY C 554 14.53 -23.32 -37.79
CA GLY C 554 15.46 -22.42 -38.44
C GLY C 554 15.34 -22.51 -39.93
N SER C 555 15.37 -23.75 -40.45
CA SER C 555 15.17 -24.06 -41.88
C SER C 555 13.81 -23.52 -42.36
N TYR C 556 12.76 -23.88 -41.62
CA TYR C 556 11.39 -23.45 -41.92
C TYR C 556 11.18 -21.95 -42.04
N MET C 557 11.92 -21.15 -41.26
CA MET C 557 11.84 -19.67 -41.36
C MET C 557 12.76 -19.13 -42.46
N GLU C 558 13.93 -19.74 -42.59
CA GLU C 558 14.93 -19.39 -43.61
C GLU C 558 14.32 -19.51 -44.99
N ASP C 559 13.43 -20.48 -45.11
CA ASP C 559 12.64 -20.69 -46.31
C ASP C 559 11.63 -19.56 -46.58
N LEU C 560 10.83 -19.25 -45.56
CA LEU C 560 9.75 -18.23 -45.66
C LEU C 560 10.20 -16.79 -45.79
N ILE C 561 11.38 -16.45 -45.28
CA ILE C 561 11.87 -15.07 -45.28
C ILE C 561 13.28 -15.00 -45.83
N GLU C 562 13.64 -13.88 -46.42
CA GLU C 562 15.00 -13.64 -46.87
C GLU C 562 15.92 -13.45 -45.64
N THR C 563 17.00 -14.24 -45.52
CA THR C 563 17.80 -14.35 -44.27
C THR C 563 18.26 -13.02 -43.65
N ASN C 564 18.67 -12.08 -44.51
CA ASN C 564 19.03 -10.72 -44.07
C ASN C 564 17.81 -9.84 -43.69
N GLN C 565 16.67 -10.11 -44.33
CA GLN C 565 15.37 -9.52 -43.93
C GLN C 565 14.86 -10.14 -42.62
N ALA C 566 15.10 -11.44 -42.44
CA ALA C 566 14.73 -12.17 -41.21
C ALA C 566 15.43 -11.69 -39.94
N LYS C 567 16.55 -10.97 -40.06
CA LYS C 567 17.14 -10.26 -38.93
C LYS C 567 16.23 -9.14 -38.41
N ASP C 568 15.67 -8.34 -39.32
CA ASP C 568 14.76 -7.24 -38.95
C ASP C 568 13.47 -7.71 -38.33
N TYR C 569 13.08 -8.96 -38.57
CA TYR C 569 11.89 -9.57 -37.99
C TYR C 569 12.22 -10.42 -36.77
N GLY C 570 13.45 -10.31 -36.27
CA GLY C 570 13.85 -10.97 -35.04
C GLY C 570 13.99 -12.48 -35.14
N ILE C 571 14.45 -12.92 -36.31
CA ILE C 571 14.83 -14.30 -36.58
C ILE C 571 16.26 -14.29 -37.11
N TYR C 572 17.20 -14.28 -36.17
CA TYR C 572 18.62 -14.48 -36.47
C TYR C 572 18.88 -15.98 -36.70
N ILE C 573 19.48 -16.30 -37.85
CA ILE C 573 19.82 -17.68 -38.19
C ILE C 573 21.33 -17.78 -38.37
N VAL C 574 21.97 -18.58 -37.52
CA VAL C 574 23.40 -18.90 -37.64
C VAL C 574 23.60 -20.10 -38.57
N ASP C 575 24.70 -20.09 -39.31
CA ASP C 575 25.03 -21.15 -40.27
C ASP C 575 25.95 -22.21 -39.64
N ARG C 576 25.37 -23.36 -39.28
CA ARG C 576 26.12 -24.49 -38.74
C ARG C 576 26.18 -25.64 -39.74
N ARG C 577 26.04 -25.33 -41.04
CA ARG C 577 26.15 -26.35 -42.07
C ARG C 577 27.25 -26.06 -43.07
N PHE C 578 27.29 -24.84 -43.59
CA PHE C 578 28.31 -24.42 -44.57
C PHE C 578 29.29 -23.41 -43.97
N LYS C 579 29.67 -23.63 -42.72
CA LYS C 579 30.76 -22.89 -42.08
C LYS C 579 31.54 -23.77 -41.13
N ALA C 580 32.79 -23.38 -40.89
CA ALA C 580 33.58 -24.04 -39.88
C ALA C 580 32.90 -23.72 -38.56
N PRO C 581 32.97 -24.64 -37.60
CA PRO C 581 32.51 -24.37 -36.25
C PRO C 581 32.92 -23.01 -35.67
N ASP C 582 34.17 -22.59 -35.93
CA ASP C 582 34.64 -21.29 -35.46
C ASP C 582 34.07 -20.07 -36.22
N GLU C 583 33.86 -20.17 -37.52
CA GLU C 583 33.16 -19.12 -38.28
C GLU C 583 31.71 -19.00 -37.83
N SER C 584 31.10 -20.14 -37.51
CA SER C 584 29.77 -20.18 -36.89
C SER C 584 29.79 -19.32 -35.62
N VAL C 585 30.67 -19.67 -34.69
CA VAL C 585 30.75 -18.97 -33.41
C VAL C 585 30.91 -17.48 -33.63
N GLU C 586 31.85 -17.08 -34.46
CA GLU C 586 32.01 -15.66 -34.79
C GLU C 586 30.78 -15.02 -35.43
N GLN C 587 30.02 -15.77 -36.22
CA GLN C 587 28.74 -15.26 -36.73
C GLN C 587 27.76 -14.96 -35.60
N LEU C 588 27.53 -15.97 -34.75
CA LEU C 588 26.72 -15.85 -33.55
C LEU C 588 27.17 -14.67 -32.67
N VAL C 589 28.47 -14.40 -32.61
CA VAL C 589 28.98 -13.21 -31.93
C VAL C 589 28.65 -11.96 -32.73
N ASP C 590 28.76 -11.98 -34.05
CA ASP C 590 28.38 -10.81 -34.85
C ASP C 590 26.94 -10.41 -34.56
N TYR C 591 26.05 -11.39 -34.45
CA TYR C 591 24.62 -11.12 -34.23
C TYR C 591 24.36 -10.49 -32.90
N MET C 592 24.96 -11.04 -31.86
CA MET C 592 24.86 -10.45 -30.52
C MET C 592 25.42 -9.02 -30.48
N GLU C 593 26.63 -8.80 -31.01
CA GLU C 593 27.23 -7.44 -31.06
C GLU C 593 26.32 -6.50 -31.86
N GLU C 594 25.69 -7.03 -32.91
CA GLU C 594 24.74 -6.27 -33.68
C GLU C 594 23.55 -5.85 -32.81
N PHE C 595 22.94 -6.84 -32.15
CA PHE C 595 21.77 -6.61 -31.29
C PHE C 595 22.04 -5.64 -30.14
N VAL C 596 23.20 -5.80 -29.50
CA VAL C 596 23.62 -4.89 -28.45
C VAL C 596 23.68 -3.45 -28.97
N LYS C 597 24.23 -3.26 -30.18
CA LYS C 597 24.34 -1.92 -30.79
C LYS C 597 22.98 -1.18 -30.84
N LYS C 598 21.88 -1.93 -30.97
CA LYS C 598 20.56 -1.35 -31.10
C LYS C 598 20.13 -0.44 -29.95
N THR C 599 19.44 0.63 -30.34
CA THR C 599 18.73 1.52 -29.42
C THR C 599 17.42 0.91 -28.94
N ARG C 600 16.74 1.60 -28.04
CA ARG C 600 15.45 1.15 -27.55
C ARG C 600 14.36 1.27 -28.63
N ARG C 601 14.24 2.42 -29.27
CA ARG C 601 13.29 2.57 -30.39
C ARG C 601 13.47 1.36 -31.32
N GLN C 602 14.72 1.00 -31.57
CA GLN C 602 15.05 -0.18 -32.39
C GLN C 602 14.70 -1.56 -31.82
N ARG C 603 14.91 -1.79 -30.53
CA ARG C 603 14.48 -3.05 -29.91
C ARG C 603 12.96 -3.18 -29.88
N ILE C 604 12.28 -2.07 -29.56
CA ILE C 604 10.82 -1.99 -29.53
C ILE C 604 10.25 -2.29 -30.90
N ASN C 605 10.73 -1.66 -31.95
CA ASN C 605 10.21 -1.96 -33.30
C ASN C 605 10.44 -3.40 -33.76
N GLN C 606 11.64 -3.93 -33.53
CA GLN C 606 11.93 -5.31 -33.90
C GLN C 606 10.98 -6.28 -33.22
N ARG C 607 10.78 -6.10 -31.90
CA ARG C 607 9.80 -6.90 -31.16
C ARG C 607 8.41 -6.88 -31.79
N ASN C 608 7.98 -5.73 -32.34
CA ASN C 608 6.68 -5.63 -32.99
C ASN C 608 6.67 -6.40 -34.28
N ARG C 609 7.76 -6.33 -35.02
CA ARG C 609 7.83 -7.06 -36.28
C ARG C 609 7.77 -8.56 -35.95
N THR C 610 8.56 -8.97 -34.97
CA THR C 610 8.61 -10.38 -34.54
C THR C 610 7.24 -10.86 -34.14
N GLU C 611 6.52 -10.02 -33.40
CA GLU C 611 5.15 -10.34 -33.00
C GLU C 611 4.30 -10.60 -34.22
N ARG C 612 4.38 -9.70 -35.22
CA ARG C 612 3.64 -9.83 -36.50
C ARG C 612 3.92 -11.18 -37.24
N LEU C 613 5.05 -11.83 -36.96
CA LEU C 613 5.32 -13.19 -37.46
C LEU C 613 4.55 -14.33 -36.77
N SER C 614 3.85 -14.05 -35.68
CA SER C 614 3.21 -15.10 -34.86
C SER C 614 2.19 -15.97 -35.61
N ASP C 615 1.46 -15.37 -36.56
CA ASP C 615 0.45 -16.10 -37.37
C ASP C 615 0.99 -17.25 -38.19
N LEU C 616 2.22 -17.12 -38.66
CA LEU C 616 2.85 -18.17 -39.44
C LEU C 616 3.13 -19.45 -38.61
N LEU C 617 3.25 -19.31 -37.29
CA LEU C 617 3.56 -20.44 -36.41
C LEU C 617 2.35 -20.98 -35.68
N ASP C 618 1.15 -20.62 -36.13
CA ASP C 618 -0.07 -20.95 -35.41
C ASP C 618 -0.73 -22.21 -35.98
N TRP C 619 -1.37 -23.01 -35.12
CA TRP C 619 -2.04 -24.23 -35.55
C TRP C 619 -3.25 -24.01 -36.48
N LYS C 620 -3.80 -22.80 -36.57
CA LYS C 620 -4.84 -22.50 -37.59
C LYS C 620 -4.26 -22.63 -39.00
N ARG C 621 -2.94 -22.45 -39.11
CA ARG C 621 -2.20 -22.65 -40.35
C ARG C 621 -1.54 -24.04 -40.43
N MET C 622 -0.77 -24.39 -39.39
CA MET C 622 0.12 -25.57 -39.41
C MET C 622 -0.65 -26.87 -39.28
N GLY C 623 -1.87 -26.81 -38.72
CA GLY C 623 -2.72 -27.98 -38.57
C GLY C 623 -3.35 -28.45 -39.85
N LEU C 624 -3.15 -27.71 -40.94
CA LEU C 624 -3.62 -28.11 -42.26
C LEU C 624 -2.76 -29.20 -42.87
N GLU C 625 -1.49 -29.28 -42.49
CA GLU C 625 -0.62 -30.37 -42.94
C GLU C 625 -1.03 -31.66 -42.29
N TYR C 626 -1.52 -31.62 -41.06
CA TYR C 626 -2.05 -32.82 -40.42
C TYR C 626 -3.24 -33.31 -41.24
N VAL C 627 -4.08 -32.41 -41.74
CA VAL C 627 -5.22 -32.83 -42.58
C VAL C 627 -4.72 -33.55 -43.85
N LYS C 628 -3.77 -32.94 -44.55
CA LYS C 628 -3.19 -33.54 -45.75
C LYS C 628 -2.67 -34.96 -45.51
N ALA C 629 -2.01 -35.17 -44.35
CA ALA C 629 -1.48 -36.48 -43.92
C ALA C 629 -2.59 -37.48 -43.63
N ARG C 630 -3.66 -37.02 -43.00
CA ARG C 630 -4.82 -37.90 -42.81
C ARG C 630 -5.56 -38.19 -44.14
N GLN C 631 -5.65 -37.20 -45.03
CA GLN C 631 -6.26 -37.40 -46.34
C GLN C 631 -5.55 -38.49 -47.10
N LEU C 632 -4.22 -38.42 -47.12
CA LEU C 632 -3.38 -39.40 -47.82
C LEU C 632 -3.56 -40.82 -47.33
N ALA C 633 -3.66 -40.99 -46.00
CA ALA C 633 -3.92 -42.30 -45.37
C ALA C 633 -5.21 -42.94 -45.85
N LEU C 634 -6.26 -42.12 -45.98
CA LEU C 634 -7.56 -42.56 -46.46
C LEU C 634 -7.53 -42.88 -47.96
N ARG C 635 -6.80 -42.05 -48.70
CA ARG C 635 -6.58 -42.25 -50.13
C ARG C 635 -5.79 -43.52 -50.41
N ARG C 636 -4.77 -43.79 -49.60
CA ARG C 636 -3.97 -45.00 -49.73
C ARG C 636 -4.70 -46.25 -49.26
N GLY C 637 -5.35 -46.17 -48.12
CA GLY C 637 -6.08 -47.30 -47.58
C GLY C 637 -7.36 -47.71 -48.29
N TYR C 638 -8.04 -46.78 -48.97
CA TYR C 638 -9.33 -47.08 -49.59
C TYR C 638 -9.40 -46.43 -50.98
N PRO C 639 -8.50 -46.85 -51.90
CA PRO C 639 -8.33 -46.16 -53.20
C PRO C 639 -9.59 -46.15 -54.04
N ASP C 640 -10.35 -47.25 -53.99
CA ASP C 640 -11.64 -47.36 -54.70
C ASP C 640 -12.68 -46.43 -54.08
N GLN C 641 -12.90 -46.56 -52.78
CA GLN C 641 -13.85 -45.71 -52.06
C GLN C 641 -13.56 -44.24 -52.27
N PHE C 642 -12.28 -43.87 -52.22
CA PHE C 642 -11.82 -42.49 -52.43
C PHE C 642 -12.09 -42.05 -53.88
N ARG C 643 -11.65 -42.88 -54.84
CA ARG C 643 -11.87 -42.63 -56.27
C ARG C 643 -13.31 -42.23 -56.60
N GLU C 644 -14.26 -43.04 -56.13
CA GLU C 644 -15.69 -42.76 -56.34
C GLU C 644 -16.09 -41.47 -55.69
N LEU C 645 -15.57 -41.21 -54.49
CA LEU C 645 -15.95 -40.03 -53.73
C LEU C 645 -15.47 -38.68 -54.33
N VAL C 646 -14.43 -38.71 -55.18
CA VAL C 646 -13.86 -37.47 -55.78
C VAL C 646 -13.88 -37.38 -57.32
N GLY C 647 -13.94 -38.51 -58.04
CA GLY C 647 -14.03 -38.50 -59.51
C GLY C 647 -12.81 -39.09 -60.15
N GLU C 648 -11.65 -38.53 -59.84
CA GLU C 648 -10.35 -39.00 -60.40
C GLU C 648 -9.73 -40.15 -59.60
N GLU C 649 -8.66 -40.73 -60.15
CA GLU C 649 -7.68 -41.48 -59.37
C GLU C 649 -6.52 -40.51 -59.02
N LEU C 650 -6.60 -39.88 -57.84
CA LEU C 650 -5.64 -38.84 -57.44
C LEU C 650 -4.24 -39.32 -57.03
N ASN C 651 -3.23 -38.51 -57.35
CA ASN C 651 -1.84 -38.88 -57.13
C ASN C 651 -1.52 -39.04 -55.65
N ASP C 652 -1.10 -40.24 -55.27
CA ASP C 652 -0.89 -40.60 -53.87
C ASP C 652 0.57 -40.68 -53.45
N SER C 653 1.48 -40.16 -54.26
CA SER C 653 2.90 -40.30 -53.93
C SER C 653 3.27 -39.59 -52.61
N ASN C 654 2.67 -38.46 -52.33
CA ASN C 654 2.97 -37.74 -51.10
C ASN C 654 1.82 -36.82 -50.70
N MET C 655 1.95 -36.14 -49.58
CA MET C 655 0.88 -35.25 -49.11
C MET C 655 0.55 -34.14 -50.09
N ASP C 656 1.56 -33.53 -50.71
CA ASP C 656 1.36 -32.43 -51.68
C ASP C 656 0.80 -32.86 -53.05
N ALA C 657 1.19 -34.03 -53.51
CA ALA C 657 0.70 -34.52 -54.79
C ALA C 657 -0.79 -34.76 -54.75
N LEU C 658 -1.31 -35.15 -53.60
CA LEU C 658 -2.75 -35.30 -53.40
C LEU C 658 -3.48 -33.93 -53.26
N ALA C 659 -2.86 -32.95 -52.59
CA ALA C 659 -3.40 -31.57 -52.40
C ALA C 659 -2.85 -30.54 -53.42
N SER D 22 -49.31 -15.44 52.26
CA SER D 22 -49.92 -15.40 50.89
C SER D 22 -48.87 -15.53 49.79
N ARG D 23 -47.90 -14.61 49.77
CA ARG D 23 -46.98 -14.44 48.61
C ARG D 23 -45.51 -14.58 48.99
N ASP D 24 -44.69 -14.89 47.98
CA ASP D 24 -43.22 -14.96 48.14
C ASP D 24 -42.55 -13.67 47.66
N LEU D 25 -41.62 -13.17 48.47
CA LEU D 25 -40.84 -11.97 48.15
C LEU D 25 -39.47 -12.29 47.51
N GLN D 26 -38.95 -13.49 47.78
CA GLN D 26 -37.68 -13.94 47.17
C GLN D 26 -37.82 -14.27 45.68
N ASN D 27 -38.97 -14.81 45.28
CA ASN D 27 -39.35 -15.03 43.87
C ASN D 27 -40.60 -14.20 43.54
N HIS D 28 -40.37 -12.98 43.04
CA HIS D 28 -41.41 -12.01 42.64
C HIS D 28 -41.33 -11.64 41.14
N LEU D 29 -42.44 -11.14 40.59
CA LEU D 29 -42.49 -10.65 39.21
C LEU D 29 -42.08 -9.18 39.12
N LEU D 30 -41.65 -8.75 37.93
CA LEU D 30 -41.33 -7.34 37.64
C LEU D 30 -42.01 -6.91 36.34
N PHE D 31 -42.85 -5.87 36.44
CA PHE D 31 -43.57 -5.30 35.29
C PHE D 31 -43.21 -3.83 35.11
N GLU D 32 -42.27 -3.56 34.21
CA GLU D 32 -41.79 -2.20 33.92
C GLU D 32 -42.63 -1.60 32.79
N THR D 33 -43.18 -0.40 33.02
CA THR D 33 -44.14 0.22 32.10
C THR D 33 -43.71 1.63 31.74
N ALA D 34 -43.65 1.94 30.44
CA ALA D 34 -43.31 3.28 29.98
C ALA D 34 -43.95 3.59 28.63
N THR D 35 -43.93 4.88 28.25
CA THR D 35 -44.40 5.32 26.92
C THR D 35 -43.51 4.78 25.83
N GLU D 36 -42.20 4.79 26.09
CA GLU D 36 -41.21 4.72 25.04
C GLU D 36 -40.56 3.33 24.97
N VAL D 37 -41.37 2.28 24.79
CA VAL D 37 -40.86 0.89 24.79
C VAL D 37 -40.30 0.50 23.40
N ALA D 38 -41.17 0.36 22.41
CA ALA D 38 -40.74 -0.06 21.06
C ALA D 38 -40.53 1.13 20.10
N ASN D 39 -40.27 2.31 20.66
CA ASN D 39 -40.18 3.53 19.86
C ASN D 39 -39.29 4.59 20.54
N ARG D 40 -38.29 5.07 19.79
CA ARG D 40 -37.35 6.07 20.29
C ARG D 40 -37.97 7.46 20.17
N VAL D 41 -38.89 7.78 21.07
CA VAL D 41 -39.46 9.13 21.16
C VAL D 41 -38.55 10.05 21.99
N GLY D 42 -37.96 9.54 23.07
CA GLY D 42 -37.10 10.36 23.93
C GLY D 42 -36.04 9.59 24.70
N GLY D 43 -35.24 10.32 25.47
CA GLY D 43 -34.17 9.75 26.30
C GLY D 43 -34.50 8.46 27.03
N ILE D 44 -35.73 8.35 27.56
CA ILE D 44 -36.17 7.19 28.34
C ILE D 44 -36.01 5.87 27.57
N TYR D 45 -36.14 5.95 26.24
CA TYR D 45 -35.85 4.81 25.35
C TYR D 45 -34.54 4.14 25.73
N SER D 46 -33.45 4.93 25.66
CA SER D 46 -32.08 4.42 25.85
C SER D 46 -31.79 3.90 27.25
N VAL D 47 -32.53 4.38 28.25
CA VAL D 47 -32.38 3.88 29.62
C VAL D 47 -32.91 2.44 29.67
N LEU D 48 -34.19 2.27 29.36
CA LEU D 48 -34.86 0.95 29.36
C LEU D 48 -34.11 -0.09 28.54
N LYS D 49 -33.62 0.35 27.38
CA LYS D 49 -32.92 -0.48 26.41
C LYS D 49 -31.62 -1.02 26.99
N SER D 50 -30.75 -0.13 27.44
CA SER D 50 -29.43 -0.49 27.97
C SER D 50 -29.51 -1.28 29.29
N LYS D 51 -30.58 -1.02 30.04
CA LYS D 51 -30.86 -1.69 31.33
C LYS D 51 -31.39 -3.12 31.17
N ALA D 52 -32.06 -3.40 30.06
CA ALA D 52 -32.65 -4.72 29.78
C ALA D 52 -31.73 -5.91 29.98
N PRO D 53 -30.44 -5.82 29.58
CA PRO D 53 -29.55 -6.97 29.81
C PRO D 53 -29.34 -7.35 31.28
N ILE D 54 -29.07 -6.36 32.14
CA ILE D 54 -28.89 -6.62 33.58
C ILE D 54 -30.18 -7.07 34.30
N THR D 55 -31.35 -6.60 33.84
CA THR D 55 -32.65 -7.00 34.42
C THR D 55 -33.22 -8.33 33.90
N VAL D 56 -32.87 -8.71 32.66
CA VAL D 56 -33.17 -10.06 32.15
C VAL D 56 -32.30 -11.08 32.91
N ALA D 57 -31.00 -10.82 32.98
CA ALA D 57 -30.04 -11.72 33.66
C ALA D 57 -30.40 -12.05 35.12
N GLN D 58 -31.09 -11.14 35.82
CA GLN D 58 -31.56 -11.38 37.20
C GLN D 58 -32.90 -12.14 37.25
N TYR D 59 -33.84 -11.72 36.40
CA TYR D 59 -35.22 -12.26 36.44
C TYR D 59 -35.54 -13.32 35.38
N LYS D 60 -34.81 -13.30 34.26
CA LYS D 60 -35.06 -14.16 33.09
C LYS D 60 -36.50 -13.98 32.54
N ASP D 61 -37.40 -14.94 32.81
CA ASP D 61 -38.77 -14.93 32.30
C ASP D 61 -39.80 -14.23 33.23
N HIS D 62 -39.38 -13.87 34.45
CA HIS D 62 -40.22 -13.11 35.39
C HIS D 62 -40.28 -11.61 35.11
N TYR D 63 -39.41 -11.12 34.21
CA TYR D 63 -39.35 -9.73 33.79
C TYR D 63 -40.18 -9.51 32.51
N HIS D 64 -40.94 -8.41 32.49
CA HIS D 64 -41.81 -8.06 31.35
C HIS D 64 -41.98 -6.56 31.21
N LEU D 65 -41.63 -6.02 30.03
CA LEU D 65 -41.78 -4.59 29.73
C LEU D 65 -43.16 -4.30 29.12
N ILE D 66 -43.76 -3.17 29.48
CA ILE D 66 -45.13 -2.81 29.05
C ILE D 66 -45.19 -1.39 28.45
N GLY D 67 -45.96 -1.24 27.37
CA GLY D 67 -46.14 0.07 26.72
C GLY D 67 -47.21 0.09 25.63
N PRO D 68 -47.41 1.27 24.99
CA PRO D 68 -48.38 1.40 23.90
C PRO D 68 -47.82 0.88 22.58
N LEU D 69 -48.65 0.19 21.80
CA LEU D 69 -48.24 -0.34 20.49
C LEU D 69 -48.14 0.78 19.45
N ASN D 70 -46.91 1.12 19.06
CA ASN D 70 -46.67 2.12 18.01
C ASN D 70 -46.80 1.43 16.65
N LYS D 71 -48.03 1.38 16.12
CA LYS D 71 -48.35 0.76 14.82
C LYS D 71 -47.29 1.00 13.73
N ALA D 72 -46.82 2.25 13.62
CA ALA D 72 -45.81 2.64 12.63
C ALA D 72 -44.48 1.90 12.76
N THR D 73 -43.70 2.22 13.80
CA THR D 73 -42.31 1.77 13.91
C THR D 73 -42.07 0.43 14.62
N TYR D 74 -43.09 -0.12 15.29
CA TYR D 74 -42.92 -1.36 16.10
C TYR D 74 -42.57 -2.60 15.27
N GLN D 75 -43.00 -2.60 13.99
CA GLN D 75 -42.64 -3.65 13.05
C GLN D 75 -41.10 -3.83 12.97
N ASN D 76 -40.35 -2.76 13.22
CA ASN D 76 -38.87 -2.82 13.30
C ASN D 76 -38.35 -3.68 14.46
N GLU D 77 -38.72 -3.33 15.68
CA GLU D 77 -37.97 -3.73 16.89
C GLU D 77 -38.43 -5.03 17.59
N VAL D 78 -39.59 -5.58 17.20
CA VAL D 78 -40.17 -6.75 17.87
C VAL D 78 -40.10 -7.97 16.94
N LYS D 85 -50.12 -20.21 22.49
CA LYS D 85 -49.43 -21.50 22.55
C LYS D 85 -49.07 -21.89 23.99
N PRO D 86 -49.17 -23.19 24.33
CA PRO D 86 -48.79 -23.64 25.69
C PRO D 86 -47.29 -23.59 25.95
N GLU D 87 -46.49 -23.53 24.88
CA GLU D 87 -45.04 -23.33 24.96
C GLU D 87 -44.65 -21.92 25.46
N ALA D 88 -45.49 -20.93 25.17
CA ALA D 88 -45.20 -19.50 25.42
C ALA D 88 -44.66 -19.21 26.83
N PHE D 89 -45.20 -19.88 27.84
CA PHE D 89 -44.83 -19.66 29.25
C PHE D 89 -44.46 -21.00 29.90
N SER D 90 -43.80 -20.94 31.06
CA SER D 90 -43.57 -22.12 31.90
C SER D 90 -44.81 -22.38 32.76
N ASP D 91 -44.78 -23.40 33.61
CA ASP D 91 -45.94 -23.74 34.46
C ASP D 91 -46.25 -22.69 35.53
N GLU D 92 -45.21 -22.24 36.24
CA GLU D 92 -45.37 -21.19 37.27
C GLU D 92 -45.71 -19.80 36.71
N MET D 93 -45.29 -19.53 35.46
CA MET D 93 -45.61 -18.29 34.74
C MET D 93 -46.85 -18.45 33.82
N ARG D 94 -47.66 -19.48 34.06
CA ARG D 94 -48.95 -19.64 33.40
C ARG D 94 -49.97 -18.53 33.77
N PRO D 95 -49.98 -18.04 35.04
CA PRO D 95 -50.87 -16.95 35.44
C PRO D 95 -50.80 -15.67 34.59
N VAL D 96 -49.64 -15.41 34.00
CA VAL D 96 -49.48 -14.30 33.04
C VAL D 96 -50.21 -14.63 31.73
N GLN D 97 -50.09 -15.87 31.26
CA GLN D 97 -50.79 -16.33 30.06
C GLN D 97 -52.31 -16.23 30.19
N HIS D 98 -52.84 -16.69 31.33
CA HIS D 98 -54.29 -16.69 31.62
C HIS D 98 -54.88 -15.28 31.68
N ALA D 99 -54.13 -14.34 32.26
CA ALA D 99 -54.54 -12.93 32.33
C ALA D 99 -54.52 -12.23 30.97
N LEU D 100 -53.61 -12.64 30.07
CA LEU D 100 -53.59 -12.13 28.68
C LEU D 100 -54.83 -12.54 27.89
N GLN D 101 -55.28 -13.78 28.12
CA GLN D 101 -56.51 -14.29 27.52
C GLN D 101 -57.76 -13.62 28.10
N THR D 102 -57.69 -13.19 29.36
CA THR D 102 -58.78 -12.41 29.98
C THR D 102 -58.88 -10.98 29.43
N MET D 103 -57.76 -10.40 28.99
CA MET D 103 -57.76 -9.13 28.24
C MET D 103 -58.27 -9.33 26.81
N GLU D 104 -57.92 -10.48 26.22
CA GLU D 104 -58.48 -10.91 24.93
C GLU D 104 -60.00 -11.16 25.01
N SER D 105 -60.49 -11.63 26.17
CA SER D 105 -61.93 -11.91 26.39
C SER D 105 -62.85 -10.68 26.56
N ARG D 106 -62.27 -9.48 26.58
CA ARG D 106 -63.03 -8.23 26.38
C ARG D 106 -62.63 -7.53 25.06
N GLY D 107 -61.87 -8.22 24.21
CA GLY D 107 -61.56 -7.77 22.86
C GLY D 107 -60.24 -7.05 22.63
N VAL D 108 -59.47 -6.84 23.70
CA VAL D 108 -58.28 -5.97 23.64
C VAL D 108 -57.18 -6.67 22.84
N HIS D 109 -56.73 -6.02 21.77
CA HIS D 109 -55.62 -6.53 20.95
C HIS D 109 -54.29 -6.11 21.61
N PHE D 110 -53.32 -7.02 21.67
CA PHE D 110 -52.02 -6.77 22.32
C PHE D 110 -50.90 -7.58 21.66
N VAL D 111 -49.76 -6.95 21.39
CA VAL D 111 -48.61 -7.62 20.77
C VAL D 111 -47.66 -8.17 21.86
N TYR D 112 -47.48 -9.49 21.89
CA TYR D 112 -46.49 -10.14 22.74
C TYR D 112 -45.27 -10.45 21.89
N GLY D 113 -44.12 -10.52 22.54
CA GLY D 113 -42.90 -10.96 21.87
C GLY D 113 -41.62 -10.69 22.64
N ARG D 114 -40.53 -10.62 21.89
CA ARG D 114 -39.22 -10.23 22.39
C ARG D 114 -38.87 -8.88 21.77
N TRP D 115 -38.20 -8.03 22.53
CA TRP D 115 -37.66 -6.79 22.01
C TRP D 115 -36.26 -7.09 21.50
N LEU D 116 -36.02 -6.79 20.20
CA LEU D 116 -34.76 -7.17 19.53
C LEU D 116 -33.59 -6.23 19.86
N ILE D 117 -33.07 -6.41 21.07
CA ILE D 117 -31.91 -5.68 21.59
C ILE D 117 -31.22 -6.57 22.61
N GLU D 118 -29.96 -6.25 22.91
CA GLU D 118 -29.17 -6.95 23.94
C GLU D 118 -30.04 -7.41 25.12
N GLY D 119 -29.99 -8.70 25.44
CA GLY D 119 -30.75 -9.27 26.56
C GLY D 119 -32.05 -9.96 26.17
N ALA D 120 -32.70 -9.46 25.11
CA ALA D 120 -33.95 -10.03 24.58
C ALA D 120 -35.07 -10.14 25.62
N PRO D 121 -35.42 -9.00 26.26
CA PRO D 121 -36.51 -8.99 27.23
C PRO D 121 -37.87 -9.12 26.55
N LYS D 122 -38.85 -9.63 27.29
CA LYS D 122 -40.18 -9.88 26.74
C LYS D 122 -41.09 -8.67 26.89
N VAL D 123 -41.65 -8.19 25.77
CA VAL D 123 -42.54 -7.02 25.76
C VAL D 123 -44.04 -7.39 25.67
N ILE D 124 -44.89 -6.49 26.17
CA ILE D 124 -46.34 -6.59 26.05
C ILE D 124 -46.84 -5.21 25.59
N LEU D 125 -47.21 -5.11 24.32
CA LEU D 125 -47.52 -3.81 23.70
C LEU D 125 -49.03 -3.67 23.44
N PHE D 126 -49.73 -2.91 24.29
CA PHE D 126 -51.19 -2.78 24.20
C PHE D 126 -51.63 -1.83 23.08
N ASP D 127 -52.63 -2.26 22.32
CA ASP D 127 -53.21 -1.49 21.23
C ASP D 127 -54.22 -0.52 21.86
N LEU D 128 -53.90 0.77 21.82
CA LEU D 128 -54.79 1.82 22.35
C LEU D 128 -55.93 2.19 21.39
N ASP D 129 -55.75 1.89 20.10
CA ASP D 129 -56.83 1.97 19.11
C ASP D 129 -57.98 1.02 19.45
N SER D 130 -57.65 -0.20 19.94
CA SER D 130 -58.66 -1.19 20.36
C SER D 130 -59.07 -1.10 21.85
N VAL D 131 -59.04 0.11 22.42
CA VAL D 131 -59.65 0.38 23.72
C VAL D 131 -60.18 1.83 23.87
N ARG D 132 -60.31 2.58 22.76
CA ARG D 132 -60.78 3.97 22.81
C ARG D 132 -62.30 4.12 23.03
N GLY D 133 -63.06 3.04 22.81
CA GLY D 133 -64.48 2.98 23.16
C GLY D 133 -64.80 3.13 24.65
N TYR D 134 -63.78 3.08 25.50
CA TYR D 134 -63.91 3.37 26.95
C TYR D 134 -63.53 4.80 27.35
N SER D 135 -63.07 5.62 26.40
CA SER D 135 -62.36 6.90 26.70
C SER D 135 -63.12 7.93 27.55
N ASN D 136 -64.37 8.20 27.19
CA ASN D 136 -65.18 9.21 27.89
C ASN D 136 -65.62 8.73 29.27
N GLU D 137 -65.89 7.43 29.40
CA GLU D 137 -66.16 6.80 30.70
C GLU D 137 -64.96 6.94 31.62
N TRP D 138 -63.79 6.51 31.12
CA TRP D 138 -62.55 6.53 31.90
C TRP D 138 -62.09 7.94 32.27
N LYS D 139 -62.21 8.90 31.33
CA LYS D 139 -61.94 10.31 31.61
C LYS D 139 -62.93 10.88 32.64
N GLY D 140 -64.16 10.38 32.61
CA GLY D 140 -65.16 10.64 33.65
C GLY D 140 -64.76 10.07 35.00
N ASP D 141 -64.32 8.81 35.00
CA ASP D 141 -63.88 8.13 36.22
C ASP D 141 -62.79 8.90 36.96
N LEU D 142 -61.86 9.49 36.21
CA LEU D 142 -60.80 10.30 36.80
C LEU D 142 -61.31 11.61 37.46
N TRP D 143 -62.41 12.17 36.97
CA TRP D 143 -63.07 13.33 37.64
C TRP D 143 -63.43 13.04 39.11
N SER D 144 -63.88 11.82 39.39
CA SER D 144 -64.36 11.44 40.73
C SER D 144 -63.35 10.63 41.58
N LEU D 145 -62.55 9.75 40.97
CA LEU D 145 -61.57 8.93 41.74
C LEU D 145 -60.36 9.72 42.25
N VAL D 146 -59.87 10.67 41.45
CA VAL D 146 -58.79 11.57 41.88
C VAL D 146 -59.15 13.05 41.75
N GLY D 147 -59.77 13.44 40.62
CA GLY D 147 -60.13 14.84 40.35
C GLY D 147 -59.13 15.46 39.39
N ILE D 148 -59.15 14.99 38.15
CA ILE D 148 -58.20 15.41 37.12
C ILE D 148 -58.99 15.74 35.84
N PRO D 149 -58.97 17.03 35.40
CA PRO D 149 -59.71 17.38 34.18
C PRO D 149 -59.01 16.83 32.93
N SER D 150 -59.78 16.55 31.88
CA SER D 150 -59.22 16.04 30.63
C SER D 150 -59.82 16.78 29.45
N PRO D 151 -59.25 17.97 29.14
CA PRO D 151 -59.51 18.57 27.84
C PRO D 151 -59.13 17.61 26.71
N GLU D 152 -60.13 17.16 25.96
CA GLU D 152 -59.95 16.11 24.94
C GLU D 152 -59.37 16.65 23.61
N ASN D 153 -59.16 17.96 23.51
CA ASN D 153 -58.28 18.53 22.48
C ASN D 153 -56.76 18.32 22.73
N ASP D 154 -56.41 17.72 23.88
CA ASP D 154 -55.06 17.22 24.17
C ASP D 154 -54.91 15.77 23.66
N PHE D 155 -54.33 15.61 22.46
CA PHE D 155 -54.18 14.30 21.82
C PHE D 155 -53.46 13.25 22.69
N GLU D 156 -52.54 13.71 23.52
CA GLU D 156 -51.59 12.83 24.23
C GLU D 156 -52.09 12.28 25.57
N THR D 157 -52.61 13.16 26.44
CA THR D 157 -53.14 12.75 27.76
C THR D 157 -54.25 11.71 27.63
N ASN D 158 -54.96 11.76 26.51
CA ASN D 158 -55.94 10.74 26.16
C ASN D 158 -55.29 9.36 26.10
N ASP D 159 -54.18 9.27 25.36
CA ASP D 159 -53.41 8.03 25.22
C ASP D 159 -52.74 7.58 26.53
N ALA D 160 -52.36 8.56 27.36
CA ALA D 160 -51.82 8.30 28.70
C ALA D 160 -52.86 7.66 29.65
N ILE D 161 -54.11 8.11 29.53
CA ILE D 161 -55.22 7.55 30.31
C ILE D 161 -55.64 6.17 29.78
N LEU D 162 -55.71 6.03 28.47
CA LEU D 162 -56.04 4.74 27.86
C LEU D 162 -55.06 3.64 28.28
N LEU D 163 -53.76 3.97 28.29
CA LEU D 163 -52.72 3.02 28.74
C LEU D 163 -52.86 2.70 30.24
N GLY D 164 -52.92 3.75 31.06
CA GLY D 164 -53.03 3.61 32.51
C GLY D 164 -54.21 2.77 33.03
N TYR D 165 -55.33 2.81 32.30
CA TYR D 165 -56.50 1.99 32.62
C TYR D 165 -56.39 0.58 32.05
N THR D 166 -55.93 0.47 30.81
CA THR D 166 -55.67 -0.83 30.19
C THR D 166 -54.62 -1.66 30.96
N VAL D 167 -53.61 -1.00 31.52
CA VAL D 167 -52.56 -1.67 32.32
C VAL D 167 -53.08 -2.07 33.71
N ALA D 168 -53.86 -1.22 34.37
CA ALA D 168 -54.51 -1.58 35.66
C ALA D 168 -55.66 -2.58 35.50
N TRP D 169 -56.26 -2.63 34.31
CA TRP D 169 -57.22 -3.68 33.91
C TRP D 169 -56.54 -5.04 33.74
N PHE D 170 -55.24 -5.00 33.43
CA PHE D 170 -54.37 -6.18 33.29
C PHE D 170 -53.72 -6.57 34.63
N LEU D 171 -53.13 -5.61 35.35
CA LEU D 171 -52.46 -5.87 36.65
C LEU D 171 -53.41 -6.34 37.77
N GLY D 172 -54.69 -6.00 37.68
CA GLY D 172 -55.72 -6.57 38.55
C GLY D 172 -55.90 -8.06 38.29
N GLU D 173 -56.01 -8.42 37.01
CA GLU D 173 -56.21 -9.83 36.60
C GLU D 173 -55.02 -10.74 36.88
N VAL D 174 -53.80 -10.22 36.82
CA VAL D 174 -52.58 -11.02 37.11
C VAL D 174 -52.39 -11.21 38.62
N ALA D 175 -52.66 -10.16 39.40
CA ALA D 175 -52.65 -10.24 40.87
C ALA D 175 -53.71 -11.22 41.37
N HIS D 176 -54.86 -11.23 40.69
CA HIS D 176 -55.93 -12.20 40.92
C HIS D 176 -55.54 -13.62 40.50
N LEU D 177 -55.03 -13.79 39.27
CA LEU D 177 -54.69 -15.13 38.71
C LEU D 177 -53.34 -15.73 39.14
N ASP D 178 -52.50 -14.94 39.82
CA ASP D 178 -51.23 -15.41 40.36
C ASP D 178 -51.29 -15.26 41.88
N SER D 179 -51.17 -16.37 42.60
CA SER D 179 -51.13 -16.38 44.07
C SER D 179 -49.96 -17.24 44.58
N GLN D 180 -48.77 -16.97 44.05
CA GLN D 180 -47.51 -17.53 44.51
C GLN D 180 -46.50 -16.40 44.73
N HIS D 181 -46.21 -15.68 43.65
CA HIS D 181 -45.21 -14.63 43.65
C HIS D 181 -45.78 -13.37 44.27
N ALA D 182 -44.90 -12.50 44.74
CA ALA D 182 -45.25 -11.09 44.93
C ALA D 182 -45.13 -10.43 43.56
N ILE D 183 -45.67 -9.23 43.41
CA ILE D 183 -45.68 -8.52 42.12
C ILE D 183 -45.23 -7.07 42.30
N VAL D 184 -44.24 -6.66 41.47
CA VAL D 184 -43.72 -5.29 41.41
C VAL D 184 -44.11 -4.67 40.05
N ALA D 185 -44.63 -3.44 40.09
CA ALA D 185 -45.01 -2.70 38.88
C ALA D 185 -44.29 -1.35 38.87
N HIS D 186 -43.31 -1.23 37.98
CA HIS D 186 -42.49 -0.04 37.86
C HIS D 186 -43.03 0.84 36.72
N PHE D 187 -43.16 2.14 36.98
CA PHE D 187 -43.67 3.06 35.97
C PHE D 187 -42.63 4.16 35.76
N HIS D 188 -42.40 4.51 34.48
CA HIS D 188 -41.46 5.57 34.09
C HIS D 188 -42.19 6.74 33.40
N GLN D 189 -42.01 7.94 33.97
CA GLN D 189 -42.60 9.19 33.51
C GLN D 189 -44.11 9.27 33.75
N TRP D 190 -44.62 10.50 33.78
CA TRP D 190 -46.03 10.76 34.06
C TRP D 190 -47.05 10.16 33.09
N LEU D 191 -46.68 10.03 31.81
CA LEU D 191 -47.58 9.47 30.78
C LEU D 191 -47.98 8.01 31.02
N ALA D 192 -47.04 7.19 31.49
CA ALA D 192 -47.32 5.79 31.86
C ALA D 192 -48.10 5.61 33.18
N GLY D 193 -47.90 6.56 34.11
CA GLY D 193 -48.38 6.45 35.50
C GLY D 193 -49.77 6.98 35.84
N VAL D 194 -50.71 6.91 34.91
CA VAL D 194 -52.15 7.04 35.23
C VAL D 194 -52.60 5.78 35.99
N ALA D 195 -51.93 4.66 35.72
CA ALA D 195 -52.17 3.38 36.42
C ALA D 195 -51.84 3.35 37.92
N LEU D 196 -51.12 4.35 38.43
CA LEU D 196 -50.67 4.37 39.84
C LEU D 196 -51.77 4.73 40.88
N PRO D 197 -52.52 5.84 40.67
CA PRO D 197 -53.78 6.11 41.43
C PRO D 197 -54.81 4.98 41.41
N LEU D 198 -54.90 4.27 40.29
CA LEU D 198 -55.83 3.15 40.11
C LEU D 198 -55.39 1.91 40.89
N CYS D 199 -54.08 1.66 40.96
CA CYS D 199 -53.51 0.64 41.84
C CYS D 199 -53.65 1.01 43.34
N ARG D 200 -53.62 2.30 43.64
CA ARG D 200 -53.73 2.80 45.02
C ARG D 200 -55.18 2.82 45.54
N LYS D 201 -56.07 3.49 44.79
CA LYS D 201 -57.49 3.60 45.18
C LYS D 201 -58.17 2.23 45.18
N ARG D 202 -58.00 1.48 44.10
CA ARG D 202 -58.61 0.13 43.96
C ARG D 202 -57.99 -0.96 44.86
N ARG D 203 -56.85 -0.69 45.50
CA ARG D 203 -56.15 -1.63 46.40
C ARG D 203 -55.79 -2.95 45.70
N ILE D 204 -55.21 -2.82 44.51
CA ILE D 204 -54.74 -3.97 43.74
C ILE D 204 -53.51 -4.51 44.50
N ASP D 205 -53.32 -5.81 44.52
CA ASP D 205 -52.27 -6.45 45.34
C ASP D 205 -50.92 -6.54 44.60
N VAL D 206 -50.36 -5.37 44.29
CA VAL D 206 -49.04 -5.22 43.72
C VAL D 206 -48.32 -4.10 44.47
N VAL D 207 -46.99 -4.12 44.48
CA VAL D 207 -46.23 -3.02 45.05
C VAL D 207 -45.74 -2.16 43.89
N THR D 208 -45.83 -0.84 44.05
CA THR D 208 -45.54 0.08 42.95
C THR D 208 -44.30 0.94 43.17
N ILE D 209 -43.62 1.20 42.07
CA ILE D 209 -42.53 2.16 42.02
C ILE D 209 -42.90 3.15 40.89
N PHE D 210 -42.78 4.45 41.18
CA PHE D 210 -42.85 5.52 40.17
C PHE D 210 -41.52 6.27 40.11
N THR D 211 -41.05 6.49 38.88
CA THR D 211 -39.81 7.20 38.61
C THR D 211 -40.09 8.28 37.59
N THR D 212 -39.80 9.53 37.95
CA THR D 212 -40.01 10.68 37.06
C THR D 212 -38.65 11.21 36.65
N HIS D 213 -38.39 11.17 35.35
CA HIS D 213 -37.09 11.58 34.79
C HIS D 213 -37.00 13.09 34.65
N ALA D 214 -38.14 13.78 34.64
CA ALA D 214 -38.16 15.23 34.65
C ALA D 214 -39.54 15.68 35.08
N THR D 215 -39.59 16.71 35.92
CA THR D 215 -40.84 17.31 36.32
C THR D 215 -41.37 18.14 35.17
N LEU D 216 -42.70 18.32 35.15
CA LEU D 216 -43.36 19.12 34.12
C LEU D 216 -43.06 20.59 34.31
N LEU D 217 -43.37 21.10 35.50
CA LEU D 217 -43.11 22.52 35.83
C LEU D 217 -41.65 22.94 35.64
N GLY D 218 -40.73 22.03 35.94
CA GLY D 218 -39.31 22.30 35.82
C GLY D 218 -38.84 22.70 34.44
N ARG D 219 -39.26 21.93 33.43
CA ARG D 219 -38.92 22.24 32.04
C ARG D 219 -39.47 23.61 31.63
N TYR D 220 -40.75 23.84 31.94
CA TYR D 220 -41.47 25.07 31.56
C TYR D 220 -40.97 26.34 32.25
N LEU D 221 -40.74 26.27 33.57
CA LEU D 221 -40.17 27.41 34.33
C LEU D 221 -38.80 27.84 33.81
N CYS D 222 -38.00 26.89 33.33
CA CYS D 222 -36.69 27.19 32.75
C CYS D 222 -36.69 27.86 31.38
N ALA D 223 -37.87 28.03 30.78
CA ALA D 223 -38.03 28.76 29.51
C ALA D 223 -37.36 30.13 29.55
N SER D 224 -37.76 30.95 30.52
CA SER D 224 -37.37 32.38 30.60
C SER D 224 -35.99 32.66 31.27
N GLY D 225 -35.90 32.41 32.57
CA GLY D 225 -34.68 32.73 33.33
C GLY D 225 -34.63 34.20 33.68
N ASP D 228 -34.63 32.65 37.22
CA ASP D 228 -33.82 31.98 38.24
C ASP D 228 -34.60 30.84 38.88
N PHE D 229 -34.38 29.65 38.36
CA PHE D 229 -35.16 28.45 38.69
C PHE D 229 -34.78 27.83 40.04
N TYR D 230 -33.49 27.67 40.26
CA TYR D 230 -32.98 26.82 41.36
C TYR D 230 -33.04 27.49 42.72
N ASN D 231 -33.03 28.82 42.74
CA ASN D 231 -33.20 29.58 43.99
C ASN D 231 -34.67 29.78 44.31
N CYS D 232 -35.42 30.29 43.34
CA CYS D 232 -36.83 30.64 43.54
C CYS D 232 -37.79 29.59 42.96
N LEU D 233 -37.57 28.32 43.32
CA LEU D 233 -38.60 27.27 43.19
C LEU D 233 -39.13 26.79 44.53
N GLU D 234 -38.39 27.05 45.61
CA GLU D 234 -38.88 26.80 46.97
C GLU D 234 -40.21 27.51 47.18
N SER D 235 -40.28 28.76 46.70
CA SER D 235 -41.50 29.55 46.71
C SER D 235 -41.99 29.80 45.28
N VAL D 236 -42.84 28.89 44.79
CA VAL D 236 -43.62 29.08 43.55
C VAL D 236 -45.00 28.45 43.71
N ASP D 237 -46.02 29.10 43.17
CA ASP D 237 -47.40 28.63 43.34
C ASP D 237 -47.64 27.51 42.32
N VAL D 238 -47.56 26.25 42.77
CA VAL D 238 -47.65 25.07 41.88
C VAL D 238 -48.88 25.03 40.97
N ASP D 239 -50.03 25.47 41.51
CA ASP D 239 -51.31 25.41 40.79
C ASP D 239 -51.56 26.64 39.92
N HIS D 240 -51.19 27.82 40.41
CA HIS D 240 -51.25 29.08 39.63
C HIS D 240 -50.29 29.02 38.43
N GLU D 241 -49.10 28.47 38.64
CA GLU D 241 -48.07 28.33 37.60
C GLU D 241 -48.46 27.28 36.56
N ALA D 242 -48.84 26.09 37.02
CA ALA D 242 -49.36 25.04 36.14
C ALA D 242 -50.59 25.51 35.38
N GLY D 243 -51.46 26.24 36.08
CA GLY D 243 -52.64 26.88 35.49
C GLY D 243 -52.31 27.96 34.46
N ARG D 244 -51.27 28.76 34.70
CA ARG D 244 -50.87 29.83 33.76
C ARG D 244 -50.23 29.31 32.46
N PHE D 245 -49.39 28.28 32.56
CA PHE D 245 -48.85 27.61 31.35
C PHE D 245 -49.93 26.78 30.64
N GLY D 246 -51.01 26.45 31.36
CA GLY D 246 -52.18 25.80 30.79
C GLY D 246 -52.05 24.30 30.74
N ILE D 247 -51.17 23.77 31.58
CA ILE D 247 -50.82 22.36 31.55
C ILE D 247 -51.14 21.77 32.93
N TYR D 248 -52.25 22.22 33.50
CA TYR D 248 -52.68 21.79 34.83
C TYR D 248 -53.15 20.33 34.81
N HIS D 249 -53.90 19.97 33.78
CA HIS D 249 -54.37 18.60 33.57
C HIS D 249 -53.28 17.53 33.47
N ARG D 250 -52.10 17.90 32.96
CA ARG D 250 -50.95 17.00 32.94
C ARG D 250 -50.31 16.95 34.33
N TYR D 251 -50.05 18.13 34.91
CA TYR D 251 -49.47 18.24 36.26
C TYR D 251 -50.19 17.35 37.27
N CYS D 252 -51.51 17.32 37.18
CA CYS D 252 -52.32 16.48 38.03
C CYS D 252 -51.92 15.01 37.92
N ILE D 253 -51.78 14.52 36.70
CA ILE D 253 -51.44 13.11 36.47
C ILE D 253 -50.06 12.79 37.06
N GLU D 254 -49.12 13.74 36.94
CA GLU D 254 -47.75 13.59 37.47
C GLU D 254 -47.74 13.56 39.00
N ARG D 255 -48.43 14.53 39.60
CA ARG D 255 -48.58 14.63 41.05
C ARG D 255 -49.28 13.41 41.64
N ALA D 256 -50.33 12.95 40.97
CA ALA D 256 -51.06 11.77 41.39
C ALA D 256 -50.13 10.57 41.42
N ALA D 257 -49.44 10.35 40.31
CA ALA D 257 -48.50 9.22 40.14
C ALA D 257 -47.46 9.14 41.24
N ALA D 258 -46.83 10.28 41.54
CA ALA D 258 -45.78 10.35 42.56
C ALA D 258 -46.28 10.01 43.95
N HIS D 259 -47.48 10.49 44.31
CA HIS D 259 -48.07 10.22 45.62
C HIS D 259 -48.59 8.79 45.73
N SER D 260 -49.28 8.32 44.69
CA SER D 260 -49.89 6.99 44.68
C SER D 260 -48.92 5.86 44.99
N ALA D 261 -47.74 5.91 44.35
CA ALA D 261 -46.78 4.81 44.40
C ALA D 261 -46.23 4.51 45.80
N ASP D 262 -45.99 3.22 46.09
CA ASP D 262 -45.31 2.79 47.33
C ASP D 262 -43.94 3.45 47.46
N VAL D 263 -43.24 3.56 46.33
CA VAL D 263 -41.93 4.20 46.25
C VAL D 263 -41.94 5.25 45.14
N PHE D 264 -41.43 6.44 45.44
CA PHE D 264 -41.29 7.54 44.50
C PHE D 264 -39.82 7.82 44.32
N THR D 265 -39.40 8.00 43.06
CA THR D 265 -38.00 8.16 42.69
C THR D 265 -37.81 9.12 41.51
N THR D 266 -36.62 9.70 41.42
CA THR D 266 -36.22 10.46 40.24
C THR D 266 -34.93 9.84 39.75
N VAL D 267 -34.33 10.40 38.71
CA VAL D 267 -33.06 9.92 38.18
C VAL D 267 -31.83 10.64 38.70
N SER D 268 -32.01 11.72 39.47
CA SER D 268 -30.88 12.44 40.06
C SER D 268 -31.26 13.27 41.27
N GLN D 269 -30.25 13.60 42.08
CA GLN D 269 -30.49 14.35 43.30
C GLN D 269 -31.11 15.72 43.01
N ILE D 270 -30.59 16.43 42.02
CA ILE D 270 -31.13 17.74 41.63
C ILE D 270 -32.59 17.68 41.19
N THR D 271 -32.95 16.55 40.60
CA THR D 271 -34.32 16.26 40.22
C THR D 271 -35.17 15.79 41.42
N ALA D 272 -34.52 15.19 42.40
CA ALA D 272 -35.16 14.84 43.67
C ALA D 272 -35.52 16.11 44.47
N PHE D 273 -34.56 17.04 44.55
CA PHE D 273 -34.78 18.38 45.13
C PHE D 273 -35.92 19.06 44.36
N GLU D 274 -35.75 19.14 43.04
CA GLU D 274 -36.77 19.66 42.12
C GLU D 274 -38.15 19.01 42.34
N ALA D 275 -38.17 17.69 42.47
CA ALA D 275 -39.42 16.94 42.61
C ALA D 275 -40.06 17.15 43.98
N GLU D 276 -39.26 17.37 45.02
CA GLU D 276 -39.78 17.56 46.39
C GLU D 276 -40.71 18.76 46.50
N HIS D 277 -40.23 19.91 46.07
CA HIS D 277 -41.03 21.14 46.14
C HIS D 277 -42.15 21.18 45.08
N LEU D 278 -41.84 20.82 43.83
CA LEU D 278 -42.78 20.98 42.72
C LEU D 278 -43.85 19.87 42.60
N LEU D 279 -43.54 18.66 43.05
CA LEU D 279 -44.54 17.56 43.10
C LEU D 279 -45.04 17.25 44.52
N LYS D 280 -44.44 17.87 45.54
CA LYS D 280 -44.87 17.74 46.94
C LYS D 280 -44.76 16.30 47.48
N ARG D 281 -43.56 15.76 47.37
CA ARG D 281 -43.19 14.52 48.04
C ARG D 281 -41.69 14.34 47.91
N LYS D 282 -41.01 14.16 49.04
CA LYS D 282 -39.59 13.82 49.02
C LYS D 282 -39.43 12.43 48.42
N PRO D 283 -38.40 12.21 47.57
CA PRO D 283 -38.29 10.87 47.01
C PRO D 283 -37.61 9.92 47.96
N ASP D 284 -37.88 8.62 47.77
CA ASP D 284 -37.27 7.56 48.56
C ASP D 284 -35.89 7.13 48.03
N GLY D 285 -35.50 7.66 46.86
CA GLY D 285 -34.13 7.55 46.38
C GLY D 285 -33.94 7.80 44.89
N ILE D 286 -32.69 7.66 44.49
CA ILE D 286 -32.25 7.96 43.14
C ILE D 286 -32.13 6.66 42.35
N LEU D 287 -32.54 6.72 41.08
CA LEU D 287 -32.37 5.63 40.10
C LEU D 287 -31.58 6.15 38.90
N PRO D 288 -30.29 6.46 39.13
CA PRO D 288 -29.54 7.11 38.08
C PRO D 288 -29.34 6.19 36.88
N ASN D 289 -29.33 6.80 35.70
CA ASN D 289 -29.35 6.05 34.45
C ASN D 289 -27.95 5.60 34.12
N GLY D 290 -27.73 4.30 34.17
CA GLY D 290 -26.49 3.73 33.68
C GLY D 290 -26.40 3.66 32.16
N LEU D 291 -25.35 2.96 31.71
CA LEU D 291 -25.11 2.70 30.32
C LEU D 291 -24.66 1.26 30.19
N ASN D 292 -24.96 0.67 29.03
CA ASN D 292 -24.51 -0.68 28.70
C ASN D 292 -23.03 -0.64 28.27
N VAL D 293 -22.13 -0.51 29.25
CA VAL D 293 -20.72 -0.19 28.98
C VAL D 293 -20.01 -1.31 28.22
N ILE D 294 -19.69 -1.03 26.96
CA ILE D 294 -18.94 -1.95 26.12
C ILE D 294 -17.48 -1.94 26.59
N LYS D 295 -17.00 -3.09 27.04
CA LYS D 295 -15.64 -3.20 27.56
C LYS D 295 -14.73 -3.79 26.51
N PHE D 296 -13.42 -3.59 26.68
CA PHE D 296 -12.40 -4.18 25.83
C PHE D 296 -11.65 -5.28 26.60
N GLN D 297 -11.03 -6.19 25.87
CA GLN D 297 -10.24 -7.26 26.48
C GLN D 297 -9.02 -6.68 27.19
N ALA D 298 -8.30 -5.80 26.51
CA ALA D 298 -7.26 -4.99 27.15
C ALA D 298 -7.86 -3.65 27.58
N PHE D 299 -7.49 -3.17 28.76
CA PHE D 299 -8.01 -1.90 29.29
C PHE D 299 -7.54 -0.74 28.42
N HIS D 300 -6.23 -0.68 28.19
CA HIS D 300 -5.57 0.33 27.37
C HIS D 300 -5.96 0.40 25.89
N GLU D 301 -6.99 -0.33 25.47
CA GLU D 301 -7.48 -0.28 24.08
C GLU D 301 -8.20 1.04 23.79
N PHE D 302 -9.08 1.42 24.70
CA PHE D 302 -9.76 2.72 24.60
C PHE D 302 -8.78 3.86 24.26
N GLN D 303 -7.59 3.82 24.85
CA GLN D 303 -6.52 4.80 24.65
C GLN D 303 -5.92 4.82 23.23
N ASN D 304 -5.87 3.67 22.58
CA ASN D 304 -5.36 3.58 21.22
C ASN D 304 -6.39 4.11 20.24
N LEU D 305 -7.64 3.73 20.47
CA LEU D 305 -8.76 4.32 19.73
C LEU D 305 -8.70 5.86 19.75
N HIS D 306 -8.58 6.47 20.93
CA HIS D 306 -8.48 7.94 21.03
C HIS D 306 -7.57 8.47 19.96
N ALA D 307 -6.35 7.92 19.86
CA ALA D 307 -5.33 8.44 18.93
C ALA D 307 -5.64 8.16 17.50
N LEU D 308 -6.29 7.04 17.26
CA LEU D 308 -6.83 6.76 15.92
C LEU D 308 -7.84 7.79 15.47
N LYS D 309 -8.87 7.98 16.27
CA LYS D 309 -9.93 8.87 15.90
C LYS D 309 -9.50 10.31 15.99
N LYS D 310 -8.55 10.63 16.85
CA LYS D 310 -7.96 11.98 16.87
C LYS D 310 -7.32 12.30 15.52
N GLU D 311 -6.85 11.26 14.81
CA GLU D 311 -6.24 11.48 13.52
C GLU D 311 -7.26 11.82 12.43
N LYS D 312 -8.47 11.28 12.55
CA LYS D 312 -9.56 11.61 11.63
C LYS D 312 -10.04 13.07 11.76
N ILE D 313 -10.05 13.55 13.00
CA ILE D 313 -10.37 14.93 13.31
C ILE D 313 -9.23 15.80 12.78
N ASN D 314 -7.98 15.40 13.01
CA ASN D 314 -6.81 16.12 12.46
C ASN D 314 -6.88 16.25 10.93
N ASP D 315 -7.35 15.19 10.29
CA ASP D 315 -7.56 15.25 8.85
C ASP D 315 -8.55 16.33 8.53
N PHE D 316 -9.66 16.36 9.27
CA PHE D 316 -10.67 17.41 9.06
C PHE D 316 -10.12 18.80 9.28
N VAL D 317 -9.36 18.98 10.34
CA VAL D 317 -8.91 20.29 10.77
C VAL D 317 -7.88 20.88 9.80
N ARG D 318 -7.08 20.02 9.18
CA ARG D 318 -6.17 20.45 8.09
C ARG D 318 -6.94 20.97 6.88
N GLY D 319 -8.04 20.32 6.56
CA GLY D 319 -8.92 20.73 5.48
C GLY D 319 -9.62 22.03 5.75
N HIS D 320 -10.01 22.21 7.00
CA HIS D 320 -10.72 23.40 7.43
C HIS D 320 -9.84 24.62 7.41
N PHE D 321 -8.62 24.49 7.94
CA PHE D 321 -7.69 25.62 8.02
C PHE D 321 -6.77 25.68 6.81
N HIS D 322 -7.17 25.04 5.71
CA HIS D 322 -6.31 24.96 4.57
C HIS D 322 -6.00 26.36 4.20
N GLY D 323 -4.73 26.70 4.07
CA GLY D 323 -4.37 28.05 3.69
C GLY D 323 -4.07 28.93 4.89
N CYS D 324 -4.80 28.79 6.00
CA CYS D 324 -4.53 29.54 7.25
C CYS D 324 -4.02 28.62 8.40
N PHE D 325 -3.10 27.70 8.09
CA PHE D 325 -2.66 26.61 9.00
C PHE D 325 -1.31 26.86 9.68
N ASP D 326 -1.37 27.60 10.79
CA ASP D 326 -0.20 28.17 11.45
C ASP D 326 0.05 27.58 12.84
N PHE D 327 -0.49 26.41 13.13
CA PHE D 327 -0.35 25.82 14.46
C PHE D 327 -0.03 24.35 14.40
N ASP D 328 0.39 23.77 15.53
CA ASP D 328 0.84 22.37 15.56
C ASP D 328 -0.17 21.42 16.18
N LEU D 329 -0.84 20.61 15.35
CA LEU D 329 -1.90 19.67 15.80
C LEU D 329 -1.49 18.67 16.85
N ASP D 330 -0.18 18.50 16.99
CA ASP D 330 0.37 17.72 18.06
C ASP D 330 0.20 18.42 19.39
N ASN D 331 0.17 19.74 19.37
CA ASN D 331 0.06 20.59 20.54
C ASN D 331 -1.24 21.40 20.41
N THR D 332 -2.32 20.65 20.23
CA THR D 332 -3.63 21.19 19.95
C THR D 332 -4.61 20.25 20.62
N LEU D 333 -5.67 20.83 21.19
CA LEU D 333 -6.68 20.08 21.95
C LEU D 333 -8.06 20.34 21.38
N TYR D 334 -8.99 19.42 21.62
CA TYR D 334 -10.23 19.40 20.90
C TYR D 334 -11.27 19.38 21.96
N PHE D 335 -11.83 20.56 22.24
CA PHE D 335 -12.98 20.68 23.12
C PHE D 335 -14.23 20.52 22.25
N PHE D 336 -15.32 20.08 22.86
CA PHE D 336 -16.61 20.07 22.18
C PHE D 336 -17.81 20.14 23.09
N ILE D 337 -18.91 20.65 22.54
CA ILE D 337 -20.22 20.55 23.15
C ILE D 337 -21.08 19.87 22.09
N ALA D 338 -22.08 19.13 22.51
CA ALA D 338 -22.94 18.38 21.59
C ALA D 338 -24.28 18.14 22.22
N GLY D 339 -25.32 18.10 21.39
CA GLY D 339 -26.65 17.63 21.80
C GLY D 339 -27.76 18.33 21.07
N ARG D 340 -28.96 18.20 21.61
CA ARG D 340 -30.14 18.97 21.16
C ARG D 340 -29.80 20.47 21.22
N TYR D 341 -30.28 21.23 20.22
CA TYR D 341 -30.01 22.67 20.16
C TYR D 341 -30.94 23.41 21.12
N GLU D 342 -30.59 23.39 22.41
CA GLU D 342 -31.22 24.27 23.39
C GLU D 342 -30.16 25.28 23.82
N TYR D 343 -30.15 26.45 23.17
CA TYR D 343 -29.09 27.46 23.36
C TYR D 343 -28.78 27.79 24.82
N LYS D 344 -29.82 27.83 25.67
CA LYS D 344 -29.70 28.25 27.08
C LYS D 344 -29.46 27.08 27.99
N ASN D 345 -30.29 26.06 27.87
CA ASN D 345 -30.26 24.91 28.77
C ASN D 345 -29.03 24.07 28.65
N LYS D 346 -28.59 23.83 27.44
CA LYS D 346 -27.41 23.00 27.21
C LYS D 346 -26.14 23.79 27.48
N GLY D 347 -26.28 25.12 27.50
CA GLY D 347 -25.23 25.99 27.98
C GLY D 347 -24.29 26.41 26.87
N ALA D 348 -24.80 26.52 25.66
CA ALA D 348 -23.97 26.99 24.57
C ALA D 348 -23.58 28.43 24.82
N ASP D 349 -24.46 29.17 25.48
CA ASP D 349 -24.19 30.56 25.86
C ASP D 349 -22.89 30.71 26.65
N MET D 350 -22.76 29.88 27.69
CA MET D 350 -21.59 29.93 28.57
C MET D 350 -20.36 29.43 27.84
N PHE D 351 -20.52 28.29 27.15
CA PHE D 351 -19.43 27.64 26.45
C PHE D 351 -18.71 28.61 25.54
N ILE D 352 -19.47 29.31 24.72
CA ILE D 352 -18.91 30.25 23.78
C ILE D 352 -18.30 31.45 24.51
N GLU D 353 -19.04 32.08 25.43
CA GLU D 353 -18.51 33.19 26.25
C GLU D 353 -17.21 32.81 26.94
N ALA D 354 -17.21 31.63 27.54
CA ALA D 354 -16.05 31.10 28.25
C ALA D 354 -14.88 30.87 27.30
N LEU D 355 -15.14 30.28 26.14
CA LEU D 355 -14.09 30.03 25.16
C LEU D 355 -13.43 31.32 24.69
N ALA D 356 -14.21 32.41 24.64
CA ALA D 356 -13.68 33.72 24.25
C ALA D 356 -12.73 34.28 25.30
N ARG D 357 -13.10 34.07 26.56
CA ARG D 357 -12.30 34.54 27.68
C ARG D 357 -11.00 33.76 27.84
N LEU D 358 -11.10 32.44 27.63
CA LEU D 358 -9.95 31.54 27.56
C LEU D 358 -8.97 31.93 26.47
N ASN D 359 -9.50 32.37 25.34
CA ASN D 359 -8.69 32.86 24.25
C ASN D 359 -7.85 34.04 24.71
N TYR D 360 -8.45 34.96 25.44
CA TYR D 360 -7.72 36.09 26.04
C TYR D 360 -6.64 35.65 27.01
N ARG D 361 -6.98 34.74 27.90
CA ARG D 361 -6.04 34.24 28.87
C ARG D 361 -4.85 33.65 28.15
N LEU D 362 -5.13 32.75 27.20
CA LEU D 362 -4.09 32.01 26.49
C LEU D 362 -3.17 32.93 25.71
N LYS D 363 -3.73 34.01 25.19
CA LYS D 363 -2.95 34.99 24.46
C LYS D 363 -2.09 35.77 25.42
N VAL D 364 -2.71 36.27 26.49
CA VAL D 364 -2.03 37.00 27.60
C VAL D 364 -0.86 36.19 28.17
N SER D 365 -1.17 34.97 28.57
CA SER D 365 -0.17 34.09 29.16
C SER D 365 0.83 33.53 28.16
N GLY D 366 0.80 33.97 26.90
CA GLY D 366 1.76 33.53 25.89
C GLY D 366 1.82 32.03 25.61
N SER D 367 0.71 31.31 25.84
CA SER D 367 0.65 29.86 25.67
C SER D 367 0.88 29.57 24.23
N LYS D 368 1.59 28.47 23.97
CA LYS D 368 1.80 27.99 22.60
C LYS D 368 0.76 26.94 22.18
N LYS D 369 -0.12 26.51 23.07
CA LYS D 369 -1.15 25.55 22.69
C LYS D 369 -2.28 26.25 21.92
N THR D 370 -3.11 25.41 21.30
CA THR D 370 -4.31 25.84 20.56
C THR D 370 -5.50 24.97 20.94
N VAL D 371 -6.68 25.57 20.92
CA VAL D 371 -7.91 24.85 21.17
C VAL D 371 -8.88 24.98 19.98
N VAL D 372 -9.29 23.85 19.41
CA VAL D 372 -10.33 23.85 18.43
C VAL D 372 -11.55 23.32 19.14
N ALA D 373 -12.53 24.21 19.30
CA ALA D 373 -13.78 23.89 19.97
C ALA D 373 -14.84 23.55 18.94
N PHE D 374 -15.50 22.40 19.08
CA PHE D 374 -16.61 22.00 18.18
C PHE D 374 -17.95 22.20 18.84
N ILE D 375 -18.93 22.72 18.10
CA ILE D 375 -20.33 22.73 18.59
C ILE D 375 -21.11 21.87 17.61
N VAL D 376 -21.74 20.81 18.12
CA VAL D 376 -22.42 19.81 17.32
C VAL D 376 -23.86 19.82 17.77
N MET D 377 -24.65 20.72 17.19
CA MET D 377 -26.04 20.89 17.59
C MET D 377 -26.84 21.10 16.35
N PRO D 378 -27.78 20.21 16.06
CA PRO D 378 -28.48 20.26 14.78
C PRO D 378 -29.29 21.51 14.63
N ALA D 379 -29.05 22.22 13.54
CA ALA D 379 -29.83 23.39 13.15
C ALA D 379 -30.23 23.29 11.68
N LYS D 380 -31.26 24.02 11.30
CA LYS D 380 -31.77 23.94 9.93
C LYS D 380 -30.75 24.43 8.90
N ASN D 381 -30.34 23.54 8.01
CA ASN D 381 -29.28 23.87 7.07
C ASN D 381 -29.57 23.35 5.69
N ASN D 382 -28.77 23.75 4.71
CA ASN D 382 -28.82 23.20 3.35
C ASN D 382 -27.47 22.51 3.05
N SER D 383 -27.17 21.55 3.92
CA SER D 383 -25.97 20.72 3.83
C SER D 383 -24.70 21.57 3.91
N PHE D 384 -23.61 21.03 3.40
CA PHE D 384 -22.31 21.57 3.61
C PHE D 384 -22.11 22.72 2.66
N THR D 385 -21.12 23.52 3.00
CA THR D 385 -20.66 24.58 2.13
C THR D 385 -19.81 23.97 1.00
N VAL D 386 -19.69 24.72 -0.11
CA VAL D 386 -18.73 24.35 -1.15
C VAL D 386 -17.35 24.45 -0.59
N GLU D 387 -17.11 25.46 0.23
CA GLU D 387 -15.77 25.72 0.76
C GLU D 387 -15.31 24.60 1.65
N ALA D 388 -16.23 23.98 2.37
CA ALA D 388 -15.87 22.91 3.23
C ALA D 388 -15.45 21.72 2.41
N LEU D 389 -16.27 21.32 1.46
CA LEU D 389 -16.00 20.12 0.66
C LEU D 389 -14.77 20.28 -0.22
N LYS D 390 -14.68 21.45 -0.83
CA LYS D 390 -13.61 21.77 -1.74
C LYS D 390 -12.27 21.79 -1.03
N GLY D 391 -12.27 22.34 0.17
CA GLY D 391 -11.05 22.47 0.94
C GLY D 391 -10.46 21.14 1.28
N GLN D 392 -11.28 20.17 1.67
CA GLN D 392 -10.75 18.87 2.05
C GLN D 392 -10.48 18.01 0.82
N ALA D 393 -11.11 18.33 -0.31
CA ALA D 393 -10.70 17.76 -1.59
C ALA D 393 -9.32 18.22 -2.04
N GLU D 394 -9.00 19.49 -1.84
CA GLU D 394 -7.68 20.02 -2.18
C GLU D 394 -6.59 19.47 -1.29
N VAL D 395 -6.91 19.17 -0.05
CA VAL D 395 -5.95 18.61 0.89
C VAL D 395 -5.70 17.16 0.54
N ARG D 396 -6.70 16.45 0.05
CA ARG D 396 -6.48 15.07 -0.45
C ARG D 396 -5.65 15.01 -1.71
N ALA D 397 -5.79 16.00 -2.57
CA ALA D 397 -4.95 16.10 -3.74
C ALA D 397 -3.49 16.25 -3.37
N LEU D 398 -3.21 17.08 -2.38
CA LEU D 398 -1.85 17.23 -1.89
C LEU D 398 -1.35 15.95 -1.28
N GLU D 399 -2.18 15.31 -0.46
CA GLU D 399 -1.83 14.04 0.16
C GLU D 399 -1.35 13.10 -0.87
N ASN D 400 -2.10 12.96 -1.96
CA ASN D 400 -1.72 12.05 -3.03
C ASN D 400 -0.55 12.51 -3.88
N THR D 401 -0.42 13.77 -4.24
CA THR D 401 0.74 14.15 -5.01
C THR D 401 1.99 13.90 -4.18
N VAL D 402 1.95 14.18 -2.88
CA VAL D 402 3.05 13.79 -1.98
C VAL D 402 3.36 12.31 -2.12
N HIS D 403 2.33 11.47 -2.03
CA HIS D 403 2.49 10.03 -2.06
C HIS D 403 3.16 9.57 -3.36
N GLU D 404 2.85 10.19 -4.49
CA GLU D 404 3.56 9.95 -5.76
C GLU D 404 5.03 10.35 -5.68
N VAL D 405 5.28 11.56 -5.19
CA VAL D 405 6.64 12.06 -5.05
C VAL D 405 7.45 11.16 -4.11
N THR D 406 6.89 10.76 -2.97
CA THR D 406 7.66 9.95 -2.05
C THR D 406 7.98 8.58 -2.56
N THR D 407 7.22 8.02 -3.49
CA THR D 407 7.67 6.75 -4.10
C THR D 407 8.85 7.00 -5.05
N SER D 408 8.85 8.12 -5.78
CA SER D 408 10.01 8.45 -6.62
C SER D 408 11.26 8.64 -5.79
N ILE D 409 11.13 9.31 -4.67
CA ILE D 409 12.24 9.44 -3.75
C ILE D 409 12.68 8.07 -3.28
N GLY D 410 11.73 7.20 -2.93
CA GLY D 410 12.03 5.81 -2.55
C GLY D 410 12.89 5.09 -3.55
N LYS D 411 12.47 5.13 -4.79
CA LYS D 411 13.22 4.54 -5.87
C LYS D 411 14.64 5.08 -5.99
N ARG D 412 14.84 6.35 -5.71
CA ARG D 412 16.18 6.92 -5.77
C ARG D 412 17.05 6.62 -4.55
N ILE D 413 16.47 6.62 -3.36
CA ILE D 413 17.18 6.20 -2.17
C ILE D 413 17.63 4.77 -2.33
N PHE D 414 16.70 3.91 -2.75
CA PHE D 414 17.03 2.51 -2.99
C PHE D 414 18.17 2.33 -3.98
N ASP D 415 18.15 3.05 -5.07
CA ASP D 415 19.15 2.82 -6.10
C ASP D 415 20.50 3.37 -5.70
N HIS D 416 20.54 4.38 -4.83
CA HIS D 416 21.81 4.84 -4.26
C HIS D 416 22.33 3.78 -3.28
N ALA D 417 21.43 3.22 -2.48
CA ALA D 417 21.76 2.23 -1.45
C ALA D 417 22.47 1.01 -2.04
N ILE D 418 21.85 0.44 -3.05
CA ILE D 418 22.24 -0.86 -3.56
C ILE D 418 23.46 -0.76 -4.47
N ARG D 419 23.62 0.42 -5.06
CA ARG D 419 24.72 0.72 -5.97
C ARG D 419 26.01 1.07 -5.22
N TYR D 420 25.88 1.60 -4.02
CA TYR D 420 27.03 1.88 -3.17
C TYR D 420 27.84 0.58 -3.00
N PRO D 421 29.17 0.66 -3.08
CA PRO D 421 29.96 1.90 -3.21
C PRO D 421 30.45 2.22 -4.63
N HIS D 422 29.72 1.79 -5.64
CA HIS D 422 30.23 1.84 -7.01
C HIS D 422 29.83 3.14 -7.70
N ASN D 423 30.30 3.32 -8.94
CA ASN D 423 29.92 4.46 -9.81
C ASN D 423 30.17 5.85 -9.23
N GLY D 424 31.15 5.94 -8.35
CA GLY D 424 31.52 7.21 -7.76
C GLY D 424 30.73 7.60 -6.53
N LEU D 425 29.80 6.76 -6.06
CA LEU D 425 29.02 7.09 -4.86
C LEU D 425 29.91 6.89 -3.65
N THR D 426 30.31 8.02 -3.04
CA THR D 426 31.21 8.04 -1.87
C THR D 426 30.46 7.88 -0.55
N THR D 427 29.28 8.48 -0.44
CA THR D 427 28.46 8.41 0.76
C THR D 427 27.53 7.21 0.66
N GLU D 428 27.25 6.57 1.80
CA GLU D 428 26.33 5.41 1.86
C GLU D 428 24.90 5.78 1.44
N LEU D 429 24.49 7.00 1.79
CA LEU D 429 23.16 7.49 1.45
C LEU D 429 23.28 8.82 0.71
N PRO D 430 22.18 9.29 0.11
CA PRO D 430 22.17 10.61 -0.51
C PRO D 430 22.25 11.74 0.50
N THR D 431 22.86 12.83 0.09
CA THR D 431 23.11 13.97 0.97
C THR D 431 22.50 15.26 0.42
N ASP D 432 22.59 15.44 -0.89
CA ASP D 432 21.88 16.50 -1.58
C ASP D 432 20.44 16.08 -1.86
N LEU D 433 19.48 16.91 -1.47
CA LEU D 433 18.06 16.66 -1.80
C LEU D 433 17.80 16.61 -3.29
N GLY D 434 18.53 17.38 -4.09
CA GLY D 434 18.37 17.39 -5.56
C GLY D 434 18.65 16.07 -6.25
N GLU D 435 19.37 15.21 -5.56
CA GLU D 435 19.51 13.82 -5.92
C GLU D 435 18.17 13.10 -5.91
N LEU D 436 17.32 13.36 -4.92
CA LEU D 436 16.03 12.68 -4.72
C LEU D 436 14.76 13.41 -5.22
N LEU D 437 14.78 14.74 -5.25
CA LEU D 437 13.59 15.53 -5.57
C LEU D 437 13.84 16.37 -6.83
N LYS D 438 13.13 16.04 -7.90
CA LYS D 438 13.39 16.60 -9.25
C LYS D 438 12.40 17.68 -9.67
N SER D 439 12.70 18.44 -10.73
CA SER D 439 11.87 19.58 -11.13
C SER D 439 10.43 19.16 -11.30
N SER D 440 10.22 18.12 -12.10
CA SER D 440 8.91 17.52 -12.30
C SER D 440 8.13 17.31 -11.01
N ASP D 441 8.81 16.81 -9.99
CA ASP D 441 8.23 16.56 -8.68
C ASP D 441 7.95 17.87 -7.96
N LYS D 442 8.86 18.83 -8.06
CA LYS D 442 8.70 20.11 -7.38
C LYS D 442 7.55 20.91 -7.92
N VAL D 443 7.29 20.82 -9.22
CA VAL D 443 6.21 21.59 -9.84
C VAL D 443 4.84 21.14 -9.36
N MET D 444 4.56 19.86 -9.44
CA MET D 444 3.24 19.41 -9.07
C MET D 444 2.99 19.57 -7.59
N LEU D 445 4.02 19.52 -6.74
CA LEU D 445 3.82 19.83 -5.32
C LEU D 445 3.50 21.30 -5.11
N LYS D 446 4.21 22.16 -5.80
CA LYS D 446 3.94 23.57 -5.70
C LYS D 446 2.55 23.95 -6.18
N ARG D 447 2.05 23.29 -7.21
CA ARG D 447 0.70 23.56 -7.74
C ARG D 447 -0.37 23.21 -6.74
N ARG D 448 -0.14 22.12 -6.04
CA ARG D 448 -1.04 21.64 -5.00
C ARG D 448 -1.04 22.57 -3.83
N ILE D 449 0.12 23.17 -3.57
CA ILE D 449 0.27 24.12 -2.49
C ILE D 449 -0.56 25.36 -2.82
N LEU D 450 -0.38 25.90 -4.01
CA LEU D 450 -1.12 27.07 -4.47
C LEU D 450 -2.63 26.90 -4.44
N ALA D 451 -3.07 25.69 -4.68
CA ALA D 451 -4.49 25.38 -4.65
C ALA D 451 -5.08 25.50 -3.27
N LEU D 452 -4.26 25.33 -2.25
CA LEU D 452 -4.67 25.50 -0.87
C LEU D 452 -4.67 26.95 -0.43
N ARG D 453 -3.77 27.76 -0.99
CA ARG D 453 -3.74 29.21 -0.75
C ARG D 453 -5.15 29.75 -0.77
N ARG D 454 -5.53 30.53 0.24
CA ARG D 454 -6.90 31.07 0.28
C ARG D 454 -6.86 32.58 0.09
N PRO D 455 -7.96 33.19 -0.42
CA PRO D 455 -8.04 34.60 -0.80
C PRO D 455 -7.43 35.52 0.21
N GLU D 456 -6.98 36.69 -0.24
CA GLU D 456 -6.38 37.66 0.66
C GLU D 456 -7.36 38.03 1.79
N GLY D 457 -6.90 37.83 3.03
CA GLY D 457 -7.71 38.14 4.20
C GLY D 457 -8.91 37.25 4.51
N GLN D 458 -9.13 36.17 3.76
CA GLN D 458 -10.15 35.20 4.17
C GLN D 458 -9.61 34.46 5.38
N LEU D 459 -10.49 34.19 6.33
CA LEU D 459 -10.19 33.37 7.47
C LEU D 459 -10.87 31.99 7.39
N PRO D 460 -10.54 31.08 8.30
CA PRO D 460 -11.33 29.87 8.40
C PRO D 460 -12.73 30.14 8.90
N PRO D 461 -13.71 29.46 8.29
CA PRO D 461 -15.07 29.66 8.73
C PRO D 461 -15.31 29.16 10.12
N ILE D 462 -16.40 29.67 10.70
CA ILE D 462 -16.89 29.24 11.99
C ILE D 462 -18.13 28.34 11.86
N VAL D 463 -18.48 27.99 10.62
CA VAL D 463 -19.55 27.03 10.37
C VAL D 463 -19.20 26.16 9.14
N THR D 464 -19.50 24.89 9.24
CA THR D 464 -19.22 23.93 8.18
C THR D 464 -20.30 23.87 7.14
N HIS D 465 -21.52 24.30 7.51
CA HIS D 465 -22.72 24.26 6.69
C HIS D 465 -23.24 25.64 6.19
N ASN D 466 -24.16 25.60 5.21
CA ASN D 466 -24.98 26.78 4.88
C ASN D 466 -26.18 26.77 5.77
N MET D 467 -26.30 27.80 6.62
CA MET D 467 -27.47 27.91 7.48
C MET D 467 -28.65 28.39 6.67
N VAL D 468 -29.83 27.91 7.02
CA VAL D 468 -31.06 28.43 6.44
C VAL D 468 -31.22 29.89 6.90
N ASP D 469 -31.34 30.10 8.19
CA ASP D 469 -31.46 31.44 8.76
C ASP D 469 -30.23 31.75 9.61
N ASP D 470 -29.20 32.21 8.92
CA ASP D 470 -27.89 32.45 9.49
C ASP D 470 -27.92 33.64 10.43
N ALA D 471 -28.46 34.76 9.96
CA ALA D 471 -28.49 36.02 10.72
C ALA D 471 -29.23 35.90 12.04
N ASN D 472 -30.14 34.95 12.14
CA ASN D 472 -30.85 34.70 13.38
C ASN D 472 -30.42 33.44 14.16
N ASP D 473 -29.40 32.72 13.73
CA ASP D 473 -28.96 31.58 14.53
C ASP D 473 -28.31 32.06 15.85
N LEU D 474 -28.79 31.54 16.97
CA LEU D 474 -28.30 32.01 18.27
C LEU D 474 -26.81 31.73 18.52
N ILE D 475 -26.34 30.59 18.04
CA ILE D 475 -24.95 30.18 18.24
C ILE D 475 -24.11 31.14 17.41
N LEU D 476 -24.45 31.31 16.14
CA LEU D 476 -23.67 32.18 15.28
C LEU D 476 -23.71 33.65 15.66
N ASN D 477 -24.76 34.10 16.36
CA ASN D 477 -24.80 35.48 16.86
C ASN D 477 -23.81 35.59 17.98
N LYS D 478 -23.89 34.64 18.91
CA LYS D 478 -23.01 34.65 20.06
C LYS D 478 -21.56 34.63 19.64
N ILE D 479 -21.22 33.81 18.63
CA ILE D 479 -19.85 33.67 18.15
C ILE D 479 -19.40 34.96 17.49
N ARG D 480 -20.27 35.58 16.68
CA ARG D 480 -19.94 36.89 16.03
C ARG D 480 -19.70 38.00 17.04
N GLN D 481 -20.46 37.95 18.14
CA GLN D 481 -20.41 38.98 19.16
C GLN D 481 -19.16 38.92 20.03
N VAL D 482 -18.74 37.72 20.43
CA VAL D 482 -17.45 37.54 21.13
C VAL D 482 -16.26 37.54 20.18
N GLN D 483 -16.54 37.61 18.88
CA GLN D 483 -15.54 37.77 17.81
C GLN D 483 -14.47 36.68 17.71
N LEU D 484 -14.85 35.44 18.03
CA LEU D 484 -14.07 34.28 17.66
C LEU D 484 -14.25 33.95 16.15
N PHE D 485 -13.32 34.43 15.34
CA PHE D 485 -13.36 34.29 13.89
C PHE D 485 -12.16 33.50 13.33
N ASN D 486 -11.46 32.75 14.18
CA ASN D 486 -10.37 31.89 13.74
C ASN D 486 -9.27 32.63 13.03
N SER D 487 -9.02 33.88 13.42
CA SER D 487 -7.80 34.58 13.02
C SER D 487 -6.60 33.90 13.64
N PRO D 488 -5.43 33.99 13.00
CA PRO D 488 -4.27 33.18 13.42
C PRO D 488 -3.77 33.48 14.83
N SER D 489 -3.95 34.72 15.28
CA SER D 489 -3.65 35.13 16.66
C SER D 489 -4.55 34.51 17.71
N ASP D 490 -5.81 34.24 17.39
CA ASP D 490 -6.64 33.47 18.30
C ASP D 490 -6.07 32.08 18.60
N ARG D 491 -5.94 31.76 19.90
CA ARG D 491 -5.58 30.43 20.34
C ARG D 491 -6.78 29.53 20.56
N VAL D 492 -7.99 30.09 20.40
CA VAL D 492 -9.18 29.29 20.46
C VAL D 492 -9.89 29.51 19.16
N LYS D 493 -10.21 28.40 18.51
CA LYS D 493 -10.86 28.38 17.22
C LYS D 493 -12.29 27.84 17.39
N MET D 494 -13.24 28.36 16.62
CA MET D 494 -14.63 27.93 16.69
C MET D 494 -14.98 27.15 15.46
N ILE D 495 -15.65 26.01 15.65
CA ILE D 495 -16.28 25.27 14.55
C ILE D 495 -17.68 24.77 14.93
N PHE D 496 -18.70 25.42 14.34
CA PHE D 496 -20.10 25.08 14.54
C PHE D 496 -20.51 24.18 13.40
N HIS D 497 -20.96 22.98 13.75
CA HIS D 497 -21.27 21.90 12.81
C HIS D 497 -22.72 21.55 13.12
N PRO D 498 -23.67 22.27 12.50
CA PRO D 498 -25.05 22.23 12.87
C PRO D 498 -25.77 20.96 12.45
N GLU D 499 -25.31 19.80 12.90
CA GLU D 499 -25.80 18.52 12.40
C GLU D 499 -25.18 17.37 13.15
N PHE D 500 -25.97 16.42 13.62
CA PHE D 500 -25.38 15.29 14.33
C PHE D 500 -24.32 14.58 13.49
N LEU D 501 -23.29 14.09 14.16
CA LEU D 501 -22.17 13.46 13.47
C LEU D 501 -22.56 12.07 13.03
N ASN D 502 -21.97 11.69 11.91
CA ASN D 502 -22.32 10.46 11.25
C ASN D 502 -21.14 10.00 10.43
N ALA D 503 -20.95 8.69 10.32
CA ALA D 503 -19.86 8.11 9.51
C ALA D 503 -19.89 8.52 8.05
N ASN D 504 -21.08 8.70 7.47
CA ASN D 504 -21.23 8.98 6.04
C ASN D 504 -20.85 10.40 5.65
N ASN D 505 -21.03 11.35 6.58
CA ASN D 505 -20.45 12.72 6.52
C ASN D 505 -19.17 12.76 5.64
N PRO D 506 -19.18 13.51 4.54
CA PRO D 506 -18.01 13.55 3.66
C PRO D 506 -16.93 14.54 4.07
N ILE D 507 -17.08 15.30 5.16
CA ILE D 507 -15.96 16.11 5.68
C ILE D 507 -15.36 15.62 7.01
N LEU D 508 -16.15 14.94 7.82
CA LEU D 508 -15.70 14.52 9.12
C LEU D 508 -16.37 13.17 9.35
N GLY D 509 -15.80 12.17 8.71
CA GLY D 509 -16.42 10.85 8.62
C GLY D 509 -16.32 10.04 9.89
N LEU D 510 -17.01 10.50 10.92
CA LEU D 510 -17.00 9.84 12.22
C LEU D 510 -18.42 9.72 12.74
N ASP D 511 -18.77 8.54 13.24
CA ASP D 511 -19.94 8.44 14.08
C ASP D 511 -19.67 9.22 15.36
N TYR D 512 -20.72 9.64 16.05
CA TYR D 512 -20.54 10.51 17.21
C TYR D 512 -19.61 9.89 18.22
N ASP D 513 -19.81 8.60 18.54
CA ASP D 513 -18.94 7.93 19.50
C ASP D 513 -17.48 8.04 19.07
N GLU D 514 -17.15 7.76 17.82
CA GLU D 514 -15.76 7.82 17.34
C GLU D 514 -15.14 9.21 17.48
N PHE D 515 -15.92 10.25 17.18
CA PHE D 515 -15.50 11.66 17.37
C PHE D 515 -15.21 11.99 18.83
N VAL D 516 -16.13 11.60 19.72
CA VAL D 516 -15.94 11.85 21.16
C VAL D 516 -14.56 11.36 21.61
N ARG D 517 -14.29 10.11 21.32
CA ARG D 517 -13.07 9.45 21.71
C ARG D 517 -11.82 10.23 21.31
N GLY D 518 -11.86 10.79 20.11
CA GLY D 518 -10.70 11.46 19.55
C GLY D 518 -10.51 12.84 20.13
N CYS D 519 -11.59 13.39 20.67
CA CYS D 519 -11.52 14.66 21.39
C CYS D 519 -10.87 14.53 22.78
N HIS D 520 -10.46 15.67 23.33
CA HIS D 520 -9.77 15.73 24.61
C HIS D 520 -10.64 16.16 25.76
N LEU D 521 -11.65 16.97 25.49
CA LEU D 521 -12.48 17.50 26.58
C LEU D 521 -13.90 17.88 26.16
N GLY D 522 -14.86 17.12 26.69
CA GLY D 522 -16.26 17.48 26.56
C GLY D 522 -16.58 18.57 27.55
N VAL D 523 -17.53 19.42 27.19
CA VAL D 523 -17.90 20.61 27.97
C VAL D 523 -19.40 20.80 27.84
N PHE D 524 -20.12 20.52 28.90
CA PHE D 524 -21.56 20.45 28.86
C PHE D 524 -22.06 21.22 30.05
N PRO D 525 -21.92 22.55 29.98
CA PRO D 525 -22.26 23.38 31.10
C PRO D 525 -23.77 23.65 31.22
N SER D 526 -24.55 22.61 31.50
CA SER D 526 -26.01 22.69 31.36
C SER D 526 -26.70 23.45 32.50
N TYR D 527 -27.94 23.85 32.26
CA TYR D 527 -28.75 24.61 33.21
C TYR D 527 -29.98 23.82 33.61
N TYR D 528 -30.80 23.41 32.65
CA TYR D 528 -31.82 22.39 32.93
C TYR D 528 -31.47 21.06 32.27
N GLU D 529 -31.14 20.06 33.06
CA GLU D 529 -30.68 18.77 32.54
C GLU D 529 -30.87 17.73 33.63
N PRO D 530 -32.08 17.15 33.71
CA PRO D 530 -32.39 16.13 34.72
C PRO D 530 -31.41 14.96 34.83
N TRP D 531 -30.73 14.62 33.74
CA TRP D 531 -29.61 13.66 33.81
C TRP D 531 -28.43 14.06 32.91
N GLY D 532 -28.58 13.94 31.61
CA GLY D 532 -27.51 14.33 30.70
C GLY D 532 -26.61 13.14 30.45
N TYR D 533 -26.87 12.47 29.33
CA TYR D 533 -26.16 11.25 28.97
C TYR D 533 -24.92 11.67 28.24
N THR D 534 -24.97 12.87 27.67
CA THR D 534 -23.85 13.48 26.98
C THR D 534 -22.56 13.35 27.81
N PRO D 535 -22.51 13.92 29.04
CA PRO D 535 -21.31 13.81 29.83
C PRO D 535 -21.06 12.43 30.40
N ALA D 536 -22.10 11.64 30.57
CA ALA D 536 -21.92 10.27 31.06
C ALA D 536 -21.29 9.34 30.00
N GLU D 537 -21.83 9.37 28.78
CA GLU D 537 -21.24 8.71 27.61
C GLU D 537 -19.78 9.09 27.51
N CYS D 538 -19.54 10.39 27.64
CA CYS D 538 -18.22 10.98 27.46
C CYS D 538 -17.23 10.40 28.43
N THR D 539 -17.68 10.22 29.66
CA THR D 539 -16.87 9.69 30.73
C THR D 539 -16.60 8.20 30.50
N VAL D 540 -17.63 7.45 30.10
CA VAL D 540 -17.49 6.03 29.69
C VAL D 540 -16.34 5.76 28.70
N MET D 541 -16.13 6.67 27.76
CA MET D 541 -15.09 6.53 26.75
C MET D 541 -13.78 7.23 27.10
N GLY D 542 -13.57 7.41 28.40
CA GLY D 542 -12.32 7.91 28.90
C GLY D 542 -12.03 9.38 28.64
N VAL D 543 -13.07 10.14 28.33
CA VAL D 543 -12.89 11.53 28.03
C VAL D 543 -13.39 12.39 29.18
N PRO D 544 -12.54 13.29 29.67
CA PRO D 544 -12.97 14.23 30.67
C PRO D 544 -14.11 15.09 30.18
N SER D 545 -15.03 15.40 31.07
CA SER D 545 -16.11 16.34 30.78
C SER D 545 -16.07 17.48 31.80
N ILE D 546 -16.70 18.58 31.44
CA ILE D 546 -17.08 19.60 32.40
C ILE D 546 -18.59 19.62 32.43
N THR D 547 -19.22 19.23 33.53
CA THR D 547 -20.69 19.38 33.65
C THR D 547 -21.02 20.42 34.70
N THR D 548 -22.26 20.44 35.22
CA THR D 548 -22.64 21.36 36.30
C THR D 548 -23.40 20.65 37.39
N ASN D 549 -23.41 21.27 38.56
CA ASN D 549 -24.12 20.76 39.76
C ASN D 549 -25.65 20.81 39.69
N VAL D 550 -26.19 21.54 38.71
CA VAL D 550 -27.62 21.50 38.40
C VAL D 550 -28.01 20.47 37.32
N SER D 551 -27.03 19.79 36.72
CA SER D 551 -27.31 18.61 35.89
C SER D 551 -27.44 17.39 36.79
N GLY D 552 -28.27 16.43 36.39
CA GLY D 552 -28.44 15.22 37.16
C GLY D 552 -27.17 14.39 37.30
N PHE D 553 -26.39 14.31 36.22
CA PHE D 553 -25.11 13.60 36.22
C PHE D 553 -24.11 14.34 37.08
N GLY D 554 -24.14 15.67 37.06
CA GLY D 554 -23.26 16.44 37.94
C GLY D 554 -23.55 16.36 39.43
N SER D 555 -24.83 16.30 39.77
CA SER D 555 -25.27 16.07 41.14
C SER D 555 -24.73 14.73 41.63
N TYR D 556 -24.97 13.70 40.84
CA TYR D 556 -24.62 12.33 41.18
C TYR D 556 -23.12 12.07 41.37
N MET D 557 -22.28 12.76 40.60
CA MET D 557 -20.83 12.68 40.77
C MET D 557 -20.34 13.56 41.93
N GLU D 558 -20.94 14.73 42.15
CA GLU D 558 -20.50 15.58 43.27
C GLU D 558 -20.83 14.94 44.62
N ASP D 559 -21.84 14.06 44.64
CA ASP D 559 -22.13 13.23 45.82
C ASP D 559 -21.12 12.10 45.96
N LEU D 560 -20.85 11.37 44.89
CA LEU D 560 -19.92 10.24 44.96
C LEU D 560 -18.46 10.60 45.15
N ILE D 561 -18.05 11.80 44.74
CA ILE D 561 -16.62 12.14 44.78
C ILE D 561 -16.49 13.56 45.27
N GLU D 562 -15.46 13.81 46.07
CA GLU D 562 -15.13 15.16 46.55
C GLU D 562 -14.72 16.04 45.34
N THR D 563 -15.25 17.25 45.25
CA THR D 563 -15.25 18.02 43.99
C THR D 563 -13.88 18.43 43.42
N ASN D 564 -12.91 18.68 44.30
CA ASN D 564 -11.53 18.95 43.88
C ASN D 564 -10.80 17.66 43.45
N GLN D 565 -11.11 16.54 44.09
CA GLN D 565 -10.56 15.24 43.69
C GLN D 565 -11.10 14.79 42.34
N ALA D 566 -12.41 14.97 42.12
CA ALA D 566 -13.11 14.62 40.86
C ALA D 566 -12.48 15.22 39.61
N LYS D 567 -11.81 16.36 39.73
CA LYS D 567 -11.01 16.91 38.64
C LYS D 567 -9.91 15.96 38.17
N ASP D 568 -9.32 15.20 39.08
CA ASP D 568 -8.26 14.25 38.71
C ASP D 568 -8.83 13.06 37.99
N TYR D 569 -10.12 12.73 38.23
CA TYR D 569 -10.81 11.64 37.53
C TYR D 569 -11.62 12.08 36.28
N GLY D 570 -11.41 13.33 35.84
CA GLY D 570 -12.03 13.87 34.62
C GLY D 570 -13.46 14.36 34.74
N ILE D 571 -13.87 14.80 35.92
CA ILE D 571 -15.19 15.34 36.17
C ILE D 571 -15.05 16.74 36.77
N TYR D 572 -15.16 17.74 35.91
CA TYR D 572 -15.09 19.12 36.33
C TYR D 572 -16.53 19.59 36.50
N ILE D 573 -16.91 20.04 37.70
CA ILE D 573 -18.31 20.45 37.97
C ILE D 573 -18.42 21.93 38.29
N VAL D 574 -19.09 22.67 37.39
CA VAL D 574 -19.24 24.11 37.53
C VAL D 574 -20.50 24.35 38.36
N ASP D 575 -20.36 25.29 39.28
CA ASP D 575 -21.41 25.71 40.20
C ASP D 575 -22.33 26.69 39.51
N ARG D 576 -23.51 26.23 39.10
CA ARG D 576 -24.54 27.13 38.52
C ARG D 576 -25.71 27.35 39.48
N ARG D 577 -25.54 26.97 40.74
CA ARG D 577 -26.58 27.07 41.74
C ARG D 577 -26.27 28.18 42.76
N PHE D 578 -25.13 28.09 43.44
CA PHE D 578 -24.71 29.06 44.47
C PHE D 578 -23.64 29.99 43.92
N LYS D 579 -23.81 30.44 42.69
CA LYS D 579 -22.88 31.38 42.10
C LYS D 579 -23.59 32.25 41.08
N ALA D 580 -23.09 33.48 40.94
CA ALA D 580 -23.60 34.40 39.94
C ALA D 580 -23.30 33.85 38.55
N PRO D 581 -24.15 34.21 37.58
CA PRO D 581 -23.86 33.72 36.26
C PRO D 581 -22.45 34.05 35.81
N ASP D 582 -21.96 35.26 36.08
CA ASP D 582 -20.63 35.61 35.63
C ASP D 582 -19.50 34.86 36.37
N GLU D 583 -19.74 34.44 37.60
CA GLU D 583 -18.75 33.65 38.35
C GLU D 583 -18.71 32.22 37.84
N SER D 584 -19.88 31.60 37.65
CA SER D 584 -19.96 30.34 36.89
C SER D 584 -19.11 30.35 35.61
N VAL D 585 -19.22 31.41 34.81
CA VAL D 585 -18.46 31.52 33.56
C VAL D 585 -16.98 31.48 33.84
N GLU D 586 -16.57 32.30 34.79
CA GLU D 586 -15.16 32.37 35.20
C GLU D 586 -14.59 31.05 35.79
N GLN D 587 -15.44 30.26 36.44
CA GLN D 587 -15.09 28.92 36.86
C GLN D 587 -14.93 27.98 35.66
N LEU D 588 -15.87 28.04 34.72
CA LEU D 588 -15.74 27.28 33.50
C LEU D 588 -14.44 27.67 32.76
N VAL D 589 -14.10 28.96 32.69
CA VAL D 589 -12.83 29.35 32.06
C VAL D 589 -11.68 28.77 32.83
N ASP D 590 -11.72 28.94 34.16
CA ASP D 590 -10.70 28.40 35.07
C ASP D 590 -10.40 26.94 34.84
N TYR D 591 -11.44 26.12 34.75
CA TYR D 591 -11.28 24.70 34.45
C TYR D 591 -10.67 24.35 33.08
N MET D 592 -11.04 25.07 32.04
CA MET D 592 -10.45 24.82 30.73
C MET D 592 -8.98 25.18 30.80
N GLU D 593 -8.67 26.38 31.30
CA GLU D 593 -7.29 26.84 31.39
C GLU D 593 -6.47 25.81 32.12
N GLU D 594 -7.07 25.23 33.14
CA GLU D 594 -6.42 24.20 33.91
C GLU D 594 -6.05 23.03 33.00
N PHE D 595 -7.06 22.52 32.31
CA PHE D 595 -6.90 21.38 31.42
C PHE D 595 -5.91 21.60 30.27
N VAL D 596 -5.92 22.81 29.71
CA VAL D 596 -4.99 23.16 28.61
C VAL D 596 -3.54 23.02 29.07
N LYS D 597 -3.28 23.53 30.27
CA LYS D 597 -1.93 23.54 30.86
C LYS D 597 -1.24 22.18 30.99
N LYS D 598 -2.05 21.13 31.18
CA LYS D 598 -1.57 19.76 31.29
C LYS D 598 -0.60 19.37 30.18
N THR D 599 0.34 18.51 30.57
CA THR D 599 1.24 17.85 29.64
C THR D 599 0.54 16.64 29.05
N ARG D 600 1.16 15.99 28.06
CA ARG D 600 0.59 14.77 27.48
C ARG D 600 0.51 13.58 28.45
N ARG D 601 1.57 13.28 29.20
CA ARG D 601 1.49 12.25 30.27
C ARG D 601 0.27 12.43 31.18
N GLN D 602 0.12 13.68 31.65
CA GLN D 602 -0.94 14.07 32.55
C GLN D 602 -2.33 13.83 31.97
N ARG D 603 -2.51 14.19 30.69
CA ARG D 603 -3.79 13.96 29.95
C ARG D 603 -4.12 12.47 29.76
N ILE D 604 -3.08 11.70 29.43
CA ILE D 604 -3.16 10.26 29.22
C ILE D 604 -3.62 9.55 30.51
N ASN D 605 -2.99 9.88 31.63
CA ASN D 605 -3.38 9.29 32.91
C ASN D 605 -4.75 9.75 33.34
N GLN D 606 -4.99 11.06 33.33
CA GLN D 606 -6.30 11.57 33.67
C GLN D 606 -7.35 10.79 32.91
N ARG D 607 -7.09 10.56 31.62
CA ARG D 607 -7.97 9.72 30.77
C ARG D 607 -8.13 8.31 31.34
N ASN D 608 -7.02 7.67 31.73
CA ASN D 608 -7.07 6.37 32.41
C ASN D 608 -7.93 6.40 33.69
N ARG D 609 -7.84 7.46 34.47
CA ARG D 609 -8.64 7.61 35.71
C ARG D 609 -10.11 7.72 35.38
N THR D 610 -10.41 8.51 34.35
CA THR D 610 -11.76 8.67 33.87
C THR D 610 -12.36 7.37 33.39
N GLU D 611 -11.58 6.56 32.68
CA GLU D 611 -12.06 5.29 32.17
C GLU D 611 -12.33 4.32 33.30
N ARG D 612 -11.46 4.29 34.32
CA ARG D 612 -11.69 3.48 35.53
C ARG D 612 -13.02 3.86 36.20
N LEU D 613 -13.36 5.14 36.20
CA LEU D 613 -14.67 5.62 36.67
C LEU D 613 -15.92 5.02 36.00
N SER D 614 -15.80 4.58 34.75
CA SER D 614 -16.96 4.13 33.96
C SER D 614 -17.81 3.04 34.63
N ASP D 615 -17.19 2.16 35.40
CA ASP D 615 -17.95 1.09 36.11
C ASP D 615 -19.05 1.61 37.04
N LEU D 616 -18.83 2.79 37.62
CA LEU D 616 -19.85 3.42 38.46
C LEU D 616 -21.10 3.81 37.69
N LEU D 617 -20.96 3.97 36.36
CA LEU D 617 -22.06 4.30 35.47
C LEU D 617 -22.57 3.10 34.69
N ASP D 618 -22.03 1.90 34.93
CA ASP D 618 -22.47 0.70 34.22
C ASP D 618 -23.71 0.19 34.94
N TRP D 619 -24.60 -0.48 34.22
CA TRP D 619 -25.76 -1.11 34.85
C TRP D 619 -25.39 -2.23 35.84
N LYS D 620 -24.18 -2.77 35.74
CA LYS D 620 -23.60 -3.65 36.78
C LYS D 620 -23.34 -2.96 38.13
N ARG D 621 -23.49 -1.64 38.21
CA ARG D 621 -23.61 -0.96 39.50
C ARG D 621 -24.90 -0.13 39.64
N MET D 622 -25.27 0.63 38.62
CA MET D 622 -26.46 1.49 38.70
C MET D 622 -27.76 0.67 38.69
N GLY D 623 -27.66 -0.60 38.29
CA GLY D 623 -28.77 -1.55 38.36
C GLY D 623 -29.01 -2.15 39.73
N LEU D 624 -28.03 -1.98 40.65
CA LEU D 624 -28.21 -2.31 42.07
C LEU D 624 -29.17 -1.34 42.74
N GLU D 625 -29.17 -0.07 42.32
CA GLU D 625 -30.12 0.93 42.84
C GLU D 625 -31.56 0.68 42.38
N TYR D 626 -31.75 0.08 41.21
CA TYR D 626 -33.07 -0.38 40.77
C TYR D 626 -33.59 -1.54 41.64
N VAL D 627 -32.70 -2.37 42.18
CA VAL D 627 -33.09 -3.43 43.13
C VAL D 627 -33.46 -2.83 44.50
N LYS D 628 -32.67 -1.88 44.99
CA LYS D 628 -32.99 -1.16 46.24
C LYS D 628 -34.41 -0.56 46.22
N ALA D 629 -34.80 0.00 45.09
CA ALA D 629 -36.16 0.53 44.93
C ALA D 629 -37.15 -0.62 45.04
N ARG D 630 -36.85 -1.74 44.39
CA ARG D 630 -37.71 -2.93 44.43
C ARG D 630 -37.75 -3.67 45.79
N GLN D 631 -36.66 -3.61 46.55
CA GLN D 631 -36.63 -4.16 47.92
C GLN D 631 -37.43 -3.28 48.91
N LEU D 632 -37.44 -1.96 48.69
CA LEU D 632 -38.24 -1.04 49.49
C LEU D 632 -39.73 -1.12 49.13
N ALA D 633 -40.06 -1.45 47.88
CA ALA D 633 -41.46 -1.62 47.47
C ALA D 633 -42.12 -2.82 48.14
N LEU D 634 -41.37 -3.92 48.30
CA LEU D 634 -41.83 -5.14 48.99
C LEU D 634 -41.85 -5.02 50.53
N ARG D 635 -41.00 -4.14 51.09
CA ARG D 635 -40.93 -3.87 52.54
C ARG D 635 -42.17 -3.14 53.07
N ARG D 636 -42.56 -2.05 52.40
CA ARG D 636 -43.75 -1.29 52.77
C ARG D 636 -45.04 -2.04 52.41
N GLY D 637 -45.01 -2.80 51.32
CA GLY D 637 -46.18 -3.55 50.85
C GLY D 637 -46.59 -4.77 51.65
N TYR D 638 -45.63 -5.48 52.22
CA TYR D 638 -45.89 -6.67 53.06
C TYR D 638 -45.01 -6.70 54.35
N PRO D 639 -45.09 -5.64 55.22
CA PRO D 639 -44.14 -5.44 56.35
C PRO D 639 -43.88 -6.66 57.25
N ASP D 640 -44.92 -7.47 57.48
CA ASP D 640 -44.81 -8.68 58.31
C ASP D 640 -44.10 -9.83 57.57
N GLN D 641 -44.42 -10.03 56.29
CA GLN D 641 -43.82 -11.10 55.48
C GLN D 641 -42.31 -10.93 55.27
N PHE D 642 -41.87 -9.68 55.06
CA PHE D 642 -40.43 -9.36 54.84
C PHE D 642 -39.64 -9.44 56.15
N ARG D 643 -40.23 -8.97 57.24
CA ARG D 643 -39.63 -9.12 58.57
C ARG D 643 -39.26 -10.58 58.84
N GLU D 644 -40.23 -11.47 58.66
CA GLU D 644 -40.04 -12.91 58.92
C GLU D 644 -39.12 -13.62 57.93
N LEU D 645 -39.14 -13.19 56.66
CA LEU D 645 -38.22 -13.75 55.63
C LEU D 645 -36.76 -13.28 55.77
N VAL D 646 -36.50 -12.20 56.52
CA VAL D 646 -35.12 -11.68 56.74
C VAL D 646 -34.66 -11.84 58.19
N GLY D 647 -35.45 -11.33 59.14
CA GLY D 647 -35.11 -11.44 60.56
C GLY D 647 -35.87 -10.43 61.40
N GLU D 648 -35.26 -9.25 61.59
CA GLU D 648 -35.94 -8.10 62.20
C GLU D 648 -36.51 -7.22 61.08
N GLU D 649 -37.10 -6.08 61.44
CA GLU D 649 -37.58 -5.08 60.46
C GLU D 649 -36.58 -3.92 60.39
N LEU D 650 -35.97 -3.73 59.21
CA LEU D 650 -35.04 -2.62 58.99
C LEU D 650 -35.81 -1.34 58.70
N ASN D 651 -35.09 -0.22 58.74
CA ASN D 651 -35.68 1.12 58.60
C ASN D 651 -36.47 1.25 57.30
N ASP D 652 -37.59 1.97 57.40
CA ASP D 652 -38.63 1.97 56.38
C ASP D 652 -38.57 3.18 55.42
N SER D 653 -37.92 4.28 55.83
CA SER D 653 -38.05 5.59 55.14
C SER D 653 -37.33 5.71 53.78
N ASN D 654 -36.11 5.21 53.66
CA ASN D 654 -35.34 5.32 52.41
C ASN D 654 -35.01 3.97 51.80
N MET D 655 -34.56 4.03 50.54
CA MET D 655 -33.89 2.90 49.88
C MET D 655 -32.55 2.62 50.53
N ASP D 656 -31.82 3.68 50.85
CA ASP D 656 -30.49 3.59 51.49
C ASP D 656 -30.53 3.05 52.93
N ALA D 657 -31.65 3.26 53.62
CA ALA D 657 -31.82 2.79 55.01
C ALA D 657 -32.19 1.30 55.13
N LEU D 658 -32.22 0.57 54.02
CA LEU D 658 -32.77 -0.79 53.95
C LEU D 658 -31.72 -1.84 53.51
N ALA D 659 -32.08 -3.12 53.74
CA ALA D 659 -31.43 -4.27 53.10
C ALA D 659 -32.20 -4.61 51.83
#